data_5JK0
#
_entry.id   5JK0
#
_cell.length_a   79.280
_cell.length_b   153.200
_cell.length_c   169.390
_cell.angle_alpha   90.00
_cell.angle_beta   90.00
_cell.angle_gamma   90.00
#
_symmetry.space_group_name_H-M   'P 21 21 21'
#
loop_
_entity.id
_entity.type
_entity.pdbx_description
1 polymer 'Tyrosine recombinase XerH'
2 polymer 'DNA (30-MER)'
3 polymer 'DNA (30-MER)'
4 non-polymer GLYCEROL
5 non-polymer 1,2-ETHANEDIOL
6 non-polymer 'CHLORIDE ION'
7 non-polymer DI(HYDROXYETHYL)ETHER
8 water water
#
loop_
_entity_poly.entity_id
_entity_poly.type
_entity_poly.pdbx_seq_one_letter_code
_entity_poly.pdbx_strand_id
1 'polypeptide(L)'
;SMKHPLEELKDPTENLLLWIGRFLRYKCTSLSNSQVKDQNKVFECLNELNQACSSSQLEKVCKKARNAGLLGINTYALPL
LKFHEYFSKARLITERLAFNSLKNIDEVMLAEFLSVYTGGLSLATKKNYRIALLGLFSYIDKQNQDENEKSYIYNITLKN
ISGVNQSAGNKLPTHLNNEELEKFLESIDKIEMSAKVRARNRLLIKIIVFTGMRSNEALQLKIKDFTLENGCYTILIKGK
GDKYRAVMLKAFHIESLLKEWLIERELYPVKNDLLFCNQKGSALTQAYLYKQVERIINFAGLRREKNGAHMLRHSFATLL
YQKRHDLILVQEALGHASLNTSRIYTHFDKQRLEEAASIWEEN
;
A,B,C,D
2 'polydeoxyribonucleotide'
;(DG)(DA)(DG)(DT)(DT)(DA)(DT)(DG)(DA)(DA)(DA)(DA)(DC)(DT)(DG)(DC)(DA)(DC)(DT)(DT)
(DT)(DT)(DC)(DA)(DA)(DA)(DC)(DT)(DT)(DT)
;
E,G
3 'polydeoxyribonucleotide'
;(DA)(DA)(DA)(DG)(DT)(DT)(DT)(DG)(DA)(DA)(DA)(DA)(DG)(DT)(DG)(DC)(DA)(DG)(DT)(DT)
(DT)(DT)(DC)(DA)(DT)(DA)(DA)(DC)(DT)(DA)
;
F,H
#
loop_
_chem_comp.id
_chem_comp.type
_chem_comp.name
_chem_comp.formula
CL non-polymer 'CHLORIDE ION' 'Cl -1'
DA DNA linking 2'-DEOXYADENOSINE-5'-MONOPHOSPHATE 'C10 H14 N5 O6 P'
DC DNA linking 2'-DEOXYCYTIDINE-5'-MONOPHOSPHATE 'C9 H14 N3 O7 P'
DG DNA linking 2'-DEOXYGUANOSINE-5'-MONOPHOSPHATE 'C10 H14 N5 O7 P'
DT DNA linking THYMIDINE-5'-MONOPHOSPHATE 'C10 H15 N2 O8 P'
EDO non-polymer 1,2-ETHANEDIOL 'C2 H6 O2'
GOL non-polymer GLYCEROL 'C3 H8 O3'
PEG non-polymer DI(HYDROXYETHYL)ETHER 'C4 H10 O3'
#
# COMPACT_ATOMS: atom_id res chain seq x y z
N MET A 2 20.04 22.85 -1.61
CA MET A 2 20.34 23.76 -0.51
C MET A 2 19.17 24.67 -0.21
N LYS A 3 19.21 25.33 0.95
CA LYS A 3 18.19 26.30 1.31
C LYS A 3 18.73 27.71 1.20
N HIS A 4 17.84 28.69 1.07
CA HIS A 4 18.24 30.08 0.89
C HIS A 4 17.55 30.99 1.89
N PRO A 5 18.22 32.07 2.31
CA PRO A 5 17.57 33.08 3.15
C PRO A 5 16.38 33.70 2.43
N LEU A 6 15.35 34.08 3.18
CA LEU A 6 14.13 34.65 2.58
C LEU A 6 14.44 35.88 1.72
N GLU A 7 15.27 36.76 2.26
CA GLU A 7 15.61 38.00 1.58
C GLU A 7 17.11 38.09 1.30
N GLU A 8 17.48 37.92 0.03
CA GLU A 8 18.87 37.97 -0.38
C GLU A 8 19.18 39.24 -1.17
N LEU A 9 18.15 39.78 -1.84
CA LEU A 9 18.33 40.95 -2.69
C LEU A 9 17.75 42.20 -2.02
N LYS A 10 18.20 43.37 -2.48
CA LYS A 10 17.71 44.64 -1.95
C LYS A 10 16.30 44.93 -2.45
N ASP A 11 16.02 44.54 -3.68
CA ASP A 11 14.71 44.77 -4.29
C ASP A 11 13.76 43.63 -3.96
N PRO A 12 12.70 43.92 -3.21
CA PRO A 12 11.69 42.93 -2.80
C PRO A 12 11.01 42.25 -3.98
N THR A 13 10.76 42.99 -5.05
CA THR A 13 10.08 42.46 -6.22
C THR A 13 10.93 41.43 -6.95
N GLU A 14 12.24 41.66 -6.98
CA GLU A 14 13.17 40.72 -7.60
C GLU A 14 13.35 39.48 -6.72
N ASN A 15 13.23 39.67 -5.40
CA ASN A 15 13.36 38.56 -4.47
C ASN A 15 12.13 37.66 -4.53
N LEU A 16 10.96 38.26 -4.75
CA LEU A 16 9.73 37.52 -4.93
C LEU A 16 9.81 36.68 -6.21
N LEU A 17 10.32 37.31 -7.27
CA LEU A 17 10.50 36.63 -8.55
C LEU A 17 11.45 35.45 -8.42
N LEU A 18 12.45 35.60 -7.57
CA LEU A 18 13.45 34.57 -7.34
C LEU A 18 12.82 33.31 -6.72
N TRP A 19 11.93 33.49 -5.74
CA TRP A 19 11.26 32.37 -5.10
C TRP A 19 10.25 31.71 -6.02
N ILE A 20 9.59 32.51 -6.85
CA ILE A 20 8.62 31.98 -7.81
C ILE A 20 9.32 31.10 -8.84
N GLY A 21 10.51 31.53 -9.27
CA GLY A 21 11.30 30.77 -10.21
C GLY A 21 11.74 29.43 -9.63
N ARG A 22 12.12 29.44 -8.36
CA ARG A 22 12.55 28.23 -7.66
C ARG A 22 11.39 27.25 -7.53
N PHE A 23 10.22 27.78 -7.24
CA PHE A 23 9.02 26.96 -7.06
C PHE A 23 8.59 26.30 -8.36
N LEU A 24 8.50 27.09 -9.42
CA LEU A 24 8.07 26.58 -10.72
C LEU A 24 9.08 25.56 -11.27
N ARG A 25 10.34 25.75 -10.97
CA ARG A 25 11.38 24.81 -11.39
C ARG A 25 11.23 23.49 -10.66
N TYR A 26 10.90 23.56 -9.38
CA TYR A 26 10.66 22.37 -8.57
C TYR A 26 9.48 21.56 -9.11
N LYS A 27 8.42 22.26 -9.49
CA LYS A 27 7.22 21.61 -10.02
C LYS A 27 7.51 20.91 -11.34
N CYS A 28 8.44 21.46 -12.12
CA CYS A 28 8.82 20.83 -13.39
C CYS A 28 9.49 19.49 -13.17
N THR A 29 10.03 19.27 -11.96
CA THR A 29 10.73 18.04 -11.65
C THR A 29 9.88 17.07 -10.82
N SER A 30 8.70 17.53 -10.40
CA SER A 30 7.85 16.73 -9.52
C SER A 30 6.52 16.36 -10.18
N LEU A 31 6.03 17.20 -11.08
CA LEU A 31 4.80 16.91 -11.80
C LEU A 31 5.03 15.82 -12.85
N SER A 32 3.94 15.22 -13.33
CA SER A 32 4.02 14.09 -14.26
C SER A 32 4.75 14.43 -15.56
N ASN A 33 5.64 13.53 -15.99
CA ASN A 33 6.38 13.71 -17.23
C ASN A 33 5.97 12.68 -18.29
N SER A 34 4.81 12.07 -18.09
CA SER A 34 4.35 10.97 -18.93
C SER A 34 4.10 11.38 -20.38
N GLN A 35 3.78 12.66 -20.60
CA GLN A 35 3.46 13.13 -21.95
C GLN A 35 4.56 14.02 -22.53
N VAL A 36 5.74 13.99 -21.93
CA VAL A 36 6.88 14.74 -22.44
C VAL A 36 7.34 14.16 -23.78
N LYS A 37 7.37 15.01 -24.81
CA LYS A 37 7.74 14.57 -26.14
C LYS A 37 9.23 14.76 -26.40
N ASP A 38 9.81 15.78 -25.75
CA ASP A 38 11.22 16.09 -25.91
C ASP A 38 11.88 16.24 -24.55
N GLN A 39 12.65 15.21 -24.14
CA GLN A 39 13.34 15.23 -22.86
C GLN A 39 14.34 16.37 -22.78
N ASN A 40 14.98 16.68 -23.90
CA ASN A 40 16.02 17.69 -23.95
C ASN A 40 15.49 19.09 -23.71
N LYS A 41 14.26 19.36 -24.16
CA LYS A 41 13.64 20.66 -23.94
C LYS A 41 13.33 20.88 -22.46
N VAL A 42 12.95 19.81 -21.77
CA VAL A 42 12.66 19.89 -20.35
C VAL A 42 13.92 20.19 -19.55
N PHE A 43 15.02 19.52 -19.92
CA PHE A 43 16.31 19.75 -19.29
C PHE A 43 16.74 21.20 -19.45
N GLU A 44 16.57 21.74 -20.65
CA GLU A 44 16.91 23.13 -20.93
C GLU A 44 16.07 24.08 -20.09
N CYS A 45 14.79 23.73 -19.90
CA CYS A 45 13.88 24.56 -19.13
C CYS A 45 14.31 24.72 -17.68
N LEU A 46 14.78 23.63 -17.08
CA LEU A 46 15.23 23.65 -15.69
C LEU A 46 16.35 24.67 -15.49
N ASN A 47 17.31 24.66 -16.41
CA ASN A 47 18.44 25.56 -16.35
C ASN A 47 18.03 27.01 -16.65
N GLU A 48 17.17 27.17 -17.66
CA GLU A 48 16.72 28.50 -18.08
C GLU A 48 15.83 29.16 -17.03
N LEU A 49 15.14 28.36 -16.23
CA LEU A 49 14.33 28.88 -15.14
C LEU A 49 15.23 29.44 -14.04
N ASN A 50 16.37 28.80 -13.83
CA ASN A 50 17.32 29.21 -12.80
C ASN A 50 18.14 30.41 -13.24
N GLN A 51 18.21 30.62 -14.54
CA GLN A 51 18.98 31.72 -15.11
C GLN A 51 18.08 32.93 -15.42
N ALA A 52 16.80 32.79 -15.11
CA ALA A 52 15.81 33.82 -15.43
C ALA A 52 15.92 35.03 -14.49
N CYS A 53 15.78 36.22 -15.05
CA CYS A 53 15.90 37.45 -14.26
C CYS A 53 14.68 38.35 -14.37
N SER A 54 13.68 37.92 -15.14
CA SER A 54 12.48 38.73 -15.33
C SER A 54 11.22 37.87 -15.38
N SER A 55 10.08 38.53 -15.26
CA SER A 55 8.79 37.85 -15.30
C SER A 55 8.51 37.30 -16.69
N SER A 56 8.81 38.09 -17.71
CA SER A 56 8.60 37.68 -19.10
C SER A 56 9.41 36.44 -19.45
N GLN A 57 10.60 36.32 -18.86
CA GLN A 57 11.46 35.18 -19.11
C GLN A 57 10.91 33.92 -18.46
N LEU A 58 10.41 34.06 -17.23
CA LEU A 58 9.78 32.95 -16.52
C LEU A 58 8.56 32.44 -17.30
N GLU A 59 7.82 33.38 -17.86
CA GLU A 59 6.62 33.04 -18.64
C GLU A 59 6.98 32.25 -19.89
N LYS A 60 8.05 32.65 -20.56
CA LYS A 60 8.46 32.02 -21.81
C LYS A 60 8.93 30.60 -21.60
N VAL A 61 9.73 30.39 -20.55
CA VAL A 61 10.28 29.06 -20.27
C VAL A 61 9.21 28.08 -19.82
N CYS A 62 8.25 28.55 -19.03
CA CYS A 62 7.16 27.70 -18.56
C CYS A 62 6.25 27.30 -19.72
N LYS A 63 6.05 28.21 -20.66
CA LYS A 63 5.30 27.90 -21.87
C LYS A 63 6.05 26.84 -22.68
N LYS A 64 7.37 27.01 -22.78
CA LYS A 64 8.23 26.05 -23.45
C LYS A 64 8.09 24.66 -22.82
N ALA A 65 8.04 24.64 -21.49
CA ALA A 65 7.89 23.40 -20.76
C ALA A 65 6.54 22.74 -21.03
N ARG A 66 5.48 23.55 -21.01
CA ARG A 66 4.13 23.05 -21.26
C ARG A 66 3.99 22.52 -22.69
N ASN A 67 4.53 23.27 -23.64
CA ASN A 67 4.45 22.89 -25.06
C ASN A 67 5.30 21.67 -25.38
N ALA A 68 6.20 21.32 -24.47
CA ALA A 68 7.07 20.16 -24.66
C ALA A 68 6.45 18.90 -24.08
N GLY A 69 5.33 19.05 -23.39
CA GLY A 69 4.63 17.90 -22.83
C GLY A 69 4.44 17.93 -21.33
N LEU A 70 5.08 18.90 -20.67
CA LEU A 70 4.94 19.05 -19.23
C LEU A 70 3.69 19.89 -18.91
N LEU A 71 2.53 19.29 -19.15
CA LEU A 71 1.25 20.00 -19.13
C LEU A 71 0.91 20.65 -17.79
N GLY A 72 1.27 19.99 -16.69
CA GLY A 72 0.85 20.40 -15.36
C GLY A 72 1.31 21.78 -14.92
N ILE A 73 2.39 22.27 -15.52
CA ILE A 73 3.00 23.54 -15.11
C ILE A 73 2.09 24.75 -15.37
N ASN A 74 1.15 24.60 -16.29
CA ASN A 74 0.30 25.73 -16.70
C ASN A 74 -0.63 26.19 -15.58
N THR A 75 -0.97 25.29 -14.66
CA THR A 75 -1.87 25.62 -13.57
C THR A 75 -1.21 26.55 -12.55
N TYR A 76 0.11 26.49 -12.46
CA TYR A 76 0.85 27.24 -11.44
C TYR A 76 1.49 28.53 -11.96
N ALA A 77 1.95 28.50 -13.20
CA ALA A 77 2.76 29.59 -13.76
C ALA A 77 2.04 30.94 -13.77
N LEU A 78 1.03 31.06 -14.62
CA LEU A 78 0.34 32.34 -14.84
C LEU A 78 -0.23 33.00 -13.57
N PRO A 79 -0.89 32.23 -12.69
CA PRO A 79 -1.41 32.89 -11.48
C PRO A 79 -0.32 33.56 -10.62
N LEU A 80 0.82 32.90 -10.49
CA LEU A 80 1.91 33.43 -9.67
C LEU A 80 2.58 34.63 -10.34
N LEU A 81 2.61 34.63 -11.68
CA LEU A 81 3.15 35.75 -12.42
C LEU A 81 2.22 36.96 -12.33
N LYS A 82 0.92 36.69 -12.20
CA LYS A 82 -0.06 37.75 -12.01
C LYS A 82 0.13 38.42 -10.66
N PHE A 83 0.47 37.62 -9.65
CA PHE A 83 0.70 38.15 -8.31
C PHE A 83 1.96 39.00 -8.26
N HIS A 84 2.97 38.60 -9.03
CA HIS A 84 4.21 39.36 -9.12
C HIS A 84 3.95 40.73 -9.72
N GLU A 85 3.06 40.79 -10.71
CA GLU A 85 2.69 42.04 -11.33
C GLU A 85 1.93 42.93 -10.34
N TYR A 86 1.03 42.33 -9.58
CA TYR A 86 0.28 43.05 -8.56
C TYR A 86 1.20 43.61 -7.49
N PHE A 87 2.18 42.81 -7.08
CA PHE A 87 3.13 43.21 -6.05
C PHE A 87 4.08 44.31 -6.54
N SER A 88 4.41 44.26 -7.83
CA SER A 88 5.41 45.17 -8.39
C SER A 88 4.80 46.46 -8.94
N LYS A 89 3.47 46.55 -8.94
CA LYS A 89 2.78 47.71 -9.47
C LYS A 89 3.24 49.00 -8.80
N ALA A 90 3.50 50.03 -9.60
CA ALA A 90 4.00 51.30 -9.09
C ALA A 90 2.94 52.04 -8.28
N ARG A 91 3.32 52.48 -7.09
CA ARG A 91 2.41 53.21 -6.22
C ARG A 91 3.14 54.32 -5.46
N LEU A 92 2.38 55.19 -4.82
CA LEU A 92 2.96 56.30 -4.05
C LEU A 92 2.77 56.09 -2.56
N ILE A 93 3.32 57.00 -1.77
CA ILE A 93 3.24 56.95 -0.31
C ILE A 93 3.73 55.62 0.25
N ALA A 98 3.87 49.29 2.27
CA ALA A 98 3.21 48.02 2.50
C ALA A 98 3.74 46.94 1.57
N PHE A 99 4.67 47.33 0.71
CA PHE A 99 5.25 46.42 -0.27
C PHE A 99 6.77 46.55 -0.31
N ASN A 100 7.37 46.94 0.81
CA ASN A 100 8.81 47.15 0.87
C ASN A 100 9.56 45.94 1.42
N SER A 101 8.83 44.86 1.68
CA SER A 101 9.43 43.65 2.22
C SER A 101 8.58 42.42 1.92
N LEU A 102 9.25 41.27 1.75
CA LEU A 102 8.54 40.02 1.52
C LEU A 102 7.73 39.60 2.73
N LYS A 103 8.11 40.11 3.90
CA LYS A 103 7.41 39.78 5.15
C LYS A 103 6.10 40.56 5.28
N ASN A 104 5.86 41.49 4.38
CA ASN A 104 4.63 42.26 4.39
C ASN A 104 3.48 41.50 3.72
N ILE A 105 3.82 40.46 2.95
CA ILE A 105 2.83 39.64 2.28
C ILE A 105 2.05 38.80 3.28
N ASP A 106 0.75 39.05 3.40
CA ASP A 106 -0.10 38.29 4.29
C ASP A 106 -1.41 37.89 3.60
N GLU A 107 -2.31 37.25 4.34
CA GLU A 107 -3.57 36.79 3.77
C GLU A 107 -4.47 37.94 3.37
N VAL A 108 -4.29 39.09 4.00
CA VAL A 108 -5.04 40.29 3.64
C VAL A 108 -4.67 40.73 2.23
N MET A 109 -3.37 40.78 1.95
CA MET A 109 -2.87 41.16 0.63
C MET A 109 -3.30 40.18 -0.44
N LEU A 110 -3.16 38.88 -0.15
CA LEU A 110 -3.50 37.83 -1.12
C LEU A 110 -4.99 37.84 -1.46
N ALA A 111 -5.82 38.10 -0.45
CA ALA A 111 -7.27 38.16 -0.66
C ALA A 111 -7.63 39.33 -1.57
N GLU A 112 -6.92 40.44 -1.40
CA GLU A 112 -7.11 41.61 -2.25
C GLU A 112 -6.70 41.32 -3.68
N PHE A 113 -5.57 40.65 -3.85
CA PHE A 113 -5.07 40.28 -5.16
C PHE A 113 -6.05 39.39 -5.92
N LEU A 114 -6.59 38.39 -5.23
CA LEU A 114 -7.56 37.48 -5.84
C LEU A 114 -8.82 38.22 -6.29
N SER A 115 -9.28 39.14 -5.46
CA SER A 115 -10.49 39.91 -5.75
C SER A 115 -10.33 40.76 -7.01
N VAL A 116 -9.14 41.30 -7.21
CA VAL A 116 -8.87 42.19 -8.34
C VAL A 116 -8.60 41.42 -9.63
N TYR A 117 -7.85 40.32 -9.52
CA TYR A 117 -7.36 39.62 -10.71
C TYR A 117 -8.23 38.45 -11.17
N THR A 118 -9.20 38.03 -10.35
CA THR A 118 -10.07 36.93 -10.75
C THR A 118 -11.52 37.40 -10.88
N GLY A 119 -11.70 38.66 -11.23
CA GLY A 119 -13.02 39.27 -11.30
C GLY A 119 -14.01 38.57 -12.21
N GLY A 120 -13.68 38.51 -13.50
CA GLY A 120 -14.58 37.92 -14.48
C GLY A 120 -14.27 36.48 -14.82
N LEU A 121 -13.66 35.77 -13.87
CA LEU A 121 -13.30 34.38 -14.08
C LEU A 121 -14.23 33.44 -13.33
N SER A 122 -14.31 32.19 -13.79
CA SER A 122 -15.22 31.21 -13.20
C SER A 122 -14.78 30.80 -11.80
N LEU A 123 -15.67 30.12 -11.08
CA LEU A 123 -15.38 29.66 -9.73
C LEU A 123 -14.25 28.62 -9.72
N ALA A 124 -14.22 27.79 -10.75
CA ALA A 124 -13.18 26.76 -10.87
C ALA A 124 -11.82 27.40 -11.10
N THR A 125 -11.79 28.47 -11.89
CA THR A 125 -10.56 29.19 -12.16
C THR A 125 -10.06 29.89 -10.90
N LYS A 126 -10.99 30.48 -10.14
CA LYS A 126 -10.66 31.10 -8.88
C LYS A 126 -10.02 30.11 -7.92
N LYS A 127 -10.51 28.88 -7.94
CA LYS A 127 -9.96 27.82 -7.10
C LYS A 127 -8.52 27.52 -7.47
N ASN A 128 -8.24 27.46 -8.77
CA ASN A 128 -6.88 27.20 -9.26
C ASN A 128 -5.90 28.29 -8.83
N TYR A 129 -6.34 29.54 -8.88
CA TYR A 129 -5.53 30.66 -8.44
C TYR A 129 -5.15 30.55 -6.97
N ARG A 130 -6.13 30.17 -6.15
CA ARG A 130 -5.92 30.01 -4.72
C ARG A 130 -4.95 28.88 -4.41
N ILE A 131 -5.14 27.75 -5.10
CA ILE A 131 -4.27 26.59 -4.93
C ILE A 131 -2.82 26.93 -5.28
N ALA A 132 -2.64 27.71 -6.34
CA ALA A 132 -1.30 28.11 -6.78
C ALA A 132 -0.60 28.94 -5.70
N LEU A 133 -1.35 29.86 -5.08
CA LEU A 133 -0.81 30.70 -4.01
C LEU A 133 -0.43 29.86 -2.80
N LEU A 134 -1.28 28.90 -2.45
CA LEU A 134 -1.03 28.03 -1.31
C LEU A 134 0.23 27.20 -1.53
N GLY A 135 0.46 26.77 -2.76
CA GLY A 135 1.62 25.97 -3.10
C GLY A 135 2.92 26.75 -2.99
N LEU A 136 2.91 27.99 -3.47
CA LEU A 136 4.10 28.83 -3.48
C LEU A 136 4.62 29.12 -2.07
N PHE A 137 3.73 29.60 -1.20
CA PHE A 137 4.14 30.04 0.13
C PHE A 137 4.39 28.87 1.07
N SER A 138 3.82 27.71 0.74
CA SER A 138 4.15 26.49 1.47
C SER A 138 5.56 26.07 1.14
N TYR A 139 5.94 26.25 -0.13
CA TYR A 139 7.28 25.94 -0.59
C TYR A 139 8.30 26.87 0.07
N ILE A 140 7.98 28.16 0.12
CA ILE A 140 8.86 29.15 0.73
C ILE A 140 9.08 28.87 2.21
N ASP A 141 8.01 28.46 2.90
CA ASP A 141 8.11 28.14 4.33
C ASP A 141 9.04 26.96 4.59
N LYS A 142 9.08 26.02 3.65
CA LYS A 142 9.88 24.81 3.83
C LYS A 142 11.32 24.96 3.34
N GLN A 143 11.58 25.98 2.52
CA GLN A 143 12.87 26.10 1.86
C GLN A 143 13.68 27.33 2.25
N ASN A 144 13.11 28.23 3.04
CA ASN A 144 13.84 29.42 3.46
C ASN A 144 14.50 29.21 4.82
N GLN A 145 15.71 29.75 4.98
CA GLN A 145 16.52 29.50 6.17
C GLN A 145 17.79 30.36 6.19
N ASP A 146 18.10 30.94 7.34
CA ASP A 146 19.34 31.70 7.49
C ASP A 146 20.47 30.82 8.03
N GLU A 147 21.52 31.45 8.55
CA GLU A 147 22.66 30.71 9.05
C GLU A 147 22.40 30.10 10.42
N ASN A 148 21.40 30.65 11.13
CA ASN A 148 21.02 30.12 12.44
C ASN A 148 20.09 28.91 12.32
N GLU A 149 19.87 28.47 11.08
CA GLU A 149 18.88 27.45 10.74
C GLU A 149 17.47 27.87 11.16
N LYS A 150 17.27 29.16 11.33
CA LYS A 150 15.95 29.71 11.62
C LYS A 150 15.27 30.15 10.33
N SER A 151 13.95 30.26 10.37
CA SER A 151 13.18 30.56 9.16
C SER A 151 12.06 31.56 9.42
N TYR A 152 11.53 32.13 8.34
CA TYR A 152 10.32 32.94 8.42
C TYR A 152 9.15 32.10 7.91
N ILE A 153 8.05 32.10 8.66
CA ILE A 153 6.91 31.26 8.32
C ILE A 153 5.66 32.07 8.01
N TYR A 154 5.14 31.90 6.80
CA TYR A 154 3.90 32.56 6.38
C TYR A 154 2.68 31.86 6.94
N ASN A 155 2.61 30.54 6.73
CA ASN A 155 1.46 29.73 7.09
C ASN A 155 0.17 30.27 6.47
N ILE A 156 0.17 30.39 5.15
CA ILE A 156 -1.02 30.83 4.42
C ILE A 156 -2.00 29.69 4.22
N THR A 157 -3.25 29.90 4.60
CA THR A 157 -4.29 28.88 4.43
C THR A 157 -5.46 29.39 3.61
N LEU A 158 -5.75 30.69 3.74
CA LEU A 158 -6.82 31.33 2.98
C LEU A 158 -8.17 30.61 3.10
N LYS A 159 -8.60 30.38 4.33
CA LYS A 159 -9.85 29.67 4.58
C LYS A 159 -11.04 30.62 4.62
N LYS A 171 -27.09 19.32 -10.73
CA LYS A 171 -25.66 19.08 -10.60
C LYS A 171 -25.14 18.22 -11.74
N LEU A 172 -26.05 17.77 -12.61
CA LEU A 172 -25.68 16.98 -13.77
C LEU A 172 -24.87 17.81 -14.77
N PRO A 173 -23.68 17.32 -15.13
CA PRO A 173 -22.84 17.99 -16.14
C PRO A 173 -23.55 18.06 -17.49
N THR A 174 -23.19 19.04 -18.31
CA THR A 174 -23.80 19.21 -19.63
C THR A 174 -23.64 17.96 -20.47
N HIS A 175 -24.75 17.47 -21.04
CA HIS A 175 -24.74 16.21 -21.77
C HIS A 175 -25.88 16.12 -22.78
N LEU A 176 -25.82 15.07 -23.61
CA LEU A 176 -26.91 14.75 -24.54
C LEU A 176 -27.75 13.62 -23.96
N ASN A 177 -29.08 13.75 -24.02
CA ASN A 177 -29.94 12.68 -23.54
C ASN A 177 -30.02 11.55 -24.56
N ASN A 178 -30.87 10.57 -24.29
CA ASN A 178 -30.97 9.39 -25.14
C ASN A 178 -31.39 9.72 -26.58
N GLU A 179 -32.40 10.58 -26.71
CA GLU A 179 -32.90 10.97 -28.03
C GLU A 179 -31.89 11.82 -28.78
N GLU A 180 -31.22 12.72 -28.05
CA GLU A 180 -30.22 13.59 -28.65
C GLU A 180 -28.98 12.80 -29.08
N LEU A 181 -28.69 11.73 -28.35
CA LEU A 181 -27.59 10.85 -28.71
C LEU A 181 -27.88 10.12 -30.03
N GLU A 182 -29.14 9.77 -30.22
CA GLU A 182 -29.57 9.10 -31.45
C GLU A 182 -29.41 10.03 -32.65
N LYS A 183 -29.78 11.29 -32.47
CA LYS A 183 -29.67 12.29 -33.53
C LYS A 183 -28.21 12.59 -33.86
N PHE A 184 -27.38 12.63 -32.82
CA PHE A 184 -25.96 12.90 -32.98
C PHE A 184 -25.29 11.79 -33.79
N LEU A 185 -25.65 10.55 -33.48
CA LEU A 185 -25.11 9.39 -34.19
C LEU A 185 -25.51 9.40 -35.67
N GLU A 186 -26.73 9.85 -35.95
CA GLU A 186 -27.21 9.96 -37.32
C GLU A 186 -26.45 11.05 -38.07
N SER A 187 -26.14 12.13 -37.35
CA SER A 187 -25.49 13.28 -37.96
C SER A 187 -24.03 12.99 -38.35
N ILE A 188 -23.41 12.03 -37.67
CA ILE A 188 -22.04 11.65 -37.97
C ILE A 188 -21.95 11.09 -39.39
N ASP A 189 -22.97 10.35 -39.79
CA ASP A 189 -23.00 9.74 -41.12
C ASP A 189 -23.66 10.65 -42.15
N LYS A 190 -24.43 11.63 -41.68
CA LYS A 190 -25.17 12.52 -42.57
C LYS A 190 -24.37 13.75 -42.97
N ILE A 191 -23.48 14.19 -42.08
CA ILE A 191 -22.67 15.37 -42.35
C ILE A 191 -21.61 15.07 -43.43
N GLU A 192 -21.14 16.12 -44.09
CA GLU A 192 -20.17 15.96 -45.17
C GLU A 192 -18.75 15.84 -44.64
N MET A 193 -18.04 14.83 -45.13
CA MET A 193 -16.61 14.66 -44.84
C MET A 193 -15.87 14.27 -46.11
N SER A 194 -14.63 14.73 -46.24
CA SER A 194 -13.82 14.37 -47.40
C SER A 194 -13.51 12.88 -47.37
N ALA A 195 -13.26 12.30 -48.54
CA ALA A 195 -13.01 10.87 -48.65
C ALA A 195 -11.72 10.45 -47.92
N LYS A 196 -10.83 11.41 -47.69
CA LYS A 196 -9.56 11.13 -47.06
C LYS A 196 -9.67 10.94 -45.55
N VAL A 197 -10.70 11.53 -44.95
CA VAL A 197 -10.82 11.54 -43.50
C VAL A 197 -12.14 10.95 -42.99
N ARG A 198 -13.06 10.63 -43.89
CA ARG A 198 -14.40 10.23 -43.49
C ARG A 198 -14.43 8.94 -42.68
N ALA A 199 -13.68 7.94 -43.14
CA ALA A 199 -13.66 6.64 -42.46
C ALA A 199 -13.03 6.75 -41.08
N ARG A 200 -11.88 7.44 -41.01
CA ARG A 200 -11.13 7.58 -39.76
C ARG A 200 -11.90 8.41 -38.72
N ASN A 201 -12.43 9.55 -39.15
CA ASN A 201 -13.11 10.46 -38.25
C ASN A 201 -14.41 9.87 -37.68
N ARG A 202 -15.17 9.19 -38.53
CA ARG A 202 -16.42 8.57 -38.07
C ARG A 202 -16.14 7.45 -37.07
N LEU A 203 -15.07 6.69 -37.30
CA LEU A 203 -14.69 5.61 -36.40
C LEU A 203 -14.23 6.14 -35.06
N LEU A 204 -13.45 7.22 -35.08
CA LEU A 204 -12.90 7.81 -33.86
C LEU A 204 -13.98 8.36 -32.94
N ILE A 205 -14.93 9.11 -33.52
CA ILE A 205 -15.97 9.74 -32.74
C ILE A 205 -16.97 8.74 -32.19
N LYS A 206 -17.33 7.74 -33.00
CA LYS A 206 -18.28 6.72 -32.57
C LYS A 206 -17.76 5.89 -31.41
N ILE A 207 -16.46 5.57 -31.44
CA ILE A 207 -15.84 4.83 -30.34
C ILE A 207 -15.97 5.62 -29.04
N ILE A 208 -15.74 6.93 -29.12
CA ILE A 208 -15.88 7.82 -27.97
C ILE A 208 -17.33 7.82 -27.46
N VAL A 209 -18.28 7.85 -28.38
CA VAL A 209 -19.69 7.85 -28.02
C VAL A 209 -20.11 6.55 -27.33
N PHE A 210 -19.72 5.42 -27.90
CA PHE A 210 -20.18 4.12 -27.39
C PHE A 210 -19.43 3.65 -26.14
N THR A 211 -18.25 4.20 -25.89
CA THR A 211 -17.44 3.75 -24.76
C THR A 211 -17.30 4.83 -23.67
N GLY A 212 -17.40 6.09 -24.07
CA GLY A 212 -17.29 7.19 -23.14
C GLY A 212 -15.88 7.40 -22.63
N MET A 213 -14.89 6.93 -23.38
CA MET A 213 -13.50 7.10 -22.98
C MET A 213 -13.06 8.55 -23.22
N ARG A 214 -12.01 8.96 -22.52
CA ARG A 214 -11.54 10.34 -22.61
CA ARG A 214 -11.50 10.33 -22.61
C ARG A 214 -10.89 10.62 -23.97
N SER A 215 -10.62 11.91 -24.22
CA SER A 215 -10.05 12.36 -25.49
C SER A 215 -8.69 11.72 -25.80
N ASN A 216 -7.74 11.88 -24.88
CA ASN A 216 -6.39 11.37 -25.09
C ASN A 216 -6.34 9.85 -25.08
N GLU A 217 -7.32 9.23 -24.41
CA GLU A 217 -7.41 7.77 -24.40
C GLU A 217 -7.74 7.24 -25.79
N ALA A 218 -8.60 7.95 -26.50
CA ALA A 218 -9.00 7.54 -27.85
C ALA A 218 -7.90 7.83 -28.87
N LEU A 219 -7.24 8.96 -28.71
CA LEU A 219 -6.21 9.39 -29.65
C LEU A 219 -4.94 8.55 -29.56
N GLN A 220 -4.82 7.77 -28.49
CA GLN A 220 -3.62 6.97 -28.27
C GLN A 220 -3.91 5.47 -28.30
N LEU A 221 -5.04 5.09 -28.90
CA LEU A 221 -5.40 3.68 -29.01
C LEU A 221 -4.48 2.92 -29.97
N LYS A 222 -4.19 1.68 -29.63
CA LYS A 222 -3.38 0.82 -30.49
C LYS A 222 -4.22 -0.33 -31.03
N ILE A 223 -3.81 -0.89 -32.16
CA ILE A 223 -4.53 -2.01 -32.77
C ILE A 223 -4.49 -3.23 -31.85
N LYS A 224 -3.36 -3.44 -31.20
CA LYS A 224 -3.19 -4.59 -30.31
C LYS A 224 -4.01 -4.47 -29.02
N ASP A 225 -4.59 -3.29 -28.80
CA ASP A 225 -5.49 -3.09 -27.67
C ASP A 225 -6.87 -3.66 -27.97
N PHE A 226 -7.09 -4.04 -29.22
CA PHE A 226 -8.38 -4.56 -29.67
C PHE A 226 -8.39 -6.08 -29.77
N THR A 227 -9.41 -6.70 -29.19
CA THR A 227 -9.65 -8.12 -29.35
C THR A 227 -11.15 -8.37 -29.60
N LEU A 228 -11.44 -9.20 -30.60
CA LEU A 228 -12.82 -9.50 -30.96
C LEU A 228 -13.21 -10.91 -30.53
N GLU A 229 -14.36 -11.04 -29.88
CA GLU A 229 -14.85 -12.34 -29.45
C GLU A 229 -16.36 -12.33 -29.27
N ASN A 230 -17.03 -13.30 -29.88
CA ASN A 230 -18.49 -13.44 -29.83
C ASN A 230 -19.23 -12.17 -30.24
N GLY A 231 -18.70 -11.49 -31.25
CA GLY A 231 -19.35 -10.31 -31.80
C GLY A 231 -19.27 -9.09 -30.90
N CYS A 232 -18.23 -9.02 -30.08
CA CYS A 232 -18.04 -7.88 -29.19
C CYS A 232 -16.56 -7.57 -28.99
N TYR A 233 -16.20 -6.30 -29.09
CA TYR A 233 -14.82 -5.86 -28.91
C TYR A 233 -14.51 -5.57 -27.45
N THR A 234 -13.32 -5.97 -27.03
CA THR A 234 -12.77 -5.57 -25.73
C THR A 234 -11.58 -4.65 -25.96
N ILE A 235 -11.70 -3.41 -25.50
CA ILE A 235 -10.65 -2.42 -25.70
C ILE A 235 -9.91 -2.11 -24.41
N LEU A 236 -8.60 -2.35 -24.40
CA LEU A 236 -7.78 -2.07 -23.24
C LEU A 236 -7.20 -0.66 -23.32
N ILE A 237 -7.33 0.09 -22.22
CA ILE A 237 -6.90 1.47 -22.18
C ILE A 237 -5.82 1.69 -21.12
N LYS A 238 -4.64 2.14 -21.55
CA LYS A 238 -3.53 2.37 -20.64
C LYS A 238 -3.78 3.61 -19.78
N GLY A 239 -3.50 3.51 -18.49
CA GLY A 239 -3.73 4.61 -17.57
C GLY A 239 -2.53 4.92 -16.70
N LYS A 240 -2.77 5.52 -15.54
CA LYS A 240 -1.69 5.88 -14.62
C LYS A 240 -1.18 4.64 -13.88
N GLY A 241 0.11 4.63 -13.58
CA GLY A 241 0.75 3.46 -12.98
C GLY A 241 0.88 2.37 -14.02
N ASP A 242 0.70 2.76 -15.28
CA ASP A 242 0.69 1.85 -16.42
C ASP A 242 -0.34 0.73 -16.24
N LYS A 243 -1.41 1.02 -15.51
CA LYS A 243 -2.48 0.07 -15.30
C LYS A 243 -3.53 0.18 -16.40
N TYR A 244 -3.99 -0.96 -16.90
CA TYR A 244 -4.96 -0.97 -17.99
C TYR A 244 -6.38 -1.15 -17.48
N ARG A 245 -7.32 -0.46 -18.12
CA ARG A 245 -8.74 -0.68 -17.85
C ARG A 245 -9.41 -1.13 -19.13
N ALA A 246 -10.49 -1.90 -19.00
CA ALA A 246 -11.15 -2.48 -20.16
C ALA A 246 -12.53 -1.90 -20.39
N VAL A 247 -12.89 -1.72 -21.65
CA VAL A 247 -14.24 -1.33 -22.04
C VAL A 247 -14.72 -2.26 -23.15
N MET A 248 -16.02 -2.51 -23.20
CA MET A 248 -16.59 -3.37 -24.22
C MET A 248 -17.64 -2.62 -25.05
N LEU A 249 -17.68 -2.91 -26.35
CA LEU A 249 -18.73 -2.39 -27.21
C LEU A 249 -19.05 -3.42 -28.30
N LYS A 250 -20.33 -3.49 -28.67
CA LYS A 250 -20.77 -4.43 -29.70
C LYS A 250 -20.06 -4.19 -31.01
N ALA A 251 -19.70 -5.27 -31.68
CA ALA A 251 -18.88 -5.21 -32.89
C ALA A 251 -19.59 -4.48 -34.04
N PHE A 252 -20.90 -4.65 -34.14
CA PHE A 252 -21.64 -4.15 -35.28
C PHE A 252 -21.73 -2.62 -35.31
N HIS A 253 -21.35 -1.98 -34.21
CA HIS A 253 -21.36 -0.53 -34.14
C HIS A 253 -20.22 0.08 -34.97
N ILE A 254 -19.11 -0.64 -35.07
CA ILE A 254 -17.91 -0.10 -35.71
C ILE A 254 -17.23 -1.08 -36.67
N GLU A 255 -17.85 -2.24 -36.90
CA GLU A 255 -17.23 -3.29 -37.72
C GLU A 255 -16.96 -2.84 -39.15
N SER A 256 -17.93 -2.15 -39.74
CA SER A 256 -17.80 -1.69 -41.12
C SER A 256 -16.76 -0.57 -41.24
N LEU A 257 -16.78 0.36 -40.30
CA LEU A 257 -15.85 1.49 -40.30
C LEU A 257 -14.42 1.03 -40.05
N LEU A 258 -14.25 0.08 -39.13
CA LEU A 258 -12.93 -0.42 -38.78
C LEU A 258 -12.28 -1.15 -39.96
N LYS A 259 -13.07 -1.99 -40.63
CA LYS A 259 -12.59 -2.73 -41.79
C LYS A 259 -12.19 -1.78 -42.92
N GLU A 260 -12.95 -0.69 -43.07
CA GLU A 260 -12.71 0.28 -44.11
C GLU A 260 -11.48 1.16 -43.83
N TRP A 261 -11.30 1.51 -42.57
CA TRP A 261 -10.21 2.40 -42.18
C TRP A 261 -8.84 1.71 -42.19
N LEU A 262 -8.80 0.46 -41.75
CA LEU A 262 -7.56 -0.29 -41.71
C LEU A 262 -6.92 -0.44 -43.09
N ILE A 263 -7.77 -0.48 -44.11
CA ILE A 263 -7.29 -0.55 -45.49
C ILE A 263 -6.60 0.74 -45.88
N GLU A 264 -7.23 1.86 -45.56
CA GLU A 264 -6.67 3.18 -45.85
C GLU A 264 -5.40 3.44 -45.04
N ARG A 265 -5.37 2.91 -43.82
CA ARG A 265 -4.27 3.12 -42.89
C ARG A 265 -2.95 2.56 -43.42
N GLU A 266 -3.04 1.54 -44.28
CA GLU A 266 -1.85 0.90 -44.82
C GLU A 266 -1.01 1.84 -45.69
N LEU A 267 -1.63 2.93 -46.15
CA LEU A 267 -0.95 3.90 -47.00
C LEU A 267 -0.22 4.96 -46.16
N TYR A 268 -0.39 4.89 -44.85
CA TYR A 268 0.21 5.86 -43.94
C TYR A 268 1.50 5.34 -43.32
N PRO A 269 2.46 6.24 -43.07
CA PRO A 269 3.69 5.90 -42.33
C PRO A 269 3.44 5.88 -40.83
N VAL A 270 2.45 5.11 -40.39
CA VAL A 270 2.05 5.08 -38.99
C VAL A 270 3.10 4.37 -38.13
N LYS A 271 3.32 4.90 -36.92
CA LYS A 271 4.34 4.36 -36.03
C LYS A 271 3.76 3.73 -34.78
N ASN A 272 4.39 2.65 -34.32
CA ASN A 272 4.09 1.99 -33.05
C ASN A 272 2.65 1.48 -32.92
N ASP A 273 2.17 0.81 -33.96
CA ASP A 273 0.86 0.14 -33.95
C ASP A 273 -0.28 1.07 -33.56
N LEU A 274 -0.11 2.36 -33.85
CA LEU A 274 -1.11 3.37 -33.54
C LEU A 274 -2.33 3.23 -34.45
N LEU A 275 -3.52 3.28 -33.87
CA LEU A 275 -4.74 3.11 -34.64
C LEU A 275 -5.07 4.36 -35.46
N PHE A 276 -5.23 5.49 -34.77
CA PHE A 276 -5.55 6.76 -35.45
C PHE A 276 -4.30 7.60 -35.63
N CYS A 277 -4.10 8.11 -36.84
CA CYS A 277 -2.93 8.92 -37.15
C CYS A 277 -3.23 9.94 -38.25
N ASN A 278 -2.40 10.99 -38.32
CA ASN A 278 -2.51 11.95 -39.40
C ASN A 278 -1.78 11.43 -40.64
N GLN A 279 -1.64 12.28 -41.65
CA GLN A 279 -0.98 11.87 -42.89
C GLN A 279 0.52 11.66 -42.68
N LYS A 280 1.07 12.31 -41.66
CA LYS A 280 2.49 12.17 -41.35
C LYS A 280 2.76 10.90 -40.56
N GLY A 281 1.71 10.33 -39.98
CA GLY A 281 1.83 9.08 -39.25
C GLY A 281 1.78 9.21 -37.75
N SER A 282 1.74 10.44 -37.26
CA SER A 282 1.72 10.68 -35.82
C SER A 282 0.28 10.84 -35.31
N ALA A 283 0.12 10.83 -33.99
CA ALA A 283 -1.20 10.89 -33.37
C ALA A 283 -1.88 12.24 -33.60
N LEU A 284 -3.20 12.21 -33.73
CA LEU A 284 -3.98 13.41 -33.94
C LEU A 284 -4.01 14.27 -32.67
N THR A 285 -4.30 15.55 -32.83
CA THR A 285 -4.32 16.47 -31.71
C THR A 285 -5.73 16.63 -31.14
N GLN A 286 -5.82 17.12 -29.91
CA GLN A 286 -7.10 17.39 -29.27
C GLN A 286 -7.86 18.48 -30.01
N ALA A 287 -7.11 19.42 -30.59
CA ALA A 287 -7.71 20.53 -31.33
C ALA A 287 -8.46 20.04 -32.55
N TYR A 288 -7.89 19.08 -33.26
CA TYR A 288 -8.53 18.52 -34.45
C TYR A 288 -9.77 17.72 -34.08
N LEU A 289 -9.68 16.93 -33.03
CA LEU A 289 -10.79 16.10 -32.57
C LEU A 289 -11.97 16.96 -32.11
N TYR A 290 -11.67 18.06 -31.42
CA TYR A 290 -12.72 18.94 -30.92
C TYR A 290 -13.53 19.53 -32.06
N LYS A 291 -12.83 20.06 -33.07
CA LYS A 291 -13.50 20.73 -34.19
C LYS A 291 -14.35 19.76 -35.00
N GLN A 292 -13.93 18.50 -35.06
CA GLN A 292 -14.70 17.48 -35.76
C GLN A 292 -15.96 17.12 -35.00
N VAL A 293 -15.87 17.11 -33.68
CA VAL A 293 -17.01 16.83 -32.83
C VAL A 293 -17.99 18.01 -32.82
N GLU A 294 -17.44 19.21 -32.71
CA GLU A 294 -18.24 20.42 -32.57
C GLU A 294 -19.06 20.74 -33.83
N ARG A 295 -18.49 20.48 -35.01
CA ARG A 295 -19.17 20.79 -36.25
C ARG A 295 -20.34 19.84 -36.50
N ILE A 296 -20.25 18.64 -35.93
CA ILE A 296 -21.35 17.68 -36.00
C ILE A 296 -22.46 18.08 -35.05
N ILE A 297 -22.06 18.55 -33.86
CA ILE A 297 -22.99 19.08 -32.87
C ILE A 297 -23.80 20.23 -33.48
N ASN A 298 -23.11 21.11 -34.21
CA ASN A 298 -23.76 22.21 -34.91
C ASN A 298 -24.72 21.72 -36.00
N PHE A 299 -24.24 20.78 -36.81
CA PHE A 299 -25.02 20.22 -37.90
C PHE A 299 -26.30 19.56 -37.39
N ALA A 300 -26.24 19.04 -36.18
CA ALA A 300 -27.40 18.39 -35.56
C ALA A 300 -28.26 19.41 -34.83
N GLY A 301 -27.74 20.62 -34.67
CA GLY A 301 -28.45 21.66 -33.95
C GLY A 301 -28.54 21.34 -32.46
N LEU A 302 -27.41 20.94 -31.88
CA LEU A 302 -27.38 20.51 -30.49
C LEU A 302 -26.38 21.30 -29.66
N ARG A 303 -26.02 22.50 -30.10
CA ARG A 303 -25.08 23.32 -29.37
C ARG A 303 -25.61 23.70 -28.00
N ARG A 304 -24.73 23.61 -27.00
CA ARG A 304 -25.09 23.94 -25.63
C ARG A 304 -23.89 24.50 -24.87
N GLU A 305 -23.86 24.31 -23.55
CA GLU A 305 -22.79 24.87 -22.72
C GLU A 305 -21.43 24.29 -23.08
N LYS A 306 -21.38 22.98 -23.29
CA LYS A 306 -20.15 22.30 -23.69
C LYS A 306 -20.40 21.54 -25.00
N ASN A 307 -19.42 21.55 -25.90
CA ASN A 307 -19.62 20.99 -27.22
C ASN A 307 -18.45 20.14 -27.74
N GLY A 308 -17.79 19.42 -26.84
CA GLY A 308 -16.63 18.64 -27.21
C GLY A 308 -16.73 17.15 -26.91
N ALA A 309 -15.58 16.48 -26.95
CA ALA A 309 -15.53 15.04 -26.75
C ALA A 309 -15.89 14.64 -25.32
N HIS A 310 -15.43 15.43 -24.35
CA HIS A 310 -15.67 15.10 -22.95
C HIS A 310 -17.14 15.26 -22.61
N MET A 311 -17.86 16.08 -23.38
CA MET A 311 -19.30 16.23 -23.21
C MET A 311 -19.99 14.93 -23.60
N LEU A 312 -19.44 14.25 -24.60
CA LEU A 312 -19.94 12.94 -25.01
C LEU A 312 -19.64 11.89 -23.94
N ARG A 313 -18.53 12.09 -23.23
CA ARG A 313 -18.15 11.20 -22.14
C ARG A 313 -19.13 11.32 -20.98
N HIS A 314 -19.53 12.55 -20.68
CA HIS A 314 -20.56 12.79 -19.67
C HIS A 314 -21.88 12.15 -20.08
N SER A 315 -22.14 12.15 -21.38
CA SER A 315 -23.39 11.62 -21.92
C SER A 315 -23.48 10.10 -21.76
N PHE A 316 -22.37 9.42 -22.00
CA PHE A 316 -22.33 7.96 -21.89
C PHE A 316 -22.58 7.50 -20.45
N ALA A 317 -21.95 8.19 -19.49
CA ALA A 317 -22.10 7.84 -18.09
C ALA A 317 -23.53 8.07 -17.61
N THR A 318 -24.14 9.15 -18.08
CA THR A 318 -25.52 9.47 -17.71
C THR A 318 -26.49 8.43 -18.24
N LEU A 319 -26.31 8.03 -19.48
CA LEU A 319 -27.15 7.01 -20.10
C LEU A 319 -26.95 5.65 -19.45
N LEU A 320 -25.72 5.37 -19.05
CA LEU A 320 -25.37 4.08 -18.45
C LEU A 320 -26.12 3.86 -17.15
N TYR A 321 -26.17 4.87 -16.29
CA TYR A 321 -26.86 4.75 -15.01
C TYR A 321 -28.38 4.77 -15.22
N GLN A 322 -28.82 5.50 -16.24
CA GLN A 322 -30.24 5.59 -16.54
C GLN A 322 -30.78 4.24 -17.02
N LYS A 323 -29.94 3.49 -17.73
CA LYS A 323 -30.34 2.22 -18.33
C LYS A 323 -30.16 1.03 -17.39
N ARG A 324 -29.18 1.11 -16.49
CA ARG A 324 -28.82 -0.05 -15.69
C ARG A 324 -28.96 0.17 -14.18
N HIS A 325 -28.93 1.43 -13.75
CA HIS A 325 -29.05 1.79 -12.34
C HIS A 325 -28.00 1.07 -11.50
N ASP A 326 -26.79 0.99 -12.03
CA ASP A 326 -25.69 0.30 -11.37
C ASP A 326 -24.49 1.24 -11.22
N LEU A 327 -24.27 1.72 -10.00
CA LEU A 327 -23.23 2.72 -9.75
C LEU A 327 -21.83 2.13 -9.92
N ILE A 328 -21.66 0.88 -9.50
CA ILE A 328 -20.38 0.19 -9.65
C ILE A 328 -20.02 0.03 -11.12
N LEU A 329 -21.03 -0.28 -11.93
CA LEU A 329 -20.84 -0.45 -13.37
C LEU A 329 -20.35 0.85 -14.01
N VAL A 330 -20.90 1.96 -13.55
CA VAL A 330 -20.48 3.28 -14.03
C VAL A 330 -19.02 3.55 -13.70
N GLN A 331 -18.63 3.24 -12.47
CA GLN A 331 -17.26 3.43 -12.01
C GLN A 331 -16.27 2.64 -12.86
N GLU A 332 -16.56 1.36 -13.06
CA GLU A 332 -15.66 0.48 -13.80
C GLU A 332 -15.58 0.85 -15.27
N ALA A 333 -16.72 1.23 -15.85
CA ALA A 333 -16.77 1.56 -17.27
C ALA A 333 -16.06 2.89 -17.57
N LEU A 334 -16.23 3.86 -16.69
CA LEU A 334 -15.67 5.19 -16.89
C LEU A 334 -14.22 5.28 -16.41
N GLY A 335 -13.86 4.40 -15.49
CA GLY A 335 -12.51 4.39 -14.96
C GLY A 335 -12.33 5.34 -13.79
N HIS A 336 -13.39 5.53 -13.01
CA HIS A 336 -13.34 6.38 -11.83
C HIS A 336 -12.61 5.69 -10.68
N ALA A 337 -11.73 6.42 -10.01
CA ALA A 337 -11.02 5.87 -8.86
C ALA A 337 -11.95 5.72 -7.66
N SER A 338 -12.97 6.57 -7.60
CA SER A 338 -13.90 6.56 -6.49
C SER A 338 -15.34 6.69 -6.96
N LEU A 339 -16.25 6.05 -6.23
CA LEU A 339 -17.68 6.11 -6.54
C LEU A 339 -18.25 7.51 -6.33
N ASN A 340 -17.54 8.34 -5.56
CA ASN A 340 -17.97 9.71 -5.33
C ASN A 340 -17.97 10.52 -6.62
N THR A 341 -17.14 10.10 -7.58
CA THR A 341 -17.12 10.72 -8.90
C THR A 341 -18.32 10.25 -9.71
N SER A 342 -18.66 8.97 -9.57
CA SER A 342 -19.77 8.38 -10.30
C SER A 342 -21.12 8.94 -9.84
N ARG A 343 -21.15 9.44 -8.62
CA ARG A 343 -22.37 9.97 -8.01
C ARG A 343 -22.93 11.16 -8.78
N ILE A 344 -22.05 11.92 -9.42
CA ILE A 344 -22.43 13.14 -10.12
C ILE A 344 -23.46 12.89 -11.23
N TYR A 345 -23.50 11.66 -11.72
CA TYR A 345 -24.42 11.33 -12.81
C TYR A 345 -25.74 10.73 -12.31
N THR A 346 -26.03 10.93 -11.02
CA THR A 346 -27.25 10.39 -10.43
C THR A 346 -28.07 11.46 -9.73
N HIS A 347 -29.37 11.20 -9.59
CA HIS A 347 -30.26 12.06 -8.82
C HIS A 347 -31.25 11.21 -8.04
N PHE A 348 -31.35 11.47 -6.74
CA PHE A 348 -32.16 10.63 -5.87
C PHE A 348 -33.49 11.29 -5.50
N ASP A 349 -34.59 10.58 -5.80
CA ASP A 349 -35.92 11.01 -5.38
C ASP A 349 -36.09 10.70 -3.89
N LYS A 350 -36.38 11.73 -3.10
CA LYS A 350 -36.46 11.59 -1.65
C LYS A 350 -37.59 10.68 -1.20
N GLN A 351 -38.62 10.53 -2.03
CA GLN A 351 -39.74 9.66 -1.70
C GLN A 351 -39.31 8.19 -1.73
N ARG A 352 -38.19 7.93 -2.36
CA ARG A 352 -37.65 6.58 -2.47
C ARG A 352 -37.09 6.05 -1.15
N LEU A 353 -37.03 6.90 -0.13
CA LEU A 353 -36.60 6.47 1.18
C LEU A 353 -37.58 5.40 1.66
N GLU A 354 -38.79 5.38 1.13
CA GLU A 354 -39.82 4.41 1.46
C GLU A 354 -39.37 3.01 1.09
N GLU A 355 -38.56 2.89 0.07
CA GLU A 355 -38.03 1.60 -0.37
C GLU A 355 -37.13 0.98 0.68
N ALA A 356 -36.43 1.83 1.43
CA ALA A 356 -35.54 1.36 2.49
C ALA A 356 -36.34 0.92 3.71
N ALA A 357 -37.45 1.61 3.97
CA ALA A 357 -38.28 1.31 5.12
C ALA A 357 -39.16 0.08 4.88
N SER A 358 -39.19 -0.39 3.64
CA SER A 358 -40.07 -1.49 3.26
C SER A 358 -39.36 -2.84 3.28
N ILE A 359 -38.05 -2.84 3.56
CA ILE A 359 -37.27 -4.07 3.53
C ILE A 359 -37.68 -5.05 4.63
N TRP A 360 -38.33 -4.54 5.68
CA TRP A 360 -38.73 -5.37 6.81
C TRP A 360 -40.02 -6.14 6.54
N GLU A 361 -40.72 -5.81 5.46
CA GLU A 361 -42.01 -6.43 5.17
C GLU A 361 -42.09 -7.07 3.79
N GLU A 362 -41.01 -6.99 3.02
CA GLU A 362 -40.97 -7.66 1.71
C GLU A 362 -39.55 -7.95 1.24
N ASN A 363 -39.39 -9.06 0.53
CA ASN A 363 -38.10 -9.43 -0.04
C ASN A 363 -37.93 -8.86 -1.44
N MET B 2 24.17 13.36 17.07
CA MET B 2 23.46 12.15 16.66
C MET B 2 24.42 11.01 16.36
N LYS B 3 25.51 11.33 15.67
CA LYS B 3 26.52 10.33 15.33
C LYS B 3 27.75 10.46 16.22
N HIS B 4 28.48 9.35 16.36
CA HIS B 4 29.69 9.33 17.19
C HIS B 4 30.87 8.81 16.39
N PRO B 5 32.09 9.25 16.74
CA PRO B 5 33.29 8.66 16.14
C PRO B 5 33.37 7.17 16.44
N LEU B 6 33.95 6.40 15.52
CA LEU B 6 34.10 4.97 15.70
C LEU B 6 34.90 4.66 16.96
N GLU B 7 35.99 5.40 17.15
CA GLU B 7 36.88 5.20 18.28
C GLU B 7 36.94 6.45 19.17
N GLU B 8 36.26 6.39 20.31
CA GLU B 8 36.25 7.50 21.25
C GLU B 8 37.11 7.19 22.47
N LEU B 9 37.29 5.91 22.76
CA LEU B 9 38.02 5.48 23.94
C LEU B 9 39.34 4.83 23.56
N LYS B 10 40.28 4.80 24.50
CA LYS B 10 41.58 4.18 24.27
C LYS B 10 41.49 2.66 24.25
N ASP B 11 40.54 2.13 25.02
CA ASP B 11 40.35 0.69 25.12
C ASP B 11 39.32 0.22 24.09
N PRO B 12 39.76 -0.60 23.11
CA PRO B 12 38.91 -1.14 22.05
C PRO B 12 37.76 -1.99 22.58
N THR B 13 38.02 -2.78 23.61
CA THR B 13 36.99 -3.65 24.19
C THR B 13 35.89 -2.82 24.84
N GLU B 14 36.29 -1.75 25.50
CA GLU B 14 35.33 -0.86 26.15
C GLU B 14 34.52 -0.09 25.10
N ASN B 15 35.18 0.27 24.01
CA ASN B 15 34.53 0.99 22.92
C ASN B 15 33.54 0.08 22.19
N LEU B 16 33.82 -1.22 22.20
CA LEU B 16 32.92 -2.20 21.59
C LEU B 16 31.62 -2.29 22.39
N LEU B 17 31.73 -2.26 23.72
CA LEU B 17 30.56 -2.25 24.59
C LEU B 17 29.72 -1.01 24.37
N LEU B 18 30.38 0.09 24.05
CA LEU B 18 29.72 1.36 23.80
C LEU B 18 28.77 1.25 22.60
N TRP B 19 29.25 0.64 21.52
CA TRP B 19 28.45 0.50 20.30
C TRP B 19 27.34 -0.54 20.47
N ILE B 20 27.63 -1.61 21.22
CA ILE B 20 26.64 -2.65 21.49
C ILE B 20 25.47 -2.06 22.27
N GLY B 21 25.79 -1.24 23.27
CA GLY B 21 24.77 -0.58 24.07
C GLY B 21 23.87 0.33 23.25
N ARG B 22 24.48 1.03 22.29
CA ARG B 22 23.72 1.92 21.40
C ARG B 22 22.78 1.12 20.50
N PHE B 23 23.27 0.00 19.99
CA PHE B 23 22.49 -0.86 19.11
C PHE B 23 21.31 -1.49 19.84
N LEU B 24 21.54 -1.92 21.07
CA LEU B 24 20.50 -2.56 21.87
C LEU B 24 19.43 -1.57 22.30
N ARG B 25 19.84 -0.32 22.53
CA ARG B 25 18.89 0.74 22.86
C ARG B 25 17.98 1.01 21.67
N TYR B 26 18.59 1.03 20.48
CA TYR B 26 17.85 1.26 19.24
C TYR B 26 16.82 0.17 18.97
N LYS B 27 17.20 -1.08 19.25
CA LYS B 27 16.31 -2.21 19.03
C LYS B 27 15.15 -2.21 20.02
N CYS B 28 15.40 -1.75 21.24
CA CYS B 28 14.34 -1.63 22.23
C CYS B 28 13.33 -0.56 21.83
N THR B 29 13.72 0.29 20.89
CA THR B 29 12.87 1.37 20.43
C THR B 29 12.13 0.99 19.14
N SER B 30 12.72 0.09 18.37
CA SER B 30 12.18 -0.26 17.06
C SER B 30 11.37 -1.56 17.05
N LEU B 31 11.72 -2.50 17.91
CA LEU B 31 11.01 -3.77 17.97
C LEU B 31 9.64 -3.61 18.62
N SER B 32 8.74 -4.55 18.33
CA SER B 32 7.35 -4.46 18.75
C SER B 32 7.16 -4.41 20.26
N ASN B 33 6.29 -3.50 20.71
CA ASN B 33 5.96 -3.39 22.13
C ASN B 33 4.52 -3.83 22.42
N SER B 34 3.96 -4.59 21.49
CA SER B 34 2.55 -4.99 21.59
C SER B 34 2.27 -5.89 22.79
N GLN B 35 3.28 -6.63 23.23
CA GLN B 35 3.11 -7.60 24.31
C GLN B 35 3.60 -7.07 25.65
N VAL B 36 3.95 -5.79 25.70
CA VAL B 36 4.43 -5.17 26.94
C VAL B 36 3.32 -5.12 27.99
N LYS B 37 3.63 -5.62 29.19
CA LYS B 37 2.66 -5.67 30.27
C LYS B 37 2.94 -4.59 31.31
N ASP B 38 4.18 -4.10 31.35
CA ASP B 38 4.58 -3.08 32.31
C ASP B 38 5.36 -1.98 31.60
N GLN B 39 4.68 -0.87 31.31
CA GLN B 39 5.29 0.25 30.60
C GLN B 39 6.43 0.89 31.40
N ASN B 40 6.30 0.87 32.72
CA ASN B 40 7.29 1.49 33.59
C ASN B 40 8.64 0.77 33.53
N LYS B 41 8.62 -0.53 33.28
CA LYS B 41 9.84 -1.30 33.15
C LYS B 41 10.59 -0.92 31.88
N VAL B 42 9.84 -0.65 30.82
CA VAL B 42 10.42 -0.22 29.55
C VAL B 42 11.04 1.17 29.70
N PHE B 43 10.37 2.02 30.48
CA PHE B 43 10.86 3.37 30.77
C PHE B 43 12.21 3.31 31.47
N GLU B 44 12.34 2.41 32.44
CA GLU B 44 13.59 2.25 33.18
C GLU B 44 14.69 1.68 32.30
N CYS B 45 14.32 0.77 31.40
CA CYS B 45 15.29 0.13 30.51
C CYS B 45 15.92 1.14 29.55
N LEU B 46 15.10 2.00 28.96
CA LEU B 46 15.60 2.98 28.01
C LEU B 46 16.49 4.03 28.67
N ASN B 47 16.18 4.35 29.92
CA ASN B 47 17.01 5.30 30.68
C ASN B 47 18.41 4.74 30.94
N GLU B 48 18.47 3.47 31.32
CA GLU B 48 19.75 2.82 31.60
C GLU B 48 20.55 2.62 30.32
N LEU B 49 19.88 2.33 29.23
CA LEU B 49 20.54 2.11 27.95
C LEU B 49 20.97 3.42 27.28
N ASN B 50 20.61 4.54 27.90
CA ASN B 50 20.98 5.85 27.35
C ASN B 50 22.34 6.33 27.87
N GLN B 51 23.09 5.41 28.48
CA GLN B 51 24.44 5.72 28.95
C GLN B 51 25.33 4.50 28.83
N ALA B 52 26.62 4.68 29.13
CA ALA B 52 27.58 3.58 29.04
C ALA B 52 27.26 2.49 30.05
N CYS B 53 27.21 1.25 29.59
CA CYS B 53 26.91 0.12 30.45
C CYS B 53 27.99 -0.95 30.38
N SER B 54 28.15 -1.69 31.47
CA SER B 54 29.03 -2.85 31.47
C SER B 54 28.35 -4.00 30.74
N SER B 55 29.06 -5.11 30.56
CA SER B 55 28.50 -6.27 29.90
C SER B 55 27.37 -6.88 30.73
N SER B 56 27.60 -7.02 32.03
CA SER B 56 26.61 -7.59 32.94
C SER B 56 25.38 -6.71 33.04
N GLN B 57 25.57 -5.39 32.93
CA GLN B 57 24.47 -4.45 32.98
C GLN B 57 23.59 -4.56 31.74
N LEU B 58 24.22 -4.69 30.58
CA LEU B 58 23.50 -4.84 29.33
C LEU B 58 22.67 -6.12 29.33
N GLU B 59 23.21 -7.19 29.91
CA GLU B 59 22.50 -8.45 30.01
C GLU B 59 21.30 -8.33 30.93
N LYS B 60 21.49 -7.68 32.08
CA LYS B 60 20.45 -7.53 33.08
C LYS B 60 19.29 -6.67 32.58
N VAL B 61 19.62 -5.58 31.89
CA VAL B 61 18.61 -4.65 31.40
C VAL B 61 17.80 -5.26 30.25
N CYS B 62 18.48 -5.95 29.33
CA CYS B 62 17.80 -6.58 28.21
C CYS B 62 16.91 -7.74 28.69
N LYS B 63 17.33 -8.41 29.76
CA LYS B 63 16.49 -9.44 30.36
C LYS B 63 15.24 -8.81 30.96
N LYS B 64 15.40 -7.65 31.62
CA LYS B 64 14.27 -6.96 32.22
C LYS B 64 13.26 -6.54 31.16
N ALA B 65 13.78 -6.11 30.01
CA ALA B 65 12.93 -5.70 28.89
C ALA B 65 12.15 -6.88 28.34
N ARG B 66 12.84 -8.01 28.16
CA ARG B 66 12.19 -9.22 27.65
C ARG B 66 11.11 -9.71 28.60
N ASN B 67 11.44 -9.76 29.89
CA ASN B 67 10.51 -10.23 30.90
C ASN B 67 9.30 -9.30 31.05
N ALA B 68 9.45 -8.07 30.58
CA ALA B 68 8.38 -7.07 30.67
C ALA B 68 7.45 -7.14 29.46
N GLY B 69 7.81 -7.96 28.47
CA GLY B 69 6.97 -8.14 27.30
C GLY B 69 7.61 -7.71 25.99
N LEU B 70 8.79 -7.10 26.07
CA LEU B 70 9.53 -6.72 24.87
C LEU B 70 10.36 -7.91 24.40
N LEU B 71 9.68 -8.90 23.83
CA LEU B 71 10.25 -10.21 23.55
C LEU B 71 11.40 -10.21 22.54
N GLY B 72 11.31 -9.35 21.53
CA GLY B 72 12.25 -9.37 20.41
C GLY B 72 13.71 -9.16 20.75
N ILE B 73 13.98 -8.51 21.88
CA ILE B 73 15.34 -8.13 22.24
C ILE B 73 16.23 -9.34 22.54
N ASN B 74 15.63 -10.47 22.88
CA ASN B 74 16.39 -11.65 23.29
C ASN B 74 17.23 -12.25 22.16
N THR B 75 16.84 -11.96 20.93
CA THR B 75 17.54 -12.50 19.76
C THR B 75 18.87 -11.79 19.52
N TYR B 76 18.97 -10.54 20.00
CA TYR B 76 20.15 -9.72 19.72
C TYR B 76 21.15 -9.62 20.88
N ALA B 77 20.64 -9.63 22.11
CA ALA B 77 21.48 -9.35 23.28
C ALA B 77 22.60 -10.35 23.49
N LEU B 78 22.24 -11.59 23.84
CA LEU B 78 23.21 -12.62 24.20
C LEU B 78 24.31 -12.91 23.15
N PRO B 79 23.95 -13.03 21.86
CA PRO B 79 25.02 -13.29 20.89
C PRO B 79 26.10 -12.21 20.81
N LEU B 80 25.70 -10.94 20.95
CA LEU B 80 26.64 -9.83 20.86
C LEU B 80 27.51 -9.72 22.10
N LEU B 81 26.93 -10.01 23.26
CA LEU B 81 27.68 -9.97 24.51
C LEU B 81 28.70 -11.09 24.57
N LYS B 82 28.39 -12.20 23.90
CA LYS B 82 29.31 -13.31 23.79
C LYS B 82 30.48 -12.95 22.88
N PHE B 83 30.22 -12.12 21.88
CA PHE B 83 31.27 -11.67 20.98
C PHE B 83 32.25 -10.75 21.71
N HIS B 84 31.71 -9.91 22.59
CA HIS B 84 32.54 -9.03 23.40
C HIS B 84 33.49 -9.83 24.28
N GLU B 85 33.00 -10.95 24.81
CA GLU B 85 33.81 -11.84 25.61
C GLU B 85 34.93 -12.45 24.77
N TYR B 86 34.58 -12.87 23.56
CA TYR B 86 35.55 -13.40 22.61
C TYR B 86 36.61 -12.37 22.26
N PHE B 87 36.17 -11.15 21.99
CA PHE B 87 37.07 -10.07 21.61
C PHE B 87 38.03 -9.70 22.73
N SER B 88 37.54 -9.75 23.97
CA SER B 88 38.35 -9.39 25.13
C SER B 88 39.44 -10.44 25.40
N LYS B 89 39.08 -11.71 25.23
CA LYS B 89 40.01 -12.79 25.48
C LYS B 89 41.10 -12.85 24.42
N ALA B 90 40.70 -12.81 23.16
CA ALA B 90 41.63 -12.92 22.04
C ALA B 90 42.64 -11.78 21.99
N ARG B 91 42.23 -10.62 22.50
CA ARG B 91 43.07 -9.43 22.51
C ARG B 91 44.27 -9.61 23.45
N LEU B 92 44.07 -10.31 24.56
CA LEU B 92 45.10 -10.47 25.58
C LEU B 92 46.04 -11.64 25.30
N ILE B 93 45.56 -12.63 24.55
CA ILE B 93 46.32 -13.84 24.30
C ILE B 93 47.34 -13.67 23.16
N THR B 94 46.90 -13.09 22.05
CA THR B 94 47.77 -12.89 20.90
C THR B 94 48.91 -11.93 21.21
N PHE B 99 43.79 -6.87 16.90
CA PHE B 99 42.96 -6.60 18.06
C PHE B 99 43.36 -5.30 18.74
N ASN B 100 44.14 -4.49 18.05
CA ASN B 100 44.59 -3.21 18.58
C ASN B 100 43.53 -2.13 18.41
N SER B 101 42.64 -2.34 17.43
CA SER B 101 41.60 -1.36 17.11
C SER B 101 40.31 -2.03 16.69
N LEU B 102 39.23 -1.26 16.70
CA LEU B 102 37.93 -1.75 16.23
C LEU B 102 37.97 -2.02 14.73
N LYS B 103 38.90 -1.34 14.05
CA LYS B 103 39.08 -1.53 12.60
C LYS B 103 39.55 -2.94 12.27
N ASN B 104 40.18 -3.60 13.23
CA ASN B 104 40.74 -4.92 13.02
C ASN B 104 39.68 -6.01 12.90
N ILE B 105 38.46 -5.70 13.32
CA ILE B 105 37.36 -6.65 13.23
C ILE B 105 36.94 -6.87 11.78
N ASP B 106 37.08 -8.10 11.30
CA ASP B 106 36.71 -8.44 9.93
C ASP B 106 35.90 -9.72 9.88
N GLU B 107 35.62 -10.20 8.66
CA GLU B 107 34.81 -11.40 8.49
C GLU B 107 35.55 -12.67 8.89
N VAL B 108 36.88 -12.63 8.84
CA VAL B 108 37.68 -13.76 9.28
C VAL B 108 37.53 -13.93 10.79
N MET B 109 37.57 -12.83 11.52
CA MET B 109 37.43 -12.85 12.97
C MET B 109 36.03 -13.30 13.38
N LEU B 110 35.02 -12.76 12.71
CA LEU B 110 33.63 -13.08 13.01
C LEU B 110 33.34 -14.55 12.71
N ALA B 111 33.97 -15.07 11.67
CA ALA B 111 33.78 -16.47 11.29
C ALA B 111 34.35 -17.39 12.36
N GLU B 112 35.50 -17.01 12.92
CA GLU B 112 36.14 -17.79 13.97
C GLU B 112 35.30 -17.77 15.24
N PHE B 113 34.70 -16.61 15.53
CA PHE B 113 33.85 -16.47 16.69
C PHE B 113 32.66 -17.41 16.63
N LEU B 114 32.01 -17.44 15.46
CA LEU B 114 30.85 -18.31 15.24
C LEU B 114 31.23 -19.78 15.36
N SER B 115 32.44 -20.11 14.92
CA SER B 115 32.93 -21.49 15.00
C SER B 115 33.13 -21.92 16.44
N VAL B 116 33.66 -21.02 17.27
CA VAL B 116 33.98 -21.34 18.66
C VAL B 116 32.75 -21.35 19.56
N TYR B 117 31.86 -20.37 19.37
CA TYR B 117 30.76 -20.16 20.30
C TYR B 117 29.44 -20.82 19.90
N THR B 118 29.31 -21.25 18.65
CA THR B 118 28.07 -21.89 18.22
C THR B 118 28.25 -23.39 18.00
N GLY B 119 29.31 -23.95 18.58
CA GLY B 119 29.55 -25.37 18.49
C GLY B 119 28.57 -26.17 19.32
N GLY B 120 27.87 -27.10 18.69
CA GLY B 120 26.90 -27.93 19.38
C GLY B 120 25.50 -27.37 19.31
N LEU B 121 25.37 -26.15 18.79
CA LEU B 121 24.07 -25.52 18.63
C LEU B 121 23.46 -25.86 17.28
N SER B 122 22.14 -25.73 17.18
CA SER B 122 21.43 -26.05 15.95
C SER B 122 21.73 -25.04 14.84
N LEU B 123 21.42 -25.41 13.61
CA LEU B 123 21.63 -24.53 12.46
C LEU B 123 20.79 -23.27 12.57
N ALA B 124 19.58 -23.41 13.11
CA ALA B 124 18.68 -22.28 13.30
C ALA B 124 19.27 -21.30 14.30
N THR B 125 19.84 -21.83 15.38
CA THR B 125 20.48 -21.00 16.39
C THR B 125 21.71 -20.30 15.82
N LYS B 126 22.48 -21.04 15.03
CA LYS B 126 23.65 -20.47 14.33
C LYS B 126 23.24 -19.31 13.44
N LYS B 127 22.10 -19.46 12.78
CA LYS B 127 21.58 -18.42 11.89
C LYS B 127 21.23 -17.16 12.67
N ASN B 128 20.66 -17.33 13.85
CA ASN B 128 20.30 -16.20 14.71
C ASN B 128 21.52 -15.40 15.15
N TYR B 129 22.60 -16.11 15.49
CA TYR B 129 23.85 -15.46 15.87
C TYR B 129 24.39 -14.59 14.74
N ARG B 130 24.37 -15.14 13.52
CA ARG B 130 24.88 -14.44 12.36
C ARG B 130 24.05 -13.20 12.04
N ILE B 131 22.74 -13.32 12.18
CA ILE B 131 21.82 -12.20 11.93
C ILE B 131 22.10 -11.06 12.91
N ALA B 132 22.37 -11.40 14.16
CA ALA B 132 22.67 -10.41 15.18
C ALA B 132 23.95 -9.63 14.86
N LEU B 133 24.97 -10.36 14.41
CA LEU B 133 26.24 -9.75 14.03
C LEU B 133 26.07 -8.82 12.84
N LEU B 134 25.28 -9.26 11.85
CA LEU B 134 25.02 -8.45 10.67
C LEU B 134 24.31 -7.15 11.03
N GLY B 135 23.43 -7.21 12.03
CA GLY B 135 22.69 -6.05 12.47
C GLY B 135 23.55 -5.04 13.18
N LEU B 136 24.43 -5.52 14.05
CA LEU B 136 25.32 -4.65 14.83
C LEU B 136 26.23 -3.81 13.94
N PHE B 137 26.98 -4.47 13.06
CA PHE B 137 27.97 -3.78 12.24
C PHE B 137 27.34 -2.97 11.11
N SER B 138 26.11 -3.31 10.75
CA SER B 138 25.35 -2.50 9.80
C SER B 138 24.95 -1.19 10.49
N TYR B 139 24.58 -1.30 11.75
CA TYR B 139 24.23 -0.15 12.57
C TYR B 139 25.44 0.78 12.73
N ILE B 140 26.59 0.19 13.07
CA ILE B 140 27.81 0.94 13.28
C ILE B 140 28.23 1.69 12.01
N ASP B 141 28.08 1.03 10.86
CA ASP B 141 28.40 1.64 9.57
C ASP B 141 27.54 2.88 9.29
N LYS B 142 26.32 2.88 9.82
CA LYS B 142 25.39 3.98 9.56
C LYS B 142 25.47 5.09 10.59
N GLN B 143 26.10 4.81 11.73
CA GLN B 143 26.06 5.76 12.84
C GLN B 143 27.43 6.34 13.22
N ASN B 144 28.51 5.80 12.66
CA ASN B 144 29.83 6.33 13.00
C ASN B 144 30.26 7.43 12.05
N GLN B 145 30.93 8.45 12.59
CA GLN B 145 31.37 9.60 11.80
C GLN B 145 32.31 10.49 12.62
N ASP B 146 33.38 10.97 11.99
CA ASP B 146 34.33 11.86 12.66
CA ASP B 146 34.33 11.85 12.66
C ASP B 146 33.96 13.32 12.45
N GLU B 147 34.84 14.22 12.86
CA GLU B 147 34.60 15.65 12.74
C GLU B 147 34.62 16.12 11.28
N ASN B 148 35.32 15.36 10.44
CA ASN B 148 35.45 15.72 9.03
C ASN B 148 34.36 15.09 8.17
N GLU B 149 33.29 14.64 8.82
CA GLU B 149 32.16 13.98 8.16
C GLU B 149 32.61 12.76 7.35
N LYS B 150 33.62 12.06 7.87
CA LYS B 150 34.09 10.82 7.26
C LYS B 150 33.77 9.64 8.18
N SER B 151 33.60 8.46 7.59
CA SER B 151 33.20 7.29 8.36
C SER B 151 34.02 6.05 8.00
N TYR B 152 34.08 5.10 8.93
CA TYR B 152 34.68 3.80 8.64
C TYR B 152 33.59 2.82 8.26
N ILE B 153 33.84 2.01 7.24
CA ILE B 153 32.84 1.10 6.73
C ILE B 153 33.29 -0.36 6.81
N TYR B 154 32.56 -1.16 7.58
CA TYR B 154 32.84 -2.58 7.72
C TYR B 154 32.37 -3.37 6.50
N ASN B 155 31.13 -3.14 6.10
CA ASN B 155 30.49 -3.87 5.01
C ASN B 155 30.56 -5.37 5.23
N ILE B 156 30.08 -5.82 6.39
CA ILE B 156 30.06 -7.23 6.73
C ILE B 156 28.83 -7.92 6.12
N THR B 157 29.05 -8.98 5.36
CA THR B 157 27.95 -9.70 4.73
C THR B 157 27.91 -11.16 5.17
N LEU B 158 29.09 -11.75 5.41
CA LEU B 158 29.21 -13.13 5.87
C LEU B 158 28.45 -14.11 4.98
N LYS B 159 28.67 -14.01 3.67
CA LYS B 159 27.98 -14.86 2.71
C LYS B 159 28.50 -16.30 2.75
N LYS B 171 10.86 -33.56 4.94
CA LYS B 171 10.98 -32.13 5.14
C LYS B 171 9.78 -31.58 5.89
N LEU B 172 8.82 -32.44 6.17
CA LEU B 172 7.62 -32.05 6.91
C LEU B 172 7.92 -31.98 8.40
N PRO B 173 7.57 -30.85 9.04
CA PRO B 173 7.80 -30.65 10.47
C PRO B 173 7.14 -31.73 11.34
N THR B 174 7.64 -31.89 12.56
CA THR B 174 7.13 -32.91 13.48
C THR B 174 5.64 -32.73 13.75
N HIS B 175 4.89 -33.81 13.60
CA HIS B 175 3.44 -33.75 13.71
C HIS B 175 2.82 -35.09 14.12
N LEU B 176 1.51 -35.07 14.35
CA LEU B 176 0.75 -36.30 14.57
C LEU B 176 -0.07 -36.60 13.33
N ASN B 177 -0.09 -37.86 12.90
CA ASN B 177 -0.92 -38.24 11.77
C ASN B 177 -2.38 -38.38 12.17
N ASN B 178 -3.23 -38.79 11.23
CA ASN B 178 -4.66 -38.88 11.48
C ASN B 178 -5.02 -39.84 12.62
N GLU B 179 -4.36 -41.00 12.64
CA GLU B 179 -4.64 -42.01 13.66
C GLU B 179 -4.13 -41.55 15.03
N GLU B 180 -2.97 -40.91 15.05
CA GLU B 180 -2.38 -40.43 16.29
C GLU B 180 -3.15 -39.24 16.86
N LEU B 181 -3.77 -38.47 15.98
CA LEU B 181 -4.61 -37.35 16.39
C LEU B 181 -5.85 -37.86 17.13
N GLU B 182 -6.43 -38.94 16.62
CA GLU B 182 -7.62 -39.53 17.23
C GLU B 182 -7.30 -40.06 18.62
N LYS B 183 -6.13 -40.68 18.77
CA LYS B 183 -5.71 -41.21 20.06
C LYS B 183 -5.42 -40.09 21.05
N PHE B 184 -4.91 -38.97 20.54
CA PHE B 184 -4.61 -37.83 21.39
C PHE B 184 -5.89 -37.20 21.93
N LEU B 185 -6.91 -37.10 21.07
CA LEU B 185 -8.20 -36.55 21.47
C LEU B 185 -8.86 -37.40 22.55
N GLU B 186 -8.76 -38.72 22.41
CA GLU B 186 -9.31 -39.64 23.39
C GLU B 186 -8.56 -39.53 24.72
N SER B 187 -7.26 -39.28 24.62
CA SER B 187 -6.41 -39.19 25.81
C SER B 187 -6.73 -37.95 26.65
N ILE B 188 -7.23 -36.90 26.00
CA ILE B 188 -7.59 -35.67 26.70
C ILE B 188 -8.71 -35.94 27.70
N ASP B 189 -9.68 -36.77 27.31
CA ASP B 189 -10.81 -37.08 28.17
C ASP B 189 -10.50 -38.26 29.08
N LYS B 190 -9.53 -39.08 28.69
CA LYS B 190 -9.21 -40.30 29.44
C LYS B 190 -8.24 -40.03 30.59
N ILE B 191 -7.30 -39.10 30.38
CA ILE B 191 -6.30 -38.80 31.39
C ILE B 191 -6.95 -38.15 32.62
N GLU B 192 -6.37 -38.37 33.79
CA GLU B 192 -6.91 -37.82 35.02
C GLU B 192 -6.52 -36.35 35.18
N MET B 193 -7.51 -35.52 35.54
CA MET B 193 -7.25 -34.12 35.82
C MET B 193 -7.93 -33.71 37.12
N SER B 194 -7.39 -32.68 37.77
CA SER B 194 -8.00 -32.12 38.96
C SER B 194 -9.36 -31.53 38.62
N ALA B 195 -10.27 -31.56 39.59
CA ALA B 195 -11.63 -31.07 39.37
C ALA B 195 -11.66 -29.57 39.13
N LYS B 196 -10.65 -28.87 39.64
CA LYS B 196 -10.61 -27.42 39.53
C LYS B 196 -10.10 -26.93 38.18
N VAL B 197 -9.49 -27.83 37.40
CA VAL B 197 -8.89 -27.43 36.13
C VAL B 197 -9.34 -28.27 34.93
N ARG B 198 -10.11 -29.32 35.19
CA ARG B 198 -10.43 -30.30 34.13
C ARG B 198 -11.23 -29.69 32.97
N ALA B 199 -12.32 -29.01 33.28
CA ALA B 199 -13.20 -28.45 32.26
C ALA B 199 -12.46 -27.42 31.40
N ARG B 200 -11.69 -26.55 32.06
CA ARG B 200 -10.96 -25.50 31.36
C ARG B 200 -9.86 -26.05 30.47
N ASN B 201 -9.06 -26.96 31.01
CA ASN B 201 -7.92 -27.52 30.29
C ASN B 201 -8.34 -28.37 29.10
N ARG B 202 -9.40 -29.15 29.25
CA ARG B 202 -9.88 -29.99 28.16
C ARG B 202 -10.36 -29.13 26.99
N LEU B 203 -11.10 -28.07 27.30
CA LEU B 203 -11.62 -27.19 26.26
C LEU B 203 -10.50 -26.44 25.54
N LEU B 204 -9.53 -25.94 26.30
CA LEU B 204 -8.42 -25.18 25.75
C LEU B 204 -7.59 -25.99 24.75
N ILE B 205 -7.29 -27.23 25.12
CA ILE B 205 -6.43 -28.07 24.29
C ILE B 205 -7.18 -28.59 23.05
N LYS B 206 -8.45 -28.93 23.22
CA LYS B 206 -9.27 -29.39 22.09
C LYS B 206 -9.43 -28.31 21.03
N ILE B 207 -9.60 -27.07 21.46
CA ILE B 207 -9.74 -25.94 20.54
C ILE B 207 -8.48 -25.79 19.69
N ILE B 208 -7.33 -25.97 20.32
CA ILE B 208 -6.04 -25.90 19.60
C ILE B 208 -5.95 -27.01 18.55
N VAL B 209 -6.39 -28.22 18.92
CA VAL B 209 -6.36 -29.35 18.00
C VAL B 209 -7.27 -29.12 16.80
N PHE B 210 -8.48 -28.63 17.06
CA PHE B 210 -9.49 -28.48 16.03
C PHE B 210 -9.29 -27.27 15.13
N THR B 211 -8.54 -26.28 15.61
CA THR B 211 -8.36 -25.04 14.85
C THR B 211 -6.91 -24.88 14.37
N GLY B 212 -5.97 -25.37 15.17
CA GLY B 212 -4.57 -25.26 14.83
C GLY B 212 -4.02 -23.86 15.04
N MET B 213 -4.70 -23.08 15.89
CA MET B 213 -4.25 -21.72 16.16
C MET B 213 -3.01 -21.72 17.03
N ARG B 214 -2.27 -20.61 17.00
CA ARG B 214 -1.02 -20.50 17.76
C ARG B 214 -1.27 -20.49 19.26
N SER B 215 -0.20 -20.69 20.03
CA SER B 215 -0.29 -20.77 21.48
C SER B 215 -0.88 -19.52 22.11
N ASN B 216 -0.28 -18.37 21.79
CA ASN B 216 -0.72 -17.09 22.35
C ASN B 216 -2.12 -16.71 21.88
N GLU B 217 -2.48 -17.17 20.68
CA GLU B 217 -3.80 -16.90 20.14
C GLU B 217 -4.89 -17.57 20.98
N ALA B 218 -4.63 -18.80 21.40
CA ALA B 218 -5.57 -19.55 22.23
C ALA B 218 -5.66 -18.98 23.63
N LEU B 219 -4.53 -18.51 24.15
CA LEU B 219 -4.45 -18.00 25.52
C LEU B 219 -5.12 -16.63 25.65
N GLN B 220 -5.28 -15.93 24.54
CA GLN B 220 -5.86 -14.58 24.57
C GLN B 220 -7.27 -14.53 23.99
N LEU B 221 -7.86 -15.71 23.79
CA LEU B 221 -9.22 -15.79 23.25
C LEU B 221 -10.25 -15.13 24.17
N LYS B 222 -11.24 -14.50 23.57
CA LYS B 222 -12.35 -13.92 24.32
C LYS B 222 -13.65 -14.66 24.03
N ILE B 223 -14.61 -14.55 24.93
CA ILE B 223 -15.91 -15.20 24.75
C ILE B 223 -16.61 -14.66 23.49
N LYS B 224 -16.49 -13.36 23.26
CA LYS B 224 -17.17 -12.73 22.14
C LYS B 224 -16.49 -13.00 20.80
N ASP B 225 -15.43 -13.80 20.83
CA ASP B 225 -14.79 -14.26 19.60
C ASP B 225 -15.57 -15.45 19.03
N PHE B 226 -16.52 -15.95 19.81
CA PHE B 226 -17.31 -17.12 19.43
C PHE B 226 -18.73 -16.75 19.02
N THR B 227 -19.14 -17.22 17.83
CA THR B 227 -20.53 -17.09 17.40
C THR B 227 -21.04 -18.45 16.90
N LEU B 228 -22.26 -18.80 17.30
CA LEU B 228 -22.85 -20.07 16.93
C LEU B 228 -24.04 -19.89 15.99
N GLU B 229 -24.03 -20.61 14.88
CA GLU B 229 -25.14 -20.58 13.94
C GLU B 229 -25.24 -21.89 13.16
N ASN B 230 -26.43 -22.48 13.19
CA ASN B 230 -26.70 -23.74 12.50
C ASN B 230 -25.74 -24.86 12.92
N GLY B 231 -25.48 -24.96 14.21
CA GLY B 231 -24.66 -26.02 14.76
C GLY B 231 -23.20 -25.95 14.35
N CYS B 232 -22.68 -24.75 14.18
CA CYS B 232 -21.27 -24.57 13.81
C CYS B 232 -20.71 -23.26 14.39
N TYR B 233 -19.63 -23.39 15.14
CA TYR B 233 -18.98 -22.23 15.75
C TYR B 233 -18.03 -21.53 14.77
N THR B 234 -18.05 -20.21 14.79
CA THR B 234 -17.06 -19.42 14.05
C THR B 234 -16.19 -18.66 15.03
N ILE B 235 -14.91 -18.98 15.05
CA ILE B 235 -13.98 -18.36 15.98
C ILE B 235 -13.11 -17.31 15.29
N LEU B 236 -13.17 -16.08 15.77
CA LEU B 236 -12.37 -15.00 15.23
C LEU B 236 -11.04 -14.89 15.95
N ILE B 237 -9.95 -14.99 15.20
CA ILE B 237 -8.61 -14.94 15.78
C ILE B 237 -7.88 -13.65 15.41
N LYS B 238 -7.56 -12.84 16.40
CA LYS B 238 -6.85 -11.58 16.19
C LYS B 238 -5.36 -11.82 15.93
N GLY B 239 -4.86 -11.31 14.80
CA GLY B 239 -3.48 -11.51 14.43
C GLY B 239 -2.73 -10.22 14.12
N LYS B 240 -1.76 -10.31 13.22
CA LYS B 240 -0.94 -9.17 12.84
C LYS B 240 -1.77 -8.07 12.19
N GLY B 241 -1.38 -6.83 12.44
CA GLY B 241 -2.12 -5.68 11.93
C GLY B 241 -3.45 -5.52 12.66
N ASP B 242 -3.58 -6.19 13.79
CA ASP B 242 -4.82 -6.23 14.57
C ASP B 242 -6.00 -6.69 13.72
N LYS B 243 -5.71 -7.49 12.70
CA LYS B 243 -6.75 -8.02 11.82
C LYS B 243 -7.15 -9.43 12.24
N TYR B 244 -8.41 -9.78 12.01
CA TYR B 244 -8.93 -11.07 12.41
C TYR B 244 -9.00 -12.07 11.26
N ARG B 245 -8.74 -13.33 11.55
CA ARG B 245 -8.98 -14.42 10.61
C ARG B 245 -10.02 -15.35 11.21
N ALA B 246 -10.77 -16.04 10.36
CA ALA B 246 -11.88 -16.86 10.82
C ALA B 246 -11.60 -18.36 10.65
N VAL B 247 -11.92 -19.12 11.69
CA VAL B 247 -11.87 -20.57 11.63
C VAL B 247 -13.19 -21.15 12.13
N MET B 248 -13.67 -22.21 11.49
CA MET B 248 -14.95 -22.79 11.87
C MET B 248 -14.78 -24.18 12.49
N LEU B 249 -15.71 -24.54 13.35
CA LEU B 249 -15.67 -25.81 14.06
C LEU B 249 -17.07 -26.30 14.38
N LYS B 250 -17.33 -27.57 14.09
CA LYS B 250 -18.63 -28.18 14.37
C LYS B 250 -18.96 -28.11 15.85
N ALA B 251 -20.21 -27.78 16.16
CA ALA B 251 -20.63 -27.49 17.52
C ALA B 251 -20.47 -28.68 18.47
N PHE B 252 -20.75 -29.88 18.00
CA PHE B 252 -20.77 -31.05 18.87
C PHE B 252 -19.40 -31.39 19.44
N HIS B 253 -18.35 -30.77 18.91
CA HIS B 253 -16.99 -31.03 19.39
C HIS B 253 -16.71 -30.36 20.73
N ILE B 254 -17.24 -29.17 20.95
CA ILE B 254 -16.88 -28.40 22.14
C ILE B 254 -18.05 -27.75 22.89
N GLU B 255 -19.28 -27.92 22.38
CA GLU B 255 -20.42 -27.20 22.94
C GLU B 255 -20.71 -27.58 24.39
N SER B 256 -20.58 -28.85 24.71
CA SER B 256 -20.83 -29.31 26.08
C SER B 256 -19.74 -28.80 27.03
N LEU B 257 -18.48 -28.90 26.59
CA LEU B 257 -17.36 -28.41 27.38
C LEU B 257 -17.42 -26.90 27.57
N LEU B 258 -17.87 -26.20 26.54
CA LEU B 258 -17.95 -24.74 26.58
C LEU B 258 -18.99 -24.27 27.60
N LYS B 259 -20.17 -24.90 27.59
CA LYS B 259 -21.23 -24.55 28.51
C LYS B 259 -20.83 -24.85 29.96
N GLU B 260 -20.11 -25.94 30.14
CA GLU B 260 -19.67 -26.35 31.48
C GLU B 260 -18.62 -25.40 32.05
N TRP B 261 -17.66 -25.01 31.23
CA TRP B 261 -16.57 -24.14 31.67
C TRP B 261 -17.05 -22.73 31.99
N LEU B 262 -17.94 -22.21 31.16
CA LEU B 262 -18.46 -20.85 31.35
C LEU B 262 -19.18 -20.72 32.69
N ILE B 263 -19.83 -21.80 33.12
CA ILE B 263 -20.48 -21.84 34.42
C ILE B 263 -19.43 -21.78 35.54
N GLU B 264 -18.43 -22.65 35.43
CA GLU B 264 -17.33 -22.68 36.39
C GLU B 264 -16.57 -21.37 36.40
N ARG B 265 -16.51 -20.73 35.22
CA ARG B 265 -15.77 -19.48 35.04
C ARG B 265 -16.31 -18.35 35.91
N GLU B 266 -17.59 -18.43 36.27
CA GLU B 266 -18.23 -17.40 37.08
C GLU B 266 -17.63 -17.30 38.49
N LEU B 267 -16.91 -18.34 38.91
CA LEU B 267 -16.26 -18.34 40.21
C LEU B 267 -14.97 -17.53 40.18
N TYR B 268 -14.49 -17.25 38.96
CA TYR B 268 -13.23 -16.53 38.77
C TYR B 268 -13.45 -15.03 38.67
N PRO B 269 -12.51 -14.25 39.22
CA PRO B 269 -12.52 -12.79 39.09
C PRO B 269 -11.93 -12.34 37.75
N VAL B 270 -12.42 -12.89 36.65
CA VAL B 270 -11.87 -12.62 35.33
C VAL B 270 -12.54 -11.40 34.69
N LYS B 271 -11.73 -10.56 34.06
CA LYS B 271 -12.25 -9.36 33.39
C LYS B 271 -11.96 -9.35 31.89
N ASN B 272 -12.52 -8.36 31.20
CA ASN B 272 -12.29 -8.14 29.77
C ASN B 272 -12.70 -9.31 28.90
N ASP B 273 -13.69 -10.08 29.37
CA ASP B 273 -14.30 -11.17 28.60
C ASP B 273 -13.29 -12.26 28.19
N LEU B 274 -12.20 -12.35 28.96
CA LEU B 274 -11.17 -13.37 28.70
C LEU B 274 -11.73 -14.77 28.94
N LEU B 275 -11.56 -15.65 27.96
CA LEU B 275 -12.14 -16.99 28.03
C LEU B 275 -11.44 -17.87 29.07
N PHE B 276 -10.14 -18.10 28.87
CA PHE B 276 -9.38 -18.93 29.80
C PHE B 276 -8.58 -18.07 30.78
N CYS B 277 -8.61 -18.42 32.06
CA CYS B 277 -7.91 -17.66 33.08
C CYS B 277 -7.43 -18.54 34.22
N ASN B 278 -6.43 -18.04 34.96
CA ASN B 278 -5.99 -18.70 36.17
C ASN B 278 -6.91 -18.33 37.32
N GLN B 279 -6.59 -18.78 38.54
CA GLN B 279 -7.42 -18.49 39.70
C GLN B 279 -7.41 -17.00 40.06
N LYS B 280 -6.35 -16.30 39.67
CA LYS B 280 -6.25 -14.87 39.92
C LYS B 280 -7.13 -14.09 38.93
N GLY B 281 -7.46 -14.73 37.82
CA GLY B 281 -8.35 -14.12 36.84
C GLY B 281 -7.66 -13.59 35.60
N SER B 282 -6.36 -13.85 35.47
CA SER B 282 -5.58 -13.36 34.34
C SER B 282 -5.23 -14.50 33.39
N ALA B 283 -4.68 -14.15 32.23
CA ALA B 283 -4.37 -15.14 31.19
C ALA B 283 -3.32 -16.16 31.63
N LEU B 284 -3.47 -17.39 31.15
CA LEU B 284 -2.52 -18.45 31.44
C LEU B 284 -1.22 -18.26 30.66
N THR B 285 -0.14 -18.85 31.15
CA THR B 285 1.16 -18.72 30.50
C THR B 285 1.43 -19.85 29.51
N GLN B 286 2.40 -19.65 28.65
CA GLN B 286 2.82 -20.66 27.68
C GLN B 286 3.40 -21.88 28.40
N ALA B 287 4.05 -21.63 29.54
CA ALA B 287 4.67 -22.70 30.33
C ALA B 287 3.64 -23.69 30.85
N TYR B 288 2.51 -23.17 31.31
CA TYR B 288 1.44 -24.02 31.84
C TYR B 288 0.77 -24.82 30.72
N LEU B 289 0.58 -24.16 29.58
CA LEU B 289 -0.07 -24.81 28.44
C LEU B 289 0.77 -25.95 27.89
N TYR B 290 2.08 -25.74 27.79
CA TYR B 290 2.99 -26.76 27.28
C TYR B 290 2.97 -28.00 28.17
N LYS B 291 3.07 -27.79 29.47
CA LYS B 291 3.14 -28.89 30.43
C LYS B 291 1.86 -29.71 30.44
N GLN B 292 0.73 -29.06 30.20
CA GLN B 292 -0.55 -29.74 30.13
C GLN B 292 -0.66 -30.57 28.85
N VAL B 293 -0.18 -30.01 27.74
CA VAL B 293 -0.18 -30.71 26.47
C VAL B 293 0.82 -31.88 26.51
N GLU B 294 1.99 -31.64 27.07
CA GLU B 294 3.06 -32.62 27.09
C GLU B 294 2.71 -33.87 27.90
N ARG B 295 2.02 -33.68 29.02
CA ARG B 295 1.68 -34.82 29.89
C ARG B 295 0.61 -35.70 29.24
N ILE B 296 -0.19 -35.11 28.37
CA ILE B 296 -1.19 -35.88 27.62
C ILE B 296 -0.50 -36.63 26.48
N ILE B 297 0.50 -35.98 25.87
CA ILE B 297 1.33 -36.63 24.86
C ILE B 297 2.02 -37.86 25.42
N ASN B 298 2.60 -37.72 26.61
CA ASN B 298 3.27 -38.83 27.27
C ASN B 298 2.29 -39.92 27.69
N PHE B 299 1.11 -39.52 28.14
CA PHE B 299 0.08 -40.47 28.56
C PHE B 299 -0.41 -41.28 27.37
N ALA B 300 -0.42 -40.66 26.19
CA ALA B 300 -0.90 -41.32 24.98
C ALA B 300 0.21 -42.13 24.32
N GLY B 301 1.44 -41.98 24.80
CA GLY B 301 2.57 -42.67 24.23
C GLY B 301 2.91 -42.13 22.84
N LEU B 302 2.87 -40.81 22.71
CA LEU B 302 3.10 -40.16 21.42
C LEU B 302 4.28 -39.20 21.46
N ARG B 303 5.17 -39.39 22.43
CA ARG B 303 6.32 -38.50 22.60
C ARG B 303 7.27 -38.57 21.42
N ARG B 304 7.71 -37.41 20.94
CA ARG B 304 8.60 -37.34 19.80
C ARG B 304 9.52 -36.11 19.87
N GLU B 305 9.97 -35.64 18.71
CA GLU B 305 10.93 -34.54 18.64
C GLU B 305 10.37 -33.24 19.22
N LYS B 306 9.10 -32.98 18.96
CA LYS B 306 8.40 -31.82 19.51
C LYS B 306 7.14 -32.29 20.23
N ASN B 307 6.86 -31.70 21.40
CA ASN B 307 5.75 -32.18 22.23
C ASN B 307 4.84 -31.08 22.77
N GLY B 308 4.77 -29.95 22.08
CA GLY B 308 3.98 -28.82 22.55
C GLY B 308 2.77 -28.50 21.71
N ALA B 309 2.19 -27.32 21.95
CA ALA B 309 0.98 -26.90 21.25
C ALA B 309 1.22 -26.61 19.77
N HIS B 310 2.41 -26.12 19.44
CA HIS B 310 2.71 -25.78 18.06
C HIS B 310 2.88 -27.04 17.22
N MET B 311 3.21 -28.15 17.86
CA MET B 311 3.30 -29.43 17.18
C MET B 311 1.90 -29.85 16.74
N LEU B 312 0.91 -29.51 17.55
CA LEU B 312 -0.48 -29.77 17.21
C LEU B 312 -0.92 -28.89 16.05
N ARG B 313 -0.34 -27.68 15.99
CA ARG B 313 -0.64 -26.74 14.91
C ARG B 313 -0.13 -27.29 13.57
N HIS B 314 1.07 -27.87 13.59
CA HIS B 314 1.61 -28.53 12.40
C HIS B 314 0.74 -29.72 12.01
N SER B 315 0.18 -30.39 13.02
CA SER B 315 -0.65 -31.57 12.80
C SER B 315 -1.97 -31.21 12.12
N PHE B 316 -2.52 -30.06 12.48
CA PHE B 316 -3.76 -29.58 11.88
C PHE B 316 -3.56 -29.23 10.41
N ALA B 317 -2.47 -28.52 10.11
CA ALA B 317 -2.17 -28.10 8.74
C ALA B 317 -1.93 -29.30 7.84
N THR B 318 -1.23 -30.31 8.37
CA THR B 318 -0.92 -31.51 7.60
C THR B 318 -2.19 -32.28 7.24
N LEU B 319 -3.08 -32.41 8.22
CA LEU B 319 -4.35 -33.11 8.02
C LEU B 319 -5.26 -32.34 7.06
N LEU B 320 -5.18 -31.02 7.12
CA LEU B 320 -6.04 -30.17 6.29
C LEU B 320 -5.71 -30.31 4.81
N TYR B 321 -4.43 -30.37 4.48
CA TYR B 321 -4.03 -30.54 3.09
C TYR B 321 -4.21 -31.98 2.64
N GLN B 322 -4.13 -32.90 3.59
CA GLN B 322 -4.29 -34.33 3.28
C GLN B 322 -5.71 -34.64 2.82
N LYS B 323 -6.69 -34.02 3.46
CA LYS B 323 -8.09 -34.36 3.24
C LYS B 323 -8.79 -33.44 2.24
N ARG B 324 -8.16 -32.32 1.89
CA ARG B 324 -8.81 -31.36 0.99
C ARG B 324 -7.96 -30.99 -0.21
N HIS B 325 -6.65 -31.17 -0.08
CA HIS B 325 -5.70 -30.88 -1.16
C HIS B 325 -5.85 -29.44 -1.66
N ASP B 326 -6.14 -28.54 -0.74
CA ASP B 326 -6.36 -27.13 -1.07
C ASP B 326 -5.37 -26.26 -0.31
N LEU B 327 -4.37 -25.75 -1.04
CA LEU B 327 -3.29 -24.99 -0.42
C LEU B 327 -3.75 -23.63 0.07
N ILE B 328 -4.63 -22.99 -0.69
CA ILE B 328 -5.19 -21.69 -0.30
C ILE B 328 -5.97 -21.83 1.01
N LEU B 329 -6.69 -22.95 1.13
CA LEU B 329 -7.47 -23.23 2.33
C LEU B 329 -6.58 -23.35 3.56
N VAL B 330 -5.41 -23.95 3.39
CA VAL B 330 -4.43 -24.08 4.47
C VAL B 330 -3.88 -22.71 4.87
N GLN B 331 -3.57 -21.89 3.87
CA GLN B 331 -3.02 -20.56 4.11
C GLN B 331 -3.95 -19.67 4.94
N GLU B 332 -5.22 -19.68 4.57
CA GLU B 332 -6.21 -18.80 5.20
C GLU B 332 -6.58 -19.28 6.59
N ALA B 333 -6.63 -20.60 6.78
CA ALA B 333 -7.00 -21.18 8.06
C ALA B 333 -5.89 -21.03 9.09
N LEU B 334 -4.65 -21.23 8.64
CA LEU B 334 -3.50 -21.15 9.53
C LEU B 334 -3.04 -19.71 9.75
N GLY B 335 -3.35 -18.84 8.79
CA GLY B 335 -3.02 -17.43 8.90
C GLY B 335 -1.65 -17.08 8.33
N HIS B 336 -1.23 -17.84 7.33
CA HIS B 336 0.04 -17.58 6.64
C HIS B 336 -0.08 -16.37 5.73
N ALA B 337 0.95 -15.53 5.72
CA ALA B 337 0.98 -14.36 4.85
C ALA B 337 1.26 -14.77 3.42
N SER B 338 2.08 -15.80 3.26
CA SER B 338 2.47 -16.29 1.93
C SER B 338 2.16 -17.77 1.76
N LEU B 339 1.98 -18.18 0.51
CA LEU B 339 1.71 -19.58 0.18
C LEU B 339 2.97 -20.43 0.26
N ASN B 340 4.13 -19.76 0.23
CA ASN B 340 5.41 -20.45 0.36
C ASN B 340 5.59 -21.07 1.74
N THR B 341 4.87 -20.53 2.72
CA THR B 341 4.87 -21.08 4.06
C THR B 341 4.01 -22.34 4.11
N SER B 342 2.85 -22.28 3.46
CA SER B 342 1.93 -23.41 3.43
C SER B 342 2.49 -24.59 2.66
N ARG B 343 3.48 -24.32 1.82
CA ARG B 343 4.08 -25.34 0.95
C ARG B 343 4.75 -26.47 1.73
N ILE B 344 5.24 -26.15 2.93
CA ILE B 344 6.01 -27.10 3.72
C ILE B 344 5.18 -28.29 4.19
N TYR B 345 3.86 -28.21 4.03
CA TYR B 345 2.98 -29.30 4.44
C TYR B 345 2.54 -30.13 3.23
N THR B 346 3.26 -30.00 2.13
CA THR B 346 2.91 -30.71 0.90
C THR B 346 4.04 -31.60 0.40
N HIS B 347 3.68 -32.69 -0.28
CA HIS B 347 4.64 -33.60 -0.87
C HIS B 347 4.20 -33.97 -2.29
N PHE B 348 4.93 -33.48 -3.28
CA PHE B 348 4.56 -33.68 -4.68
C PHE B 348 5.22 -34.92 -5.28
N ASP B 349 4.39 -35.78 -5.88
CA ASP B 349 4.89 -36.95 -6.58
C ASP B 349 5.31 -36.56 -8.00
N LYS B 350 6.58 -36.80 -8.32
CA LYS B 350 7.15 -36.39 -9.60
C LYS B 350 6.47 -37.06 -10.80
N GLN B 351 5.83 -38.19 -10.56
CA GLN B 351 5.14 -38.92 -11.63
C GLN B 351 3.83 -38.25 -12.02
N ARG B 352 3.39 -37.30 -11.19
CA ARG B 352 2.13 -36.60 -11.43
C ARG B 352 2.27 -35.50 -12.48
N LEU B 353 3.44 -35.39 -13.08
CA LEU B 353 3.66 -34.44 -14.16
C LEU B 353 2.89 -34.88 -15.42
N GLU B 354 2.53 -36.16 -15.46
CA GLU B 354 1.74 -36.69 -16.56
C GLU B 354 0.33 -36.12 -16.54
N GLU B 355 -0.14 -35.77 -15.35
CA GLU B 355 -1.46 -35.18 -15.18
C GLU B 355 -1.53 -33.80 -15.80
N ALA B 356 -0.38 -33.13 -15.89
CA ALA B 356 -0.30 -31.82 -16.51
C ALA B 356 -0.16 -31.93 -18.02
N ALA B 357 0.29 -33.10 -18.48
CA ALA B 357 0.51 -33.33 -19.89
C ALA B 357 -0.74 -33.92 -20.56
N SER B 358 -1.73 -34.27 -19.76
CA SER B 358 -2.94 -34.90 -20.27
C SER B 358 -4.11 -33.91 -20.31
N ILE B 359 -3.82 -32.65 -20.04
CA ILE B 359 -4.85 -31.61 -20.00
C ILE B 359 -5.33 -31.22 -21.40
N TRP B 360 -4.50 -31.48 -22.41
CA TRP B 360 -4.83 -31.10 -23.78
C TRP B 360 -5.94 -31.98 -24.36
N GLU B 361 -5.88 -33.27 -24.05
CA GLU B 361 -6.90 -34.20 -24.50
C GLU B 361 -8.23 -33.97 -23.78
N MET C 2 -1.62 35.60 19.23
CA MET C 2 -0.56 35.93 18.28
C MET C 2 0.57 34.91 18.37
N LYS C 3 1.80 35.38 18.17
CA LYS C 3 2.97 34.51 18.22
C LYS C 3 3.83 34.80 19.43
N HIS C 4 4.62 33.82 19.86
CA HIS C 4 5.43 33.94 21.06
C HIS C 4 6.83 33.39 20.82
N PRO C 5 7.81 33.87 21.60
CA PRO C 5 9.15 33.25 21.55
C PRO C 5 9.09 31.79 21.96
N LEU C 6 9.93 30.95 21.36
CA LEU C 6 9.94 29.52 21.65
C LEU C 6 10.18 29.26 23.13
N GLU C 7 11.15 29.97 23.70
CA GLU C 7 11.52 29.78 25.10
C GLU C 7 11.32 31.06 25.90
N GLU C 8 10.31 31.07 26.76
CA GLU C 8 10.00 32.23 27.59
C GLU C 8 10.20 31.94 29.07
N LEU C 9 10.26 30.66 29.42
CA LEU C 9 10.31 30.24 30.82
C LEU C 9 11.64 29.59 31.18
N LYS C 10 11.98 29.63 32.46
CA LYS C 10 13.23 29.04 32.95
C LYS C 10 13.19 27.52 32.87
N ASP C 11 12.04 26.93 33.20
CA ASP C 11 11.86 25.49 33.16
C ASP C 11 11.29 25.06 31.81
N PRO C 12 12.07 24.29 31.03
CA PRO C 12 11.62 23.79 29.73
C PRO C 12 10.39 22.88 29.85
N THR C 13 10.28 22.19 30.98
CA THR C 13 9.12 21.33 31.25
C THR C 13 7.84 22.17 31.32
N GLU C 14 7.91 23.26 32.07
CA GLU C 14 6.77 24.15 32.22
C GLU C 14 6.51 24.93 30.93
N ASN C 15 7.56 25.14 30.15
CA ASN C 15 7.44 25.81 28.86
C ASN C 15 6.78 24.88 27.84
N LEU C 16 7.03 23.58 27.99
CA LEU C 16 6.41 22.57 27.15
C LEU C 16 4.90 22.55 27.38
N LEU C 17 4.51 22.61 28.66
CA LEU C 17 3.09 22.64 29.03
C LEU C 17 2.40 23.89 28.49
N LEU C 18 3.14 25.00 28.47
CA LEU C 18 2.64 26.26 27.97
C LEU C 18 2.24 26.15 26.50
N TRP C 19 3.08 25.50 25.71
CA TRP C 19 2.82 25.32 24.29
C TRP C 19 1.70 24.31 24.04
N ILE C 20 1.64 23.27 24.87
CA ILE C 20 0.60 22.26 24.75
C ILE C 20 -0.77 22.89 25.02
N GLY C 21 -0.84 23.74 26.04
CA GLY C 21 -2.07 24.44 26.37
C GLY C 21 -2.51 25.37 25.25
N ARG C 22 -1.55 26.03 24.62
CA ARG C 22 -1.82 26.91 23.49
C ARG C 22 -2.39 26.11 22.32
N PHE C 23 -1.81 24.94 22.08
CA PHE C 23 -2.24 24.07 20.99
C PHE C 23 -3.66 23.55 21.19
N LEU C 24 -3.93 23.06 22.40
CA LEU C 24 -5.24 22.49 22.71
C LEU C 24 -6.36 23.52 22.66
N ARG C 25 -6.04 24.76 23.00
CA ARG C 25 -7.02 25.85 22.94
C ARG C 25 -7.42 26.11 21.50
N TYR C 26 -6.43 26.10 20.61
CA TYR C 26 -6.67 26.31 19.19
C TYR C 26 -7.56 25.21 18.60
N LYS C 27 -7.32 23.98 19.02
CA LYS C 27 -8.11 22.85 18.54
C LYS C 27 -9.56 22.97 19.01
N CYS C 28 -9.74 23.52 20.19
CA CYS C 28 -11.08 23.73 20.74
C CYS C 28 -11.89 24.71 19.91
N THR C 29 -11.19 25.62 19.21
CA THR C 29 -11.85 26.65 18.43
C THR C 29 -11.95 26.28 16.95
N SER C 30 -11.22 25.25 16.55
CA SER C 30 -11.20 24.84 15.15
C SER C 30 -11.98 23.54 14.90
N LEU C 31 -12.00 22.66 15.89
CA LEU C 31 -12.74 21.41 15.77
C LEU C 31 -14.24 21.67 15.90
N SER C 32 -15.04 20.70 15.48
CA SER C 32 -16.49 20.85 15.42
C SER C 32 -17.13 21.14 16.78
N ASN C 33 -17.99 22.14 16.82
CA ASN C 33 -18.74 22.49 18.02
C ASN C 33 -20.23 22.23 17.85
N SER C 34 -20.57 21.28 17.00
CA SER C 34 -21.98 21.00 16.68
C SER C 34 -22.71 20.35 17.85
N GLN C 35 -22.03 19.43 18.55
CA GLN C 35 -22.64 18.73 19.67
C GLN C 35 -22.52 19.51 20.97
N VAL C 36 -22.26 20.80 20.85
CA VAL C 36 -22.08 21.65 22.02
C VAL C 36 -23.39 22.28 22.47
N LYS C 37 -23.87 21.87 23.63
CA LYS C 37 -24.93 22.58 24.33
C LYS C 37 -24.27 23.46 25.38
N ASP C 38 -24.91 24.58 25.70
CA ASP C 38 -24.35 25.58 26.61
C ASP C 38 -23.01 26.09 26.07
N GLN C 39 -23.08 27.10 25.20
CA GLN C 39 -21.89 27.64 24.57
C GLN C 39 -21.07 28.47 25.56
N ASN C 40 -21.72 28.91 26.64
CA ASN C 40 -21.04 29.67 27.67
C ASN C 40 -20.05 28.82 28.46
N LYS C 41 -20.33 27.52 28.56
CA LYS C 41 -19.42 26.60 29.24
C LYS C 41 -18.13 26.43 28.44
N VAL C 42 -18.23 26.60 27.13
CA VAL C 42 -17.08 26.49 26.25
C VAL C 42 -16.22 27.75 26.32
N PHE C 43 -16.87 28.91 26.30
CA PHE C 43 -16.17 30.19 26.47
C PHE C 43 -15.43 30.21 27.80
N GLU C 44 -16.02 29.52 28.78
CA GLU C 44 -15.42 29.35 30.10
C GLU C 44 -14.15 28.49 29.99
N CYS C 45 -14.21 27.43 29.20
CA CYS C 45 -13.06 26.54 28.99
C CYS C 45 -11.92 27.25 28.26
N LEU C 46 -12.28 28.09 27.30
CA LEU C 46 -11.29 28.81 26.50
C LEU C 46 -10.48 29.77 27.37
N ASN C 47 -11.08 30.25 28.44
CA ASN C 47 -10.40 31.13 29.37
C ASN C 47 -9.52 30.33 30.34
N GLU C 48 -10.04 29.18 30.78
CA GLU C 48 -9.31 28.33 31.71
C GLU C 48 -8.16 27.60 31.05
N LEU C 49 -8.15 27.59 29.72
CA LEU C 49 -7.05 27.00 28.96
C LEU C 49 -5.84 27.93 28.96
N ASN C 50 -6.09 29.23 28.96
CA ASN C 50 -5.02 30.21 29.05
C ASN C 50 -4.41 30.27 30.44
N GLN C 51 -5.23 29.98 31.45
CA GLN C 51 -4.81 30.10 32.85
C GLN C 51 -4.10 28.84 33.35
N ALA C 52 -4.37 27.71 32.71
CA ALA C 52 -3.82 26.42 33.14
C ALA C 52 -2.29 26.43 33.12
N CYS C 53 -1.69 26.19 34.28
CA CYS C 53 -0.24 26.21 34.43
C CYS C 53 0.26 24.94 35.12
N SER C 54 -0.60 23.93 35.20
CA SER C 54 -0.22 22.63 35.72
C SER C 54 -0.90 21.54 34.92
N SER C 55 -0.34 20.33 34.95
CA SER C 55 -0.90 19.20 34.22
CA SER C 55 -0.90 19.20 34.22
C SER C 55 -2.29 18.86 34.71
N SER C 56 -2.53 19.03 36.01
CA SER C 56 -3.83 18.73 36.59
C SER C 56 -4.88 19.75 36.14
N GLN C 57 -4.48 21.01 36.06
CA GLN C 57 -5.39 22.06 35.59
C GLN C 57 -5.76 21.86 34.13
N LEU C 58 -4.78 21.49 33.31
CA LEU C 58 -4.99 21.28 31.89
C LEU C 58 -5.84 20.04 31.65
N GLU C 59 -5.62 19.00 32.44
CA GLU C 59 -6.39 17.78 32.34
C GLU C 59 -7.86 18.02 32.70
N LYS C 60 -8.08 18.84 33.71
CA LYS C 60 -9.43 19.11 34.20
C LYS C 60 -10.27 19.89 33.19
N VAL C 61 -9.67 20.89 32.54
CA VAL C 61 -10.41 21.73 31.61
C VAL C 61 -10.68 21.00 30.29
N CYS C 62 -9.79 20.09 29.91
CA CYS C 62 -9.97 19.30 28.69
C CYS C 62 -11.13 18.32 28.86
N LYS C 63 -11.26 17.76 30.06
CA LYS C 63 -12.39 16.90 30.38
C LYS C 63 -13.67 17.72 30.39
N LYS C 64 -13.58 18.93 30.93
CA LYS C 64 -14.72 19.84 31.01
C LYS C 64 -15.21 20.20 29.61
N ALA C 65 -14.26 20.40 28.70
CA ALA C 65 -14.57 20.74 27.31
C ALA C 65 -15.23 19.57 26.61
N ARG C 66 -14.71 18.37 26.83
CA ARG C 66 -15.25 17.17 26.21
C ARG C 66 -16.68 16.91 26.68
N ASN C 67 -16.93 17.14 27.97
CA ASN C 67 -18.26 16.97 28.53
C ASN C 67 -19.24 17.99 27.98
N ALA C 68 -18.74 19.17 27.63
CA ALA C 68 -19.58 20.24 27.09
C ALA C 68 -20.09 19.92 25.70
N GLY C 69 -19.46 18.95 25.04
CA GLY C 69 -19.87 18.55 23.70
C GLY C 69 -18.76 18.69 22.69
N LEU C 70 -17.61 19.18 23.15
CA LEU C 70 -16.44 19.35 22.30
C LEU C 70 -15.63 18.05 22.28
N LEU C 71 -16.16 17.04 21.60
CA LEU C 71 -15.65 15.68 21.70
C LEU C 71 -14.27 15.47 21.09
N GLY C 72 -13.97 16.22 20.03
CA GLY C 72 -12.75 16.02 19.26
C GLY C 72 -11.45 16.23 20.03
N ILE C 73 -11.52 16.98 21.12
CA ILE C 73 -10.33 17.34 21.90
C ILE C 73 -9.69 16.12 22.58
N ASN C 74 -10.48 15.06 22.78
CA ASN C 74 -10.00 13.89 23.50
C ASN C 74 -8.89 13.15 22.77
N THR C 75 -8.87 13.27 21.44
CA THR C 75 -7.88 12.61 20.62
C THR C 75 -6.50 13.26 20.79
N TYR C 76 -6.50 14.54 21.12
CA TYR C 76 -5.25 15.31 21.22
C TYR C 76 -4.77 15.52 22.66
N ALA C 77 -5.71 15.70 23.58
CA ALA C 77 -5.39 16.06 24.95
C ALA C 77 -4.55 15.00 25.68
N LEU C 78 -5.08 13.79 25.79
CA LEU C 78 -4.44 12.73 26.56
C LEU C 78 -3.04 12.33 26.06
N PRO C 79 -2.84 12.15 24.73
CA PRO C 79 -1.49 11.77 24.30
C PRO C 79 -0.43 12.82 24.61
N LEU C 80 -0.80 14.10 24.53
CA LEU C 80 0.13 15.18 24.80
C LEU C 80 0.37 15.36 26.30
N LEU C 81 -0.64 15.05 27.10
CA LEU C 81 -0.50 15.06 28.55
C LEU C 81 0.45 13.95 28.99
N LYS C 82 0.44 12.85 28.24
CA LYS C 82 1.34 11.73 28.52
C LYS C 82 2.78 12.08 28.18
N PHE C 83 2.97 12.79 27.07
CA PHE C 83 4.31 13.21 26.67
C PHE C 83 4.90 14.20 27.64
N HIS C 84 4.06 15.09 28.17
CA HIS C 84 4.49 16.04 29.18
C HIS C 84 4.91 15.31 30.44
N GLU C 85 4.16 14.27 30.80
CA GLU C 85 4.49 13.43 31.94
C GLU C 85 5.83 12.73 31.72
N TYR C 86 6.05 12.25 30.50
CA TYR C 86 7.31 11.60 30.13
C TYR C 86 8.48 12.58 30.26
N PHE C 87 8.35 13.73 29.60
CA PHE C 87 9.39 14.75 29.58
C PHE C 87 9.74 15.21 30.99
N SER C 88 8.72 15.42 31.82
CA SER C 88 8.90 15.96 33.16
C SER C 88 9.72 15.05 34.07
N LYS C 89 9.34 13.78 34.14
CA LYS C 89 10.00 12.86 35.06
C LYS C 89 11.35 12.37 34.51
N ALA C 90 11.48 12.32 33.18
CA ALA C 90 12.75 11.93 32.58
C ALA C 90 13.81 12.98 32.83
N ARG C 91 13.40 14.24 32.85
CA ARG C 91 14.30 15.35 33.10
C ARG C 91 14.78 15.37 34.55
N LEU C 92 13.86 15.20 35.48
CA LEU C 92 14.19 15.26 36.90
C LEU C 92 15.00 14.05 37.36
N ILE C 93 14.78 12.91 36.72
CA ILE C 93 15.44 11.67 37.12
C ILE C 93 16.80 11.47 36.47
N THR C 94 16.84 11.57 35.15
CA THR C 94 18.06 11.25 34.40
C THR C 94 19.00 12.46 34.26
N GLU C 95 18.42 13.65 34.23
CA GLU C 95 19.17 14.89 34.06
C GLU C 95 20.01 14.88 32.78
N ARG C 96 19.55 14.16 31.77
CA ARG C 96 20.24 14.12 30.48
C ARG C 96 20.12 15.49 29.80
N LEU C 97 21.15 15.84 29.03
CA LEU C 97 21.23 17.14 28.39
C LEU C 97 20.10 17.38 27.39
N ALA C 98 19.47 16.30 26.94
CA ALA C 98 18.41 16.39 25.94
C ALA C 98 17.13 17.02 26.49
N PHE C 99 17.07 17.21 27.81
CA PHE C 99 15.88 17.77 28.43
C PHE C 99 16.12 19.18 28.99
N ASN C 100 17.26 19.77 28.62
CA ASN C 100 17.61 21.10 29.11
C ASN C 100 17.09 22.22 28.22
N SER C 101 16.48 21.85 27.09
CA SER C 101 15.92 22.84 26.17
C SER C 101 14.87 22.22 25.26
N LEU C 102 13.87 23.02 24.91
CA LEU C 102 12.82 22.58 23.99
C LEU C 102 13.38 22.24 22.62
N LYS C 103 14.50 22.88 22.27
CA LYS C 103 15.13 22.67 20.96
C LYS C 103 15.74 21.27 20.83
N ASN C 104 15.91 20.58 21.95
CA ASN C 104 16.53 19.27 21.96
C ASN C 104 15.54 18.13 21.76
N ILE C 105 14.27 18.47 21.60
CA ILE C 105 13.24 17.47 21.31
C ILE C 105 13.29 17.09 19.83
N ASP C 106 13.55 15.82 19.55
CA ASP C 106 13.62 15.35 18.16
C ASP C 106 12.90 14.02 17.98
N GLU C 107 13.06 13.43 16.80
CA GLU C 107 12.38 12.18 16.45
C GLU C 107 12.83 11.02 17.32
N VAL C 108 14.08 11.04 17.74
CA VAL C 108 14.62 9.99 18.60
C VAL C 108 13.93 9.99 19.96
N MET C 109 13.81 11.17 20.57
CA MET C 109 13.15 11.31 21.85
C MET C 109 11.69 10.89 21.75
N LEU C 110 11.02 11.31 20.68
CA LEU C 110 9.61 10.99 20.47
C LEU C 110 9.41 9.49 20.26
N ALA C 111 10.36 8.87 19.57
CA ALA C 111 10.30 7.43 19.31
C ALA C 111 10.41 6.64 20.61
N GLU C 112 11.26 7.11 21.52
CA GLU C 112 11.43 6.45 22.81
C GLU C 112 10.19 6.63 23.68
N PHE C 113 9.54 7.80 23.58
CA PHE C 113 8.31 8.05 24.31
C PHE C 113 7.20 7.09 23.86
N LEU C 114 7.08 6.92 22.55
CA LEU C 114 6.05 6.04 21.98
C LEU C 114 6.25 4.58 22.38
N SER C 115 7.50 4.14 22.40
CA SER C 115 7.81 2.76 22.76
C SER C 115 7.43 2.47 24.20
N VAL C 116 7.52 3.49 25.05
CA VAL C 116 7.18 3.36 26.45
C VAL C 116 5.68 3.47 26.70
N TYR C 117 5.07 4.54 26.22
CA TYR C 117 3.70 4.88 26.59
C TYR C 117 2.62 4.26 25.71
N THR C 118 3.02 3.51 24.67
CA THR C 118 2.04 2.81 23.84
C THR C 118 2.23 1.30 23.92
N GLY C 119 3.04 0.86 24.88
CA GLY C 119 3.26 -0.56 25.09
C GLY C 119 2.00 -1.27 25.52
N GLY C 120 1.60 -2.29 24.77
CA GLY C 120 0.41 -3.05 25.08
C GLY C 120 -0.86 -2.44 24.52
N LEU C 121 -0.72 -1.31 23.81
CA LEU C 121 -1.87 -0.64 23.21
C LEU C 121 -2.05 -1.05 21.74
N SER C 122 -3.24 -0.80 21.21
CA SER C 122 -3.57 -1.21 19.85
C SER C 122 -2.85 -0.34 18.82
N LEU C 123 -2.80 -0.83 17.58
CA LEU C 123 -2.15 -0.11 16.49
C LEU C 123 -2.89 1.17 16.14
N ALA C 124 -4.22 1.13 16.24
CA ALA C 124 -5.06 2.29 15.95
C ALA C 124 -4.77 3.41 16.95
N THR C 125 -4.63 3.04 18.22
CA THR C 125 -4.32 4.00 19.27
C THR C 125 -2.94 4.64 19.04
N LYS C 126 -2.00 3.82 18.59
CA LYS C 126 -0.65 4.30 18.28
C LYS C 126 -0.68 5.34 17.17
N LYS C 127 -1.56 5.15 16.19
CA LYS C 127 -1.71 6.11 15.10
C LYS C 127 -2.24 7.44 15.62
N ASN C 128 -3.14 7.39 16.59
CA ASN C 128 -3.67 8.60 17.21
C ASN C 128 -2.58 9.37 17.96
N TYR C 129 -1.72 8.65 18.66
CA TYR C 129 -0.61 9.26 19.39
C TYR C 129 0.35 9.98 18.43
N ARG C 130 0.59 9.37 17.28
CA ARG C 130 1.47 9.95 16.27
C ARG C 130 0.89 11.23 15.69
N ILE C 131 -0.41 11.21 15.41
CA ILE C 131 -1.11 12.38 14.87
C ILE C 131 -1.05 13.55 15.83
N ALA C 132 -1.24 13.26 17.11
CA ALA C 132 -1.22 14.29 18.14
C ALA C 132 0.15 14.95 18.27
N LEU C 133 1.20 14.13 18.24
CA LEU C 133 2.57 14.64 18.33
C LEU C 133 2.92 15.50 17.12
N LEU C 134 2.58 15.02 15.94
CA LEU C 134 2.84 15.77 14.71
C LEU C 134 2.08 17.10 14.71
N GLY C 135 0.87 17.08 15.25
CA GLY C 135 0.05 18.28 15.30
C GLY C 135 0.60 19.34 16.23
N LEU C 136 1.14 18.90 17.37
CA LEU C 136 1.69 19.81 18.36
C LEU C 136 2.88 20.60 17.84
N PHE C 137 3.86 19.88 17.29
CA PHE C 137 5.11 20.50 16.86
C PHE C 137 4.99 21.19 15.50
N SER C 138 3.94 20.85 14.75
CA SER C 138 3.64 21.60 13.53
C SER C 138 3.07 22.95 13.91
N TYR C 139 2.29 22.97 14.98
CA TYR C 139 1.69 24.20 15.49
C TYR C 139 2.75 25.14 16.03
N ILE C 140 3.71 24.59 16.77
CA ILE C 140 4.80 25.37 17.35
C ILE C 140 5.69 25.99 16.27
N ASP C 141 5.92 25.23 15.21
CA ASP C 141 6.70 25.73 14.07
C ASP C 141 6.04 26.94 13.42
N LYS C 142 4.71 27.03 13.53
CA LYS C 142 3.96 28.07 12.85
C LYS C 142 3.55 29.21 13.79
N GLN C 143 3.88 29.08 15.07
CA GLN C 143 3.45 30.08 16.05
C GLN C 143 4.58 30.64 16.91
N ASN C 144 5.81 30.21 16.67
CA ASN C 144 6.93 30.73 17.43
C ASN C 144 7.74 31.75 16.63
N GLN C 145 8.21 32.80 17.31
CA GLN C 145 8.94 33.89 16.68
C GLN C 145 9.81 34.64 17.67
N ASP C 146 11.00 35.05 17.24
CA ASP C 146 11.85 35.90 18.06
C ASP C 146 11.54 37.37 17.77
N GLU C 147 12.41 38.26 18.24
CA GLU C 147 12.22 39.70 18.04
C GLU C 147 12.42 40.09 16.58
N ASN C 148 13.25 39.32 15.87
CA ASN C 148 13.54 39.59 14.48
C ASN C 148 12.64 38.79 13.54
N GLU C 149 11.50 38.35 14.07
CA GLU C 149 10.49 37.61 13.31
C GLU C 149 11.03 36.32 12.68
N LYS C 150 12.02 35.71 13.32
CA LYS C 150 12.55 34.44 12.85
C LYS C 150 12.10 33.30 13.77
N SER C 151 11.95 32.11 13.19
CA SER C 151 11.34 30.99 13.90
C SER C 151 12.23 29.75 13.94
N TYR C 152 12.16 29.02 15.06
CA TYR C 152 12.79 27.72 15.15
C TYR C 152 11.88 26.69 14.50
N ILE C 153 12.48 25.75 13.75
CA ILE C 153 11.70 24.77 13.01
C ILE C 153 12.04 23.34 13.42
N TYR C 154 11.06 22.62 13.93
CA TYR C 154 11.22 21.22 14.29
C TYR C 154 11.18 20.32 13.05
N ASN C 155 10.17 20.54 12.22
CA ASN C 155 9.91 19.71 11.05
C ASN C 155 9.89 18.22 11.42
N ILE C 156 9.13 17.90 12.46
CA ILE C 156 9.05 16.53 12.95
C ILE C 156 8.30 15.62 11.99
N THR C 157 8.94 14.53 11.60
CA THR C 157 8.29 13.48 10.82
C THR C 157 8.42 12.16 11.55
N LEU C 158 7.35 11.38 11.56
CA LEU C 158 7.35 10.10 12.28
C LEU C 158 7.03 8.95 11.34
N LYS C 159 7.72 7.83 11.55
CA LYS C 159 7.53 6.64 10.73
C LYS C 159 6.10 6.10 10.87
N ASN C 160 5.48 5.75 9.75
CA ASN C 160 4.12 5.23 9.76
C ASN C 160 4.02 3.89 10.47
N ILE C 161 2.81 3.56 10.90
CA ILE C 161 2.57 2.34 11.67
C ILE C 161 1.76 1.33 10.87
N LYS C 171 -13.96 -7.15 3.68
CA LYS C 171 -14.83 -7.96 4.51
C LYS C 171 -15.93 -7.12 5.15
N LEU C 172 -17.08 -7.74 5.39
CA LEU C 172 -18.20 -7.05 6.03
C LEU C 172 -17.89 -6.74 7.49
N PRO C 173 -18.34 -5.57 7.97
CA PRO C 173 -18.22 -5.23 9.38
C PRO C 173 -19.04 -6.19 10.25
N THR C 174 -18.75 -6.23 11.54
CA THR C 174 -19.49 -7.08 12.46
C THR C 174 -20.97 -6.69 12.43
N HIS C 175 -21.85 -7.68 12.27
CA HIS C 175 -23.27 -7.41 12.09
C HIS C 175 -24.13 -8.63 12.38
N LEU C 176 -25.44 -8.42 12.40
CA LEU C 176 -26.41 -9.51 12.49
C LEU C 176 -27.06 -9.72 11.13
N ASN C 177 -27.12 -10.96 10.68
CA ASN C 177 -27.83 -11.25 9.43
C ASN C 177 -29.34 -11.20 9.65
N ASN C 178 -30.12 -11.49 8.62
CA ASN C 178 -31.56 -11.34 8.70
C ASN C 178 -32.21 -12.20 9.78
N GLU C 179 -31.77 -13.45 9.89
CA GLU C 179 -32.32 -14.38 10.89
C GLU C 179 -31.94 -13.94 12.30
N GLU C 180 -30.71 -13.47 12.46
CA GLU C 180 -30.23 -12.98 13.76
C GLU C 180 -30.93 -11.68 14.15
N LEU C 181 -31.29 -10.87 13.16
CA LEU C 181 -32.02 -9.64 13.41
C LEU C 181 -33.44 -9.95 13.92
N GLU C 182 -34.03 -11.00 13.37
CA GLU C 182 -35.36 -11.43 13.82
C GLU C 182 -35.33 -11.82 15.29
N LYS C 183 -34.31 -12.59 15.68
CA LYS C 183 -34.19 -13.06 17.05
C LYS C 183 -33.93 -11.90 18.01
N PHE C 184 -33.17 -10.91 17.55
CA PHE C 184 -32.87 -9.74 18.36
C PHE C 184 -34.13 -8.92 18.63
N LEU C 185 -34.95 -8.74 17.60
CA LEU C 185 -36.20 -7.99 17.73
C LEU C 185 -37.14 -8.66 18.73
N GLU C 186 -37.19 -9.99 18.69
CA GLU C 186 -38.01 -10.75 19.62
C GLU C 186 -37.52 -10.61 21.05
N SER C 187 -36.19 -10.62 21.21
CA SER C 187 -35.58 -10.56 22.53
C SER C 187 -35.79 -9.22 23.21
N ILE C 188 -35.99 -8.16 22.42
CA ILE C 188 -36.26 -6.84 22.96
C ILE C 188 -37.56 -6.87 23.77
N ASP C 189 -38.53 -7.62 23.28
CA ASP C 189 -39.83 -7.73 23.94
C ASP C 189 -39.85 -8.82 25.01
N LYS C 190 -38.95 -9.79 24.88
CA LYS C 190 -38.94 -10.94 25.78
C LYS C 190 -38.15 -10.69 27.06
N ILE C 191 -37.08 -9.91 26.95
CA ILE C 191 -36.21 -9.63 28.09
C ILE C 191 -36.95 -8.82 29.14
N GLU C 192 -36.52 -8.94 30.40
CA GLU C 192 -37.17 -8.25 31.50
C GLU C 192 -36.65 -6.82 31.68
N MET C 193 -37.58 -5.87 31.79
CA MET C 193 -37.24 -4.49 32.08
C MET C 193 -38.21 -3.93 33.12
N SER C 194 -37.72 -3.02 33.96
CA SER C 194 -38.57 -2.40 34.98
C SER C 194 -39.67 -1.57 34.32
N ALA C 195 -40.73 -1.30 35.08
CA ALA C 195 -41.86 -0.55 34.55
C ALA C 195 -41.48 0.89 34.21
N LYS C 196 -40.42 1.37 34.85
CA LYS C 196 -39.99 2.75 34.68
C LYS C 196 -39.29 2.99 33.34
N VAL C 197 -38.59 1.98 32.83
CA VAL C 197 -37.75 2.17 31.66
C VAL C 197 -38.12 1.31 30.45
N ARG C 198 -39.04 0.38 30.61
CA ARG C 198 -39.32 -0.61 29.57
C ARG C 198 -39.83 0.01 28.27
N ALA C 199 -40.83 0.87 28.38
CA ALA C 199 -41.41 1.51 27.20
C ALA C 199 -40.40 2.40 26.49
N ARG C 200 -39.64 3.15 27.27
CA ARG C 200 -38.64 4.07 26.73
C ARG C 200 -37.53 3.32 26.01
N ASN C 201 -36.96 2.32 26.67
CA ASN C 201 -35.83 1.58 26.13
C ASN C 201 -36.18 0.77 24.88
N ARG C 202 -37.36 0.13 24.90
CA ARG C 202 -37.79 -0.67 23.76
C ARG C 202 -37.99 0.20 22.52
N LEU C 203 -38.62 1.36 22.69
CA LEU C 203 -38.87 2.26 21.57
C LEU C 203 -37.56 2.81 21.00
N LEU C 204 -36.65 3.19 21.87
CA LEU C 204 -35.37 3.75 21.45
C LEU C 204 -34.54 2.76 20.61
N ILE C 205 -34.49 1.52 21.05
CA ILE C 205 -33.68 0.50 20.39
C ILE C 205 -34.32 0.05 19.08
N LYS C 206 -35.65 -0.07 19.07
CA LYS C 206 -36.35 -0.50 17.86
C LYS C 206 -36.23 0.54 16.75
N ILE C 207 -36.27 1.82 17.11
CA ILE C 207 -36.10 2.89 16.13
C ILE C 207 -34.71 2.80 15.47
N ILE C 208 -33.70 2.48 16.27
CA ILE C 208 -32.35 2.32 15.76
C ILE C 208 -32.25 1.12 14.83
N VAL C 209 -32.90 0.02 15.21
CA VAL C 209 -32.87 -1.20 14.41
C VAL C 209 -33.52 -0.98 13.04
N PHE C 210 -34.70 -0.38 13.03
CA PHE C 210 -35.48 -0.28 11.80
C PHE C 210 -34.99 0.82 10.85
N THR C 211 -34.31 1.84 11.39
CA THR C 211 -33.85 2.95 10.56
C THR C 211 -32.34 2.96 10.36
N GLY C 212 -31.62 2.39 11.32
CA GLY C 212 -30.18 2.32 11.24
C GLY C 212 -29.46 3.63 11.52
N MET C 213 -30.13 4.55 12.20
CA MET C 213 -29.51 5.84 12.52
C MET C 213 -28.46 5.68 13.62
N ARG C 214 -27.56 6.67 13.72
CA ARG C 214 -26.46 6.62 14.67
C ARG C 214 -26.93 6.77 16.12
N SER C 215 -26.05 6.43 17.06
CA SER C 215 -26.36 6.51 18.48
C SER C 215 -26.77 7.90 18.91
N ASN C 216 -25.96 8.89 18.57
CA ASN C 216 -26.22 10.26 18.99
C ASN C 216 -27.45 10.85 18.30
N GLU C 217 -27.69 10.42 17.07
CA GLU C 217 -28.85 10.87 16.31
C GLU C 217 -30.14 10.44 16.99
N ALA C 218 -30.18 9.20 17.45
CA ALA C 218 -31.35 8.66 18.13
C ALA C 218 -31.57 9.35 19.48
N LEU C 219 -30.47 9.64 20.17
CA LEU C 219 -30.54 10.24 21.50
C LEU C 219 -30.98 11.70 21.45
N GLN C 220 -30.85 12.33 20.28
CA GLN C 220 -31.19 13.74 20.13
C GLN C 220 -32.47 13.96 19.35
N LEU C 221 -33.23 12.89 19.13
CA LEU C 221 -34.50 12.99 18.42
C LEU C 221 -35.51 13.86 19.15
N LYS C 222 -36.31 14.60 18.39
CA LYS C 222 -37.37 15.43 18.95
C LYS C 222 -38.70 15.11 18.28
N ILE C 223 -39.78 15.12 19.07
CA ILE C 223 -41.10 14.72 18.60
C ILE C 223 -41.62 15.60 17.47
N LYS C 224 -41.26 16.89 17.52
CA LYS C 224 -41.71 17.86 16.53
C LYS C 224 -41.18 17.55 15.13
N ASP C 225 -40.13 16.74 15.07
CA ASP C 225 -39.50 16.38 13.79
C ASP C 225 -40.13 15.12 13.20
N PHE C 226 -41.18 14.62 13.84
CA PHE C 226 -41.92 13.46 13.35
C PHE C 226 -43.12 13.93 12.52
N THR C 227 -43.34 13.26 11.38
CA THR C 227 -44.50 13.56 10.55
C THR C 227 -45.12 12.28 9.99
N LEU C 228 -46.37 12.03 10.38
CA LEU C 228 -47.07 10.81 9.97
C LEU C 228 -48.00 11.07 8.79
N GLU C 229 -47.86 10.25 7.75
CA GLU C 229 -48.72 10.35 6.57
C GLU C 229 -48.95 8.98 5.95
N ASN C 230 -50.22 8.57 5.89
CA ASN C 230 -50.63 7.29 5.33
C ASN C 230 -49.87 6.10 5.92
N GLY C 231 -49.69 6.11 7.23
CA GLY C 231 -49.10 4.98 7.94
C GLY C 231 -47.58 4.92 7.91
N CYS C 232 -46.94 5.99 7.47
CA CYS C 232 -45.48 6.03 7.43
C CYS C 232 -44.93 7.33 8.02
N TYR C 233 -43.96 7.20 8.91
CA TYR C 233 -43.31 8.36 9.53
C TYR C 233 -42.16 8.89 8.69
N THR C 234 -42.04 10.22 8.65
CA THR C 234 -40.84 10.86 8.12
C THR C 234 -40.13 11.56 9.27
N ILE C 235 -38.92 11.10 9.58
CA ILE C 235 -38.18 11.59 10.73
C ILE C 235 -36.99 12.46 10.31
N LEU C 236 -37.00 13.71 10.77
CA LEU C 236 -35.90 14.63 10.47
C LEU C 236 -34.80 14.54 11.53
N ILE C 237 -33.56 14.46 11.07
CA ILE C 237 -32.41 14.34 11.97
C ILE C 237 -31.47 15.52 11.78
N LYS C 238 -31.20 16.24 12.86
CA LYS C 238 -30.35 17.43 12.82
C LYS C 238 -28.90 17.07 12.53
N GLY C 239 -28.28 17.85 11.64
CA GLY C 239 -26.89 17.62 11.27
C GLY C 239 -26.03 18.84 11.55
N LYS C 240 -25.04 19.07 10.70
CA LYS C 240 -24.14 20.21 10.87
C LYS C 240 -24.79 21.49 10.35
N GLY C 241 -24.58 22.59 11.06
CA GLY C 241 -25.17 23.86 10.69
C GLY C 241 -26.68 23.86 10.85
N ASP C 242 -27.37 24.22 9.77
CA ASP C 242 -28.83 24.23 9.77
C ASP C 242 -29.36 23.09 8.92
N LYS C 243 -28.49 22.14 8.60
CA LYS C 243 -28.85 21.03 7.72
C LYS C 243 -29.53 19.88 8.46
N TYR C 244 -30.58 19.35 7.85
CA TYR C 244 -31.29 18.19 8.39
C TYR C 244 -31.34 17.06 7.35
N ARG C 245 -31.27 15.83 7.83
CA ARG C 245 -31.46 14.68 6.94
C ARG C 245 -32.72 13.93 7.36
N ALA C 246 -33.24 13.10 6.47
CA ALA C 246 -34.50 12.42 6.74
C ALA C 246 -34.39 10.91 6.58
N VAL C 247 -35.17 10.19 7.39
CA VAL C 247 -35.36 8.75 7.23
C VAL C 247 -36.85 8.47 7.31
N MET C 248 -37.27 7.34 6.78
CA MET C 248 -38.68 6.96 6.84
C MET C 248 -38.86 5.67 7.64
N LEU C 249 -40.02 5.53 8.27
CA LEU C 249 -40.29 4.41 9.15
C LEU C 249 -41.78 4.09 9.21
N LYS C 250 -42.14 2.86 8.86
CA LYS C 250 -43.54 2.43 8.89
C LYS C 250 -44.08 2.49 10.31
N ALA C 251 -45.29 3.02 10.46
CA ALA C 251 -45.86 3.29 11.78
C ALA C 251 -46.11 2.03 12.61
N PHE C 252 -46.47 0.93 11.96
CA PHE C 252 -46.87 -0.27 12.69
C PHE C 252 -45.71 -0.90 13.46
N HIS C 253 -44.49 -0.49 13.14
CA HIS C 253 -43.31 -1.00 13.85
C HIS C 253 -43.23 -0.47 15.28
N ILE C 254 -43.68 0.77 15.49
CA ILE C 254 -43.50 1.43 16.77
C ILE C 254 -44.78 2.08 17.32
N GLU C 255 -45.89 1.91 16.61
CA GLU C 255 -47.15 2.60 16.95
C GLU C 255 -47.56 2.44 18.41
N SER C 256 -47.57 1.20 18.90
CA SER C 256 -47.99 0.93 20.27
C SER C 256 -47.00 1.49 21.29
N LEU C 257 -45.71 1.25 21.06
CA LEU C 257 -44.66 1.69 21.97
C LEU C 257 -44.59 3.21 22.09
N LEU C 258 -44.79 3.90 20.97
CA LEU C 258 -44.71 5.34 20.92
C LEU C 258 -45.76 6.00 21.81
N LYS C 259 -47.01 5.56 21.66
CA LYS C 259 -48.12 6.11 22.44
C LYS C 259 -47.94 5.84 23.92
N GLU C 260 -47.47 4.63 24.24
CA GLU C 260 -47.27 4.21 25.62
C GLU C 260 -46.20 5.04 26.33
N TRP C 261 -45.08 5.26 25.64
CA TRP C 261 -43.97 6.01 26.21
C TRP C 261 -44.30 7.48 26.40
N LEU C 262 -45.03 8.06 25.45
CA LEU C 262 -45.40 9.47 25.51
C LEU C 262 -46.27 9.76 26.73
N ILE C 263 -47.08 8.79 27.13
CA ILE C 263 -47.91 8.92 28.32
C ILE C 263 -47.05 8.98 29.58
N GLU C 264 -46.07 8.08 29.66
CA GLU C 264 -45.13 8.06 30.77
C GLU C 264 -44.27 9.32 30.78
N ARG C 265 -44.01 9.84 29.59
CA ARG C 265 -43.15 11.01 29.42
C ARG C 265 -43.80 12.27 30.01
N GLU C 266 -45.10 12.23 30.21
CA GLU C 266 -45.83 13.37 30.76
C GLU C 266 -45.40 13.70 32.18
N LEU C 267 -44.82 12.73 32.87
CA LEU C 267 -44.41 12.91 34.27
C LEU C 267 -42.94 13.33 34.38
N TYR C 268 -42.22 13.28 33.26
CA TYR C 268 -40.82 13.68 33.22
C TYR C 268 -40.67 15.20 33.05
N PRO C 269 -39.67 15.78 33.72
CA PRO C 269 -39.32 17.20 33.54
C PRO C 269 -38.45 17.40 32.30
N VAL C 270 -39.03 17.10 31.14
CA VAL C 270 -38.28 17.05 29.89
C VAL C 270 -37.64 18.39 29.50
N LYS C 271 -36.40 18.32 29.03
CA LYS C 271 -35.67 19.50 28.61
CA LYS C 271 -35.65 19.50 28.61
C LYS C 271 -35.51 19.54 27.09
N ASN C 272 -35.56 20.74 26.52
CA ASN C 272 -35.35 20.95 25.08
C ASN C 272 -36.24 20.11 24.17
N ASP C 273 -37.41 19.71 24.65
CA ASP C 273 -38.38 18.95 23.86
C ASP C 273 -37.82 17.65 23.28
N LEU C 274 -36.95 17.00 24.04
CA LEU C 274 -36.36 15.73 23.62
C LEU C 274 -37.39 14.60 23.68
N LEU C 275 -37.30 13.67 22.74
CA LEU C 275 -38.17 12.49 22.75
C LEU C 275 -37.77 11.55 23.90
N PHE C 276 -36.47 11.27 23.99
CA PHE C 276 -35.95 10.42 25.05
C PHE C 276 -35.20 11.26 26.08
N CYS C 277 -35.28 10.87 27.35
CA CYS C 277 -34.61 11.60 28.41
C CYS C 277 -34.39 10.72 29.65
N ASN C 278 -33.51 11.18 30.54
CA ASN C 278 -33.30 10.50 31.81
C ASN C 278 -34.33 10.94 32.84
N GLN C 279 -34.13 10.53 34.09
CA GLN C 279 -35.07 10.88 35.15
C GLN C 279 -35.03 12.37 35.46
N LYS C 280 -33.88 12.99 35.21
CA LYS C 280 -33.69 14.42 35.50
C LYS C 280 -34.22 15.29 34.37
N GLY C 281 -34.52 14.67 33.23
CA GLY C 281 -35.11 15.40 32.12
C GLY C 281 -34.17 15.64 30.95
N SER C 282 -32.88 15.44 31.17
CA SER C 282 -31.89 15.66 30.13
C SER C 282 -31.67 14.41 29.28
N ALA C 283 -30.93 14.55 28.19
CA ALA C 283 -30.77 13.46 27.23
C ALA C 283 -30.00 12.28 27.82
N LEU C 284 -30.34 11.09 27.34
CA LEU C 284 -29.61 9.88 27.72
C LEU C 284 -28.25 9.85 27.04
N THR C 285 -27.30 9.13 27.64
CA THR C 285 -25.96 9.03 27.07
C THR C 285 -25.80 7.76 26.23
N GLN C 286 -24.79 7.77 25.37
CA GLN C 286 -24.45 6.61 24.56
C GLN C 286 -24.09 5.42 25.47
N ALA C 287 -23.48 5.72 26.60
CA ALA C 287 -23.04 4.69 27.54
C ALA C 287 -24.20 3.86 28.06
N TYR C 288 -25.33 4.52 28.34
CA TYR C 288 -26.51 3.82 28.81
C TYR C 288 -27.18 3.06 27.66
N LEU C 289 -27.18 3.67 26.48
CA LEU C 289 -27.74 3.03 25.29
C LEU C 289 -27.00 1.74 24.96
N TYR C 290 -25.68 1.78 25.03
CA TYR C 290 -24.86 0.61 24.76
C TYR C 290 -25.19 -0.53 25.72
N LYS C 291 -25.24 -0.21 27.00
CA LYS C 291 -25.50 -1.19 28.05
C LYS C 291 -26.81 -1.95 27.83
N GLN C 292 -27.85 -1.23 27.42
CA GLN C 292 -29.16 -1.83 27.19
C GLN C 292 -29.15 -2.71 25.95
N VAL C 293 -28.44 -2.28 24.91
CA VAL C 293 -28.34 -3.06 23.68
C VAL C 293 -27.54 -4.33 23.91
N GLU C 294 -26.38 -4.20 24.56
CA GLU C 294 -25.53 -5.35 24.86
C GLU C 294 -26.26 -6.38 25.72
N ARG C 295 -27.06 -5.88 26.66
CA ARG C 295 -27.83 -6.74 27.57
C ARG C 295 -28.80 -7.63 26.80
N ILE C 296 -29.46 -7.06 25.79
CA ILE C 296 -30.38 -7.80 24.95
C ILE C 296 -29.62 -8.78 24.05
N ILE C 297 -28.48 -8.32 23.54
CA ILE C 297 -27.64 -9.16 22.68
CA ILE C 297 -27.61 -9.14 22.69
C ILE C 297 -27.19 -10.42 23.41
N ASN C 298 -26.73 -10.27 24.64
CA ASN C 298 -26.31 -11.41 25.44
C ASN C 298 -27.48 -12.36 25.72
N PHE C 299 -28.64 -11.78 26.02
CA PHE C 299 -29.84 -12.55 26.32
C PHE C 299 -30.29 -13.36 25.12
N ALA C 300 -30.07 -12.81 23.92
CA ALA C 300 -30.46 -13.47 22.68
C ALA C 300 -29.42 -14.50 22.24
N GLY C 301 -28.30 -14.53 22.94
CA GLY C 301 -27.21 -15.43 22.58
C GLY C 301 -26.56 -15.02 21.27
N LEU C 302 -26.41 -13.71 21.08
CA LEU C 302 -25.85 -13.17 19.84
C LEU C 302 -24.56 -12.39 20.08
N ARG C 303 -23.94 -12.60 21.23
CA ARG C 303 -22.73 -11.85 21.60
C ARG C 303 -21.61 -12.07 20.59
N ARG C 304 -21.06 -10.97 20.08
CA ARG C 304 -20.00 -11.04 19.09
C ARG C 304 -18.97 -9.92 19.28
N GLU C 305 -18.18 -9.65 18.25
CA GLU C 305 -17.04 -8.74 18.36
C GLU C 305 -17.46 -7.31 18.71
N LYS C 306 -18.63 -6.90 18.23
CA LYS C 306 -19.19 -5.60 18.58
C LYS C 306 -20.62 -5.78 19.07
N ASN C 307 -20.96 -5.18 20.20
CA ASN C 307 -22.27 -5.40 20.80
C ASN C 307 -23.03 -4.12 21.12
N GLY C 308 -22.89 -3.11 20.25
CA GLY C 308 -23.56 -1.84 20.47
C GLY C 308 -24.51 -1.43 19.35
N ALA C 309 -24.99 -0.19 19.44
CA ALA C 309 -25.95 0.33 18.48
C ALA C 309 -25.35 0.51 17.09
N HIS C 310 -24.04 0.76 17.04
CA HIS C 310 -23.38 0.95 15.75
C HIS C 310 -23.32 -0.36 14.97
N MET C 311 -23.26 -1.47 15.70
CA MET C 311 -23.31 -2.79 15.09
C MET C 311 -24.69 -3.03 14.47
N LEU C 312 -25.72 -2.49 15.13
CA LEU C 312 -27.07 -2.56 14.59
C LEU C 312 -27.18 -1.72 13.33
N ARG C 313 -26.42 -0.62 13.29
CA ARG C 313 -26.37 0.26 12.12
C ARG C 313 -25.73 -0.46 10.94
N HIS C 314 -24.66 -1.20 11.21
CA HIS C 314 -24.02 -2.01 10.18
C HIS C 314 -24.98 -3.08 9.66
N SER C 315 -25.81 -3.58 10.57
CA SER C 315 -26.78 -4.63 10.23
C SER C 315 -27.85 -4.11 9.28
N PHE C 316 -28.29 -2.87 9.50
CA PHE C 316 -29.31 -2.27 8.65
C PHE C 316 -28.77 -2.02 7.24
N ALA C 317 -27.57 -1.45 7.15
CA ALA C 317 -26.95 -1.15 5.87
C ALA C 317 -26.68 -2.41 5.06
N THR C 318 -26.25 -3.47 5.74
CA THR C 318 -25.95 -4.74 5.09
C THR C 318 -27.22 -5.36 4.52
N LEU C 319 -28.28 -5.37 5.34
CA LEU C 319 -29.57 -5.92 4.91
C LEU C 319 -30.16 -5.10 3.76
N LEU C 320 -30.04 -3.79 3.87
CA LEU C 320 -30.59 -2.88 2.86
C LEU C 320 -29.98 -3.12 1.48
N TYR C 321 -28.69 -3.39 1.44
CA TYR C 321 -28.03 -3.64 0.17
C TYR C 321 -28.36 -5.02 -0.38
N GLN C 322 -28.50 -6.00 0.51
CA GLN C 322 -28.83 -7.36 0.09
C GLN C 322 -30.26 -7.43 -0.44
N LYS C 323 -31.12 -6.53 0.06
CA LYS C 323 -32.52 -6.52 -0.33
C LYS C 323 -32.76 -5.82 -1.67
N ARG C 324 -32.08 -4.69 -1.88
CA ARG C 324 -32.39 -3.83 -3.02
C ARG C 324 -31.22 -3.65 -4.00
N HIS C 325 -30.01 -3.92 -3.54
CA HIS C 325 -28.79 -3.75 -4.34
C HIS C 325 -28.69 -2.36 -4.96
N ASP C 326 -28.99 -1.36 -4.14
CA ASP C 326 -28.97 0.04 -4.58
C ASP C 326 -28.02 0.85 -3.70
N LEU C 327 -26.87 1.20 -4.25
CA LEU C 327 -25.83 1.85 -3.47
C LEU C 327 -26.17 3.29 -3.11
N ILE C 328 -26.86 3.98 -4.02
CA ILE C 328 -27.31 5.34 -3.76
C ILE C 328 -28.35 5.34 -2.64
N LEU C 329 -29.23 4.34 -2.67
CA LEU C 329 -30.26 4.18 -1.64
C LEU C 329 -29.64 3.97 -0.26
N VAL C 330 -28.54 3.21 -0.23
CA VAL C 330 -27.81 2.97 1.02
C VAL C 330 -27.25 4.27 1.57
N GLN C 331 -26.58 5.04 0.71
CA GLN C 331 -26.00 6.33 1.10
C GLN C 331 -27.04 7.29 1.67
N GLU C 332 -28.16 7.41 0.97
CA GLU C 332 -29.22 8.35 1.36
C GLU C 332 -29.92 7.92 2.64
N ALA C 333 -30.11 6.62 2.81
CA ALA C 333 -30.80 6.08 3.98
C ALA C 333 -29.94 6.14 5.24
N LEU C 334 -28.64 5.93 5.07
CA LEU C 334 -27.70 5.90 6.19
C LEU C 334 -27.13 7.28 6.48
N GLY C 335 -27.12 8.15 5.48
CA GLY C 335 -26.61 9.49 5.63
C GLY C 335 -25.11 9.59 5.45
N HIS C 336 -24.56 8.69 4.64
CA HIS C 336 -23.12 8.70 4.33
C HIS C 336 -22.77 9.91 3.46
N ALA C 337 -21.72 10.63 3.84
CA ALA C 337 -21.24 11.75 3.04
C ALA C 337 -20.40 11.25 1.87
N SER C 338 -19.76 10.10 2.08
CA SER C 338 -18.90 9.51 1.06
C SER C 338 -19.39 8.11 0.67
N LEU C 339 -19.35 7.81 -0.62
CA LEU C 339 -19.78 6.51 -1.11
C LEU C 339 -18.73 5.44 -0.85
N ASN C 340 -17.53 5.85 -0.46
CA ASN C 340 -16.50 4.90 -0.06
C ASN C 340 -16.92 4.14 1.20
N THR C 341 -17.76 4.78 1.99
CA THR C 341 -18.30 4.16 3.19
C THR C 341 -19.42 3.19 2.85
N SER C 342 -20.27 3.58 1.90
CA SER C 342 -21.41 2.77 1.49
C SER C 342 -20.95 1.49 0.79
N ARG C 343 -19.79 1.57 0.13
CA ARG C 343 -19.26 0.46 -0.65
C ARG C 343 -18.90 -0.75 0.22
N ILE C 344 -18.62 -0.49 1.49
CA ILE C 344 -18.19 -1.54 2.42
C ILE C 344 -19.25 -2.64 2.57
N TYR C 345 -20.51 -2.26 2.41
CA TYR C 345 -21.62 -3.20 2.60
C TYR C 345 -21.94 -4.00 1.34
N THR C 346 -21.05 -3.93 0.35
CA THR C 346 -21.16 -4.74 -0.86
C THR C 346 -20.24 -5.95 -0.78
N HIS C 347 -19.43 -5.99 0.27
CA HIS C 347 -18.46 -7.06 0.47
C HIS C 347 -19.12 -8.41 0.71
N PHE C 348 -18.37 -9.48 0.46
CA PHE C 348 -18.82 -10.85 0.65
C PHE C 348 -20.12 -11.14 -0.11
N ARG C 352 -15.63 -20.64 2.21
CA ARG C 352 -15.35 -22.05 2.13
C ARG C 352 -14.74 -22.57 3.43
N LEU C 353 -15.13 -21.95 4.55
CA LEU C 353 -14.58 -22.32 5.85
C LEU C 353 -15.19 -23.61 6.37
N GLU C 354 -16.37 -23.98 5.85
CA GLU C 354 -17.00 -25.24 6.21
C GLU C 354 -16.24 -26.42 5.63
N GLU C 355 -15.56 -26.18 4.51
CA GLU C 355 -14.80 -27.22 3.83
C GLU C 355 -13.58 -27.66 4.65
N ALA C 356 -13.13 -26.79 5.54
CA ALA C 356 -11.98 -27.09 6.38
C ALA C 356 -12.40 -27.62 7.75
N ALA C 357 -13.64 -27.35 8.13
CA ALA C 357 -14.14 -27.74 9.43
C ALA C 357 -14.69 -29.16 9.44
N SER C 358 -14.94 -29.70 8.25
CA SER C 358 -15.55 -31.03 8.11
C SER C 358 -14.51 -32.13 7.96
N ILE C 359 -13.25 -31.81 8.23
CA ILE C 359 -12.17 -32.78 8.08
C ILE C 359 -12.11 -33.76 9.24
N TRP C 360 -12.86 -33.47 10.30
CA TRP C 360 -12.86 -34.32 11.49
C TRP C 360 -13.98 -35.36 11.43
N GLU C 361 -14.68 -35.40 10.31
CA GLU C 361 -15.83 -36.28 10.15
C GLU C 361 -15.66 -37.23 8.96
N MET D 2 40.49 -4.04 -4.05
CA MET D 2 41.19 -2.86 -3.55
C MET D 2 40.27 -1.64 -3.54
N LYS D 3 40.37 -0.85 -2.46
CA LYS D 3 39.63 0.40 -2.36
C LYS D 3 40.45 1.55 -2.92
N HIS D 4 39.77 2.58 -3.41
CA HIS D 4 40.43 3.75 -3.97
C HIS D 4 39.91 5.01 -3.30
N PRO D 5 40.70 6.10 -3.34
CA PRO D 5 40.18 7.38 -2.87
C PRO D 5 38.98 7.84 -3.71
N LEU D 6 38.09 8.63 -3.14
CA LEU D 6 36.91 9.10 -3.85
C LEU D 6 37.28 9.92 -5.08
N GLU D 7 38.16 10.89 -4.87
CA GLU D 7 38.55 11.81 -5.93
C GLU D 7 40.05 11.75 -6.19
N GLU D 8 40.44 11.10 -7.29
CA GLU D 8 41.85 10.96 -7.64
C GLU D 8 42.26 11.88 -8.78
N LEU D 9 41.27 12.41 -9.50
CA LEU D 9 41.54 13.26 -10.64
C LEU D 9 41.06 14.70 -10.39
N LYS D 10 41.49 15.62 -11.25
CA LYS D 10 41.06 17.00 -11.15
C LYS D 10 39.71 17.20 -11.82
N ASP D 11 39.39 16.32 -12.77
CA ASP D 11 38.12 16.38 -13.47
C ASP D 11 37.10 15.44 -12.82
N PRO D 12 36.06 16.01 -12.21
CA PRO D 12 35.02 15.23 -11.54
C PRO D 12 34.26 14.33 -12.52
N THR D 13 34.06 14.81 -13.74
CA THR D 13 33.39 14.03 -14.77
C THR D 13 34.20 12.78 -15.12
N GLU D 14 35.52 12.94 -15.19
CA GLU D 14 36.41 11.82 -15.47
C GLU D 14 36.46 10.87 -14.27
N ASN D 15 36.35 11.43 -13.07
CA ASN D 15 36.36 10.64 -11.85
C ASN D 15 35.09 9.79 -11.73
N LEU D 16 33.98 10.33 -12.22
CA LEU D 16 32.72 9.60 -12.25
C LEU D 16 32.82 8.39 -13.16
N LEU D 17 33.44 8.59 -14.32
CA LEU D 17 33.67 7.50 -15.27
C LEU D 17 34.51 6.40 -14.65
N LEU D 18 35.44 6.79 -13.78
CA LEU D 18 36.34 5.85 -13.13
C LEU D 18 35.57 4.90 -12.23
N TRP D 19 34.63 5.44 -11.46
CA TRP D 19 33.83 4.63 -10.54
C TRP D 19 32.79 3.79 -11.26
N ILE D 20 32.23 4.32 -12.34
CA ILE D 20 31.24 3.59 -13.13
C ILE D 20 31.87 2.36 -13.75
N GLY D 21 33.07 2.52 -14.29
CA GLY D 21 33.79 1.41 -14.89
C GLY D 21 34.11 0.32 -13.88
N ARG D 22 34.49 0.72 -12.68
CA ARG D 22 34.77 -0.23 -11.60
C ARG D 22 33.52 -0.99 -11.19
N PHE D 23 32.41 -0.27 -11.10
CA PHE D 23 31.13 -0.87 -10.71
C PHE D 23 30.63 -1.87 -11.75
N LEU D 24 30.70 -1.49 -13.02
CA LEU D 24 30.22 -2.35 -14.10
C LEU D 24 31.06 -3.60 -14.24
N ARG D 25 32.35 -3.51 -13.92
CA ARG D 25 33.22 -4.68 -13.96
C ARG D 25 32.87 -5.64 -12.83
N TYR D 26 32.53 -5.07 -11.67
CA TYR D 26 32.12 -5.86 -10.52
C TYR D 26 30.83 -6.62 -10.80
N LYS D 27 29.89 -5.95 -11.47
CA LYS D 27 28.62 -6.58 -11.82
C LYS D 27 28.82 -7.72 -12.81
N CYS D 28 29.78 -7.57 -13.71
CA CYS D 28 30.08 -8.60 -14.69
C CYS D 28 30.57 -9.89 -14.03
N THR D 29 31.24 -9.75 -12.89
CA THR D 29 31.78 -10.90 -12.18
C THR D 29 30.81 -11.44 -11.13
N SER D 30 29.88 -10.60 -10.69
CA SER D 30 28.93 -10.99 -9.65
C SER D 30 27.60 -11.48 -10.22
N LEU D 31 27.16 -10.89 -11.32
CA LEU D 31 25.93 -11.33 -11.96
C LEU D 31 26.14 -12.67 -12.66
N SER D 32 25.04 -13.32 -13.01
CA SER D 32 25.09 -14.67 -13.58
C SER D 32 25.83 -14.73 -14.92
N ASN D 33 26.75 -15.68 -15.03
CA ASN D 33 27.47 -15.94 -16.27
C ASN D 33 27.05 -17.28 -16.86
N SER D 34 25.88 -17.77 -16.44
CA SER D 34 25.41 -19.09 -16.83
C SER D 34 25.07 -19.19 -18.32
N GLN D 35 24.60 -18.08 -18.89
CA GLN D 35 24.17 -18.09 -20.28
C GLN D 35 25.27 -17.65 -21.23
N VAL D 36 26.52 -17.64 -20.73
CA VAL D 36 27.66 -17.23 -21.54
C VAL D 36 28.19 -18.39 -22.37
N LYS D 37 28.28 -18.17 -23.68
CA LYS D 37 28.79 -19.19 -24.60
C LYS D 37 30.28 -19.01 -24.85
N ASP D 38 30.69 -17.78 -25.16
CA ASP D 38 32.09 -17.47 -25.42
C ASP D 38 32.75 -16.88 -24.18
N GLN D 39 33.45 -17.72 -23.43
CA GLN D 39 34.09 -17.29 -22.18
C GLN D 39 35.28 -16.37 -22.44
N ASN D 40 35.93 -16.55 -23.59
CA ASN D 40 37.10 -15.73 -23.93
C ASN D 40 36.71 -14.27 -24.16
N LYS D 41 35.52 -14.05 -24.72
CA LYS D 41 35.03 -12.70 -24.97
C LYS D 41 34.81 -11.94 -23.67
N VAL D 42 34.30 -12.65 -22.66
CA VAL D 42 34.05 -12.05 -21.35
C VAL D 42 35.37 -11.69 -20.67
N PHE D 43 36.36 -12.57 -20.80
CA PHE D 43 37.68 -12.31 -20.27
C PHE D 43 38.29 -11.06 -20.88
N GLU D 44 38.08 -10.87 -22.18
CA GLU D 44 38.55 -9.68 -22.87
C GLU D 44 37.85 -8.42 -22.34
N CYS D 45 36.57 -8.56 -22.03
CA CYS D 45 35.80 -7.46 -21.47
C CYS D 45 36.32 -7.07 -20.09
N LEU D 46 36.62 -8.07 -19.28
CA LEU D 46 37.15 -7.83 -17.94
C LEU D 46 38.52 -7.16 -18.01
N ASN D 47 39.30 -7.51 -19.02
CA ASN D 47 40.61 -6.92 -19.22
C ASN D 47 40.53 -5.44 -19.57
N GLU D 48 39.56 -5.06 -20.40
CA GLU D 48 39.37 -3.68 -20.79
C GLU D 48 38.87 -2.84 -19.61
N LEU D 49 38.04 -3.45 -18.78
CA LEU D 49 37.44 -2.74 -17.65
C LEU D 49 38.41 -2.56 -16.49
N ASN D 50 39.58 -3.17 -16.58
CA ASN D 50 40.60 -3.02 -15.55
C ASN D 50 41.36 -1.71 -15.67
N GLN D 51 41.15 -1.02 -16.78
CA GLN D 51 41.76 0.29 -17.00
C GLN D 51 40.69 1.36 -17.17
N ALA D 52 41.10 2.63 -17.13
CA ALA D 52 40.18 3.73 -17.30
C ALA D 52 39.65 3.79 -18.73
N CYS D 53 38.33 3.84 -18.87
CA CYS D 53 37.72 3.88 -20.19
C CYS D 53 36.86 5.13 -20.38
N SER D 54 36.69 5.54 -21.63
CA SER D 54 35.80 6.64 -21.94
C SER D 54 34.37 6.12 -21.96
N SER D 55 33.40 7.03 -22.09
CA SER D 55 32.00 6.66 -22.12
C SER D 55 31.70 5.77 -23.33
N SER D 56 32.31 6.10 -24.46
CA SER D 56 32.14 5.33 -25.69
C SER D 56 32.72 3.94 -25.55
N GLN D 57 33.83 3.83 -24.84
CA GLN D 57 34.49 2.54 -24.63
C GLN D 57 33.70 1.66 -23.66
N LEU D 58 33.14 2.27 -22.61
CA LEU D 58 32.32 1.54 -21.65
C LEU D 58 31.06 0.98 -22.31
N GLU D 59 30.51 1.75 -23.24
CA GLU D 59 29.31 1.34 -23.96
C GLU D 59 29.58 0.12 -24.83
N LYS D 60 30.70 0.14 -25.54
CA LYS D 60 31.06 -0.94 -26.45
C LYS D 60 31.38 -2.23 -25.71
N VAL D 61 32.07 -2.11 -24.58
CA VAL D 61 32.47 -3.28 -23.80
C VAL D 61 31.27 -4.02 -23.21
N CYS D 62 30.36 -3.28 -22.59
CA CYS D 62 29.19 -3.88 -21.96
C CYS D 62 28.25 -4.52 -22.99
N LYS D 63 28.18 -3.92 -24.18
CA LYS D 63 27.38 -4.50 -25.26
C LYS D 63 27.97 -5.83 -25.70
N LYS D 64 29.29 -5.88 -25.82
CA LYS D 64 29.99 -7.10 -26.20
C LYS D 64 29.78 -8.20 -25.17
N ALA D 65 29.75 -7.80 -23.90
CA ALA D 65 29.53 -8.75 -22.81
C ALA D 65 28.12 -9.31 -22.84
N ARG D 66 27.15 -8.44 -23.10
CA ARG D 66 25.75 -8.84 -23.18
C ARG D 66 25.51 -9.79 -24.35
N ASN D 67 26.05 -9.44 -25.50
CA ASN D 67 25.89 -10.25 -26.70
C ASN D 67 26.62 -11.59 -26.60
N ALA D 68 27.53 -11.69 -25.64
CA ALA D 68 28.28 -12.91 -25.41
C ALA D 68 27.52 -13.87 -24.51
N GLY D 69 26.56 -13.34 -23.75
CA GLY D 69 25.73 -14.17 -22.88
C GLY D 69 25.51 -13.59 -21.50
N LEU D 70 26.29 -12.58 -21.14
CA LEU D 70 26.14 -11.93 -19.84
C LEU D 70 25.00 -10.93 -19.88
N LEU D 71 23.78 -11.45 -19.80
CA LEU D 71 22.57 -10.66 -20.03
C LEU D 71 22.31 -9.60 -18.95
N GLY D 72 22.69 -9.91 -17.71
CA GLY D 72 22.38 -9.05 -16.59
C GLY D 72 22.95 -7.65 -16.63
N ILE D 73 24.00 -7.46 -17.44
CA ILE D 73 24.71 -6.17 -17.48
C ILE D 73 23.88 -5.07 -18.13
N ASN D 74 22.89 -5.45 -18.94
CA ASN D 74 22.09 -4.47 -19.68
C ASN D 74 21.26 -3.57 -18.78
N THR D 75 20.91 -4.08 -17.60
CA THR D 75 20.07 -3.35 -16.65
C THR D 75 20.82 -2.19 -16.01
N TYR D 76 22.14 -2.31 -15.93
CA TYR D 76 22.96 -1.31 -15.24
C TYR D 76 23.73 -0.40 -16.19
N ALA D 77 24.10 -0.92 -17.35
CA ALA D 77 25.00 -0.22 -18.26
C ALA D 77 24.44 1.11 -18.78
N LEU D 78 23.36 1.02 -19.55
CA LEU D 78 22.78 2.21 -20.19
C LEU D 78 22.34 3.32 -19.23
N PRO D 79 21.62 2.99 -18.14
CA PRO D 79 21.18 4.09 -17.26
C PRO D 79 22.32 4.88 -16.64
N LEU D 80 23.43 4.22 -16.34
CA LEU D 80 24.56 4.90 -15.71
C LEU D 80 25.36 5.73 -16.70
N LEU D 81 25.42 5.28 -17.95
CA LEU D 81 26.07 6.05 -19.01
C LEU D 81 25.25 7.29 -19.33
N LYS D 82 23.94 7.18 -19.17
CA LYS D 82 23.04 8.32 -19.34
C LYS D 82 23.31 9.37 -18.26
N PHE D 83 23.56 8.91 -17.04
CA PHE D 83 23.81 9.81 -15.92
C PHE D 83 25.14 10.54 -16.07
N HIS D 84 26.15 9.84 -16.60
CA HIS D 84 27.43 10.47 -16.87
C HIS D 84 27.27 11.59 -17.89
N GLU D 85 26.52 11.30 -18.94
CA GLU D 85 26.20 12.29 -19.97
C GLU D 85 25.48 13.49 -19.36
N TYR D 86 24.54 13.21 -18.47
CA TYR D 86 23.82 14.26 -17.75
C TYR D 86 24.76 15.10 -16.90
N PHE D 87 25.55 14.43 -16.06
CA PHE D 87 26.42 15.12 -15.11
C PHE D 87 27.47 15.99 -15.78
N SER D 88 27.96 15.54 -16.93
CA SER D 88 29.03 16.27 -17.63
C SER D 88 28.58 17.64 -18.11
N LYS D 89 27.28 17.77 -18.42
CA LYS D 89 26.75 19.04 -18.91
C LYS D 89 25.97 19.79 -17.84
N ALA D 90 25.45 19.06 -16.87
CA ALA D 90 24.62 19.68 -15.83
C ALA D 90 25.45 20.28 -14.70
N ARG D 91 26.64 19.74 -14.46
CA ARG D 91 27.48 20.21 -13.37
C ARG D 91 27.98 21.64 -13.61
N LEU D 92 27.88 22.09 -14.86
CA LEU D 92 28.40 23.40 -15.23
C LEU D 92 27.32 24.48 -15.25
N ILE D 93 26.06 24.09 -15.46
CA ILE D 93 25.01 25.06 -15.68
C ILE D 93 23.76 24.87 -14.82
N THR D 94 23.85 24.03 -13.79
CA THR D 94 22.70 23.84 -12.89
C THR D 94 22.46 25.10 -12.07
N GLU D 95 23.54 25.66 -11.53
CA GLU D 95 23.48 26.89 -10.77
C GLU D 95 24.51 27.88 -11.30
N ARG D 96 24.64 29.03 -10.66
CA ARG D 96 25.65 30.02 -11.06
C ARG D 96 27.05 29.44 -10.89
N LEU D 97 27.30 28.88 -9.71
CA LEU D 97 28.57 28.21 -9.43
C LEU D 97 28.51 26.78 -9.94
N ALA D 98 29.57 26.35 -10.61
CA ALA D 98 29.61 25.00 -11.17
C ALA D 98 29.89 23.96 -10.09
N PHE D 99 29.39 22.75 -10.30
CA PHE D 99 29.67 21.63 -9.41
C PHE D 99 31.01 21.02 -9.78
N ASN D 100 32.04 21.30 -8.99
CA ASN D 100 33.39 20.89 -9.33
C ASN D 100 33.86 19.64 -8.57
N SER D 101 32.94 18.96 -7.90
CA SER D 101 33.29 17.80 -7.10
C SER D 101 32.24 16.70 -7.16
N LEU D 102 32.67 15.45 -6.94
CA LEU D 102 31.76 14.32 -6.88
C LEU D 102 30.84 14.43 -5.66
N LYS D 103 31.32 15.16 -4.64
CA LYS D 103 30.55 15.34 -3.41
C LYS D 103 29.32 16.23 -3.63
N ASN D 104 29.27 16.91 -4.77
CA ASN D 104 28.12 17.74 -5.13
C ASN D 104 26.93 16.89 -5.56
N ILE D 105 27.19 15.63 -5.87
CA ILE D 105 26.13 14.71 -6.25
C ILE D 105 25.31 14.29 -5.03
N ASP D 106 24.02 14.64 -5.03
CA ASP D 106 23.14 14.25 -3.92
C ASP D 106 21.83 13.67 -4.43
N GLU D 107 20.90 13.45 -3.51
CA GLU D 107 19.63 12.80 -3.81
C GLU D 107 18.75 13.68 -4.70
N VAL D 108 18.84 15.00 -4.51
CA VAL D 108 18.06 15.94 -5.30
C VAL D 108 18.48 15.90 -6.77
N MET D 109 19.79 15.85 -7.00
CA MET D 109 20.33 15.79 -8.36
C MET D 109 19.88 14.52 -9.07
N LEU D 110 19.90 13.39 -8.36
CA LEU D 110 19.50 12.11 -8.93
C LEU D 110 18.01 12.12 -9.25
N ALA D 111 17.22 12.77 -8.41
CA ALA D 111 15.78 12.88 -8.62
C ALA D 111 15.48 13.68 -9.88
N GLU D 112 16.25 14.75 -10.09
CA GLU D 112 16.08 15.59 -11.27
C GLU D 112 16.50 14.86 -12.54
N PHE D 113 17.57 14.07 -12.44
CA PHE D 113 18.03 13.26 -13.55
C PHE D 113 16.95 12.26 -13.98
N LEU D 114 16.31 11.64 -12.99
CA LEU D 114 15.25 10.66 -13.25
C LEU D 114 14.06 11.27 -13.94
N SER D 115 13.64 12.45 -13.48
CA SER D 115 12.47 13.12 -14.05
C SER D 115 12.67 13.47 -15.52
N VAL D 116 13.89 13.91 -15.86
CA VAL D 116 14.19 14.31 -17.22
C VAL D 116 14.37 13.11 -18.15
N TYR D 117 15.21 12.16 -17.74
CA TYR D 117 15.60 11.06 -18.62
C TYR D 117 14.62 9.89 -18.66
N THR D 118 13.56 9.96 -17.88
CA THR D 118 12.55 8.90 -17.90
C THR D 118 11.20 9.43 -18.38
N GLY D 119 11.19 10.66 -18.89
CA GLY D 119 9.97 11.26 -19.40
C GLY D 119 9.44 10.52 -20.62
N GLY D 120 8.24 9.98 -20.49
CA GLY D 120 7.61 9.26 -21.59
C GLY D 120 7.86 7.77 -21.55
N LEU D 121 8.66 7.33 -20.60
CA LEU D 121 8.97 5.90 -20.45
C LEU D 121 8.05 5.22 -19.44
N SER D 122 8.09 3.90 -19.42
CA SER D 122 7.21 3.13 -18.55
C SER D 122 7.61 3.24 -17.08
N LEU D 123 6.69 2.85 -16.20
CA LEU D 123 6.96 2.87 -14.76
C LEU D 123 8.03 1.83 -14.40
N ALA D 124 8.02 0.72 -15.13
CA ALA D 124 8.99 -0.35 -14.91
C ALA D 124 10.40 0.11 -15.26
N THR D 125 10.52 0.88 -16.34
CA THR D 125 11.81 1.42 -16.76
C THR D 125 12.35 2.38 -15.73
N LYS D 126 11.47 3.21 -15.17
CA LYS D 126 11.85 4.15 -14.12
C LYS D 126 12.43 3.41 -12.92
N LYS D 127 11.86 2.26 -12.59
CA LYS D 127 12.32 1.47 -11.45
C LYS D 127 13.71 0.89 -11.69
N ASN D 128 13.98 0.47 -12.92
CA ASN D 128 15.29 -0.06 -13.28
C ASN D 128 16.38 1.00 -13.19
N TYR D 129 16.06 2.21 -13.62
CA TYR D 129 16.98 3.33 -13.53
C TYR D 129 17.33 3.62 -12.07
N ARG D 130 16.30 3.62 -11.22
CA ARG D 130 16.46 3.86 -9.79
C ARG D 130 17.36 2.82 -9.15
N ILE D 131 17.08 1.55 -9.43
CA ILE D 131 17.88 0.44 -8.90
C ILE D 131 19.33 0.55 -9.36
N ALA D 132 19.53 0.97 -10.60
CA ALA D 132 20.87 1.13 -11.16
C ALA D 132 21.65 2.23 -10.42
N LEU D 133 20.99 3.36 -10.22
CA LEU D 133 21.60 4.50 -9.51
C LEU D 133 21.93 4.14 -8.06
N LEU D 134 21.01 3.43 -7.41
CA LEU D 134 21.21 3.02 -6.03
C LEU D 134 22.41 2.08 -5.89
N GLY D 135 22.57 1.19 -6.87
CA GLY D 135 23.66 0.23 -6.87
C GLY D 135 25.02 0.89 -7.02
N LEU D 136 25.10 1.91 -7.87
CA LEU D 136 26.36 2.59 -8.15
C LEU D 136 26.91 3.28 -6.90
N PHE D 137 26.07 4.08 -6.26
CA PHE D 137 26.52 4.89 -5.12
C PHE D 137 26.59 4.08 -3.83
N SER D 138 25.90 2.94 -3.79
CA SER D 138 26.07 2.00 -2.69
C SER D 138 27.45 1.36 -2.80
N TYR D 139 27.86 1.12 -4.04
CA TYR D 139 29.16 0.54 -4.34
C TYR D 139 30.28 1.53 -4.00
N ILE D 140 30.08 2.80 -4.34
CA ILE D 140 31.07 3.84 -4.06
C ILE D 140 31.26 4.02 -2.56
N ASP D 141 30.15 3.98 -1.81
CA ASP D 141 30.21 4.12 -0.35
C ASP D 141 31.01 2.99 0.30
N LYS D 142 31.07 1.84 -0.36
CA LYS D 142 31.70 0.66 0.20
C LYS D 142 33.11 0.41 -0.33
N GLN D 143 33.53 1.19 -1.31
CA GLN D 143 34.83 0.97 -1.93
C GLN D 143 35.73 2.20 -1.96
N ASN D 144 35.29 3.29 -1.35
CA ASN D 144 36.13 4.48 -1.29
C ASN D 144 36.70 4.71 0.11
N GLN D 145 37.95 5.16 0.15
CA GLN D 145 38.60 5.50 1.42
C GLN D 145 39.90 6.26 1.18
N ASP D 146 40.28 7.11 2.13
CA ASP D 146 41.52 7.87 2.03
C ASP D 146 42.69 7.11 2.66
N GLU D 147 43.73 7.83 3.04
CA GLU D 147 44.91 7.23 3.63
C GLU D 147 44.64 6.75 5.06
N ASN D 148 43.71 7.42 5.73
CA ASN D 148 43.38 7.09 7.11
C ASN D 148 42.21 6.10 7.22
N GLU D 149 41.96 5.37 6.13
CA GLU D 149 40.89 4.38 6.07
C GLU D 149 39.51 4.95 6.40
N LYS D 150 39.30 6.24 6.06
CA LYS D 150 38.00 6.87 6.28
C LYS D 150 37.33 7.16 4.94
N SER D 151 36.00 7.12 4.94
CA SER D 151 35.24 7.15 3.70
C SER D 151 34.22 8.28 3.64
N TYR D 152 33.87 8.68 2.41
CA TYR D 152 32.75 9.58 2.19
C TYR D 152 31.49 8.77 1.95
N ILE D 153 30.39 9.16 2.58
CA ILE D 153 29.15 8.40 2.49
C ILE D 153 28.05 9.19 1.78
N TYR D 154 27.55 8.64 0.67
CA TYR D 154 26.44 9.25 -0.06
C TYR D 154 25.11 8.97 0.62
N ASN D 155 24.89 7.69 0.94
CA ASN D 155 23.66 7.23 1.56
C ASN D 155 22.42 7.64 0.77
N ILE D 156 22.45 7.39 -0.55
CA ILE D 156 21.31 7.66 -1.40
C ILE D 156 20.24 6.60 -1.18
N THR D 157 19.01 7.05 -0.92
CA THR D 157 17.92 6.13 -0.64
C THR D 157 16.83 6.18 -1.71
N LEU D 158 16.51 7.39 -2.16
CA LEU D 158 15.45 7.61 -3.14
C LEU D 158 14.15 6.95 -2.70
N LYS D 159 13.65 7.36 -1.54
CA LYS D 159 12.46 6.76 -0.93
C LYS D 159 11.25 6.77 -1.85
N ASN D 160 11.20 7.75 -2.75
CA ASN D 160 10.16 7.79 -3.76
C ASN D 160 10.30 6.62 -4.73
N ILE D 161 9.26 5.79 -4.84
CA ILE D 161 9.33 4.59 -5.65
C ILE D 161 8.52 4.72 -6.95
N SER D 162 7.72 5.77 -7.05
CA SER D 162 6.89 5.98 -8.23
C SER D 162 6.92 7.45 -8.67
N LYS D 171 -4.79 -8.75 -11.70
CA LYS D 171 -5.49 -9.24 -12.88
C LYS D 171 -4.74 -10.40 -13.53
N LEU D 172 -5.38 -11.03 -14.51
CA LEU D 172 -4.79 -12.17 -15.20
C LEU D 172 -3.99 -11.72 -16.42
N PRO D 173 -2.74 -12.20 -16.54
CA PRO D 173 -1.84 -11.83 -17.65
C PRO D 173 -2.41 -12.20 -19.02
N THR D 174 -1.87 -11.58 -20.07
CA THR D 174 -2.30 -11.83 -21.44
C THR D 174 -2.13 -13.31 -21.80
N HIS D 175 -3.17 -13.90 -22.38
CA HIS D 175 -3.17 -15.33 -22.68
C HIS D 175 -4.22 -15.70 -23.72
N LEU D 176 -4.18 -16.97 -24.14
CA LEU D 176 -5.18 -17.53 -25.03
C LEU D 176 -5.99 -18.59 -24.28
N ASN D 177 -7.31 -18.56 -24.43
CA ASN D 177 -8.15 -19.58 -23.81
C ASN D 177 -8.07 -20.90 -24.59
N ASN D 178 -8.86 -21.88 -24.16
CA ASN D 178 -8.82 -23.20 -24.78
C ASN D 178 -9.21 -23.17 -26.26
N GLU D 179 -10.21 -22.36 -26.59
CA GLU D 179 -10.68 -22.25 -27.97
C GLU D 179 -9.66 -21.53 -28.86
N GLU D 180 -9.04 -20.49 -28.31
CA GLU D 180 -8.04 -19.72 -29.04
C GLU D 180 -6.75 -20.51 -29.22
N LEU D 181 -6.43 -21.34 -28.22
CA LEU D 181 -5.25 -22.21 -28.29
C LEU D 181 -5.40 -23.24 -29.40
N GLU D 182 -6.63 -23.72 -29.60
CA GLU D 182 -6.91 -24.68 -30.65
C GLU D 182 -6.69 -24.07 -32.04
N LYS D 183 -7.11 -22.82 -32.19
CA LYS D 183 -6.96 -22.11 -33.46
C LYS D 183 -5.49 -21.82 -33.75
N PHE D 184 -4.71 -21.63 -32.70
CA PHE D 184 -3.28 -21.33 -32.85
C PHE D 184 -2.51 -22.56 -33.31
N LEU D 185 -2.84 -23.72 -32.74
CA LEU D 185 -2.19 -24.97 -33.11
C LEU D 185 -2.45 -25.31 -34.57
N GLU D 186 -3.64 -25.01 -35.05
CA GLU D 186 -4.01 -25.23 -36.44
C GLU D 186 -3.18 -24.34 -37.37
N SER D 187 -2.99 -23.10 -36.95
CA SER D 187 -2.30 -22.11 -37.77
C SER D 187 -0.80 -22.42 -37.91
N ILE D 188 -0.27 -23.17 -36.96
CA ILE D 188 1.14 -23.57 -37.00
C ILE D 188 1.41 -24.43 -38.24
N ASP D 189 0.47 -25.32 -38.54
CA ASP D 189 0.61 -26.23 -39.68
C ASP D 189 0.05 -25.62 -40.97
N LYS D 190 -0.86 -24.66 -40.82
CA LYS D 190 -1.55 -24.09 -41.98
C LYS D 190 -0.76 -22.94 -42.62
N ILE D 191 0.07 -22.27 -41.83
CA ILE D 191 0.82 -21.12 -42.32
C ILE D 191 1.95 -21.56 -43.26
N GLU D 192 2.30 -20.69 -44.19
CA GLU D 192 3.33 -21.01 -45.19
C GLU D 192 4.74 -20.86 -44.62
N MET D 193 5.54 -21.91 -44.73
CA MET D 193 6.94 -21.88 -44.30
C MET D 193 7.83 -22.57 -45.33
N SER D 194 9.07 -22.11 -45.45
CA SER D 194 10.02 -22.72 -46.38
C SER D 194 10.44 -24.10 -45.89
N ALA D 195 10.83 -24.96 -46.82
CA ALA D 195 11.17 -26.35 -46.51
C ALA D 195 12.40 -26.45 -45.62
N LYS D 196 13.22 -25.40 -45.62
CA LYS D 196 14.46 -25.40 -44.86
C LYS D 196 14.23 -25.13 -43.37
N VAL D 197 13.12 -24.49 -43.04
CA VAL D 197 12.87 -24.10 -41.65
C VAL D 197 11.53 -24.58 -41.10
N ARG D 198 10.70 -25.17 -41.95
CA ARG D 198 9.34 -25.54 -41.53
C ARG D 198 9.33 -26.62 -40.46
N ALA D 199 10.13 -27.66 -40.66
CA ALA D 199 10.20 -28.78 -39.71
C ALA D 199 10.73 -28.31 -38.35
N ARG D 200 11.80 -27.52 -38.39
CA ARG D 200 12.45 -27.03 -37.18
C ARG D 200 11.55 -26.09 -36.39
N ASN D 201 10.96 -25.12 -37.07
CA ASN D 201 10.16 -24.09 -36.42
C ASN D 201 8.85 -24.63 -35.85
N ARG D 202 8.20 -25.53 -36.58
CA ARG D 202 6.96 -26.12 -36.11
C ARG D 202 7.19 -26.93 -34.83
N LEU D 203 8.25 -27.73 -34.83
CA LEU D 203 8.59 -28.54 -33.67
C LEU D 203 8.94 -27.66 -32.47
N LEU D 204 9.66 -26.58 -32.72
CA LEU D 204 10.09 -25.66 -31.66
C LEU D 204 8.91 -25.00 -30.95
N ILE D 205 7.98 -24.47 -31.75
CA ILE D 205 6.84 -23.74 -31.21
C ILE D 205 5.84 -24.66 -30.51
N LYS D 206 5.61 -25.84 -31.09
CA LYS D 206 4.65 -26.78 -30.51
C LYS D 206 5.07 -27.28 -29.14
N ILE D 207 6.36 -27.53 -28.97
CA ILE D 207 6.88 -27.99 -27.68
C ILE D 207 6.64 -26.93 -26.60
N ILE D 208 6.80 -25.66 -26.98
CA ILE D 208 6.55 -24.55 -26.07
C ILE D 208 5.08 -24.47 -25.67
N VAL D 209 4.19 -24.64 -26.65
CA VAL D 209 2.76 -24.55 -26.40
C VAL D 209 2.28 -25.63 -25.42
N PHE D 210 2.73 -26.86 -25.62
CA PHE D 210 2.25 -27.99 -24.84
C PHE D 210 2.89 -28.11 -23.46
N THR D 211 4.14 -27.64 -23.32
CA THR D 211 4.85 -27.75 -22.06
C THR D 211 4.85 -26.43 -21.27
N GLY D 212 4.85 -25.32 -21.99
CA GLY D 212 4.83 -24.02 -21.35
C GLY D 212 6.20 -23.59 -20.83
N MET D 213 7.25 -24.22 -21.35
CA MET D 213 8.61 -23.86 -20.94
C MET D 213 9.00 -22.51 -21.52
N ARG D 214 9.97 -21.85 -20.88
CA ARG D 214 10.40 -20.52 -21.33
C ARG D 214 11.14 -20.61 -22.67
N SER D 215 11.31 -19.45 -23.30
CA SER D 215 11.96 -19.36 -24.61
C SER D 215 13.36 -19.95 -24.60
N ASN D 216 14.18 -19.51 -23.65
CA ASN D 216 15.57 -19.95 -23.59
C ASN D 216 15.69 -21.43 -23.23
N GLU D 217 14.71 -21.95 -22.51
CA GLU D 217 14.69 -23.36 -22.16
C GLU D 217 14.51 -24.24 -23.40
N ALA D 218 13.65 -23.79 -24.31
CA ALA D 218 13.40 -24.53 -25.54
C ALA D 218 14.56 -24.41 -26.51
N LEU D 219 15.21 -23.24 -26.51
CA LEU D 219 16.31 -22.97 -27.43
C LEU D 219 17.59 -23.70 -27.03
N GLN D 220 17.67 -24.12 -25.77
CA GLN D 220 18.86 -24.78 -25.25
C GLN D 220 18.65 -26.28 -25.05
N LEU D 221 17.55 -26.80 -25.57
CA LEU D 221 17.27 -28.23 -25.45
C LEU D 221 18.30 -29.06 -26.20
N LYS D 222 18.67 -30.19 -25.61
CA LYS D 222 19.63 -31.09 -26.24
C LYS D 222 19.04 -32.49 -26.42
N ILE D 223 19.49 -33.17 -27.46
CA ILE D 223 18.93 -34.46 -27.87
C ILE D 223 19.00 -35.52 -26.77
N LYS D 224 20.09 -35.52 -26.01
CA LYS D 224 20.30 -36.54 -24.98
C LYS D 224 19.34 -36.39 -23.80
N ASP D 225 18.65 -35.26 -23.72
CA ASP D 225 17.73 -34.99 -22.61
C ASP D 225 16.30 -35.42 -22.95
N PHE D 226 16.14 -36.14 -24.06
CA PHE D 226 14.83 -36.65 -24.46
C PHE D 226 14.74 -38.15 -24.22
N THR D 227 13.71 -38.56 -23.47
CA THR D 227 13.45 -39.98 -23.24
C THR D 227 12.00 -40.32 -23.52
N LEU D 228 11.77 -41.43 -24.21
CA LEU D 228 10.42 -41.86 -24.56
C LEU D 228 10.04 -43.16 -23.88
N GLU D 229 8.92 -43.14 -23.14
CA GLU D 229 8.44 -44.32 -22.45
C GLU D 229 6.94 -44.23 -22.19
N ASN D 230 6.24 -45.34 -22.38
CA ASN D 230 4.79 -45.40 -22.19
C ASN D 230 4.04 -44.38 -23.03
N GLY D 231 4.54 -44.13 -24.24
CA GLY D 231 3.91 -43.20 -25.15
C GLY D 231 3.93 -41.76 -24.67
N CYS D 232 4.98 -41.39 -23.93
CA CYS D 232 5.10 -40.04 -23.41
C CYS D 232 6.56 -39.66 -23.21
N TYR D 233 6.91 -38.45 -23.65
CA TYR D 233 8.28 -37.96 -23.53
C TYR D 233 8.55 -37.32 -22.17
N THR D 234 9.76 -37.54 -21.67
CA THR D 234 10.23 -36.85 -20.47
C THR D 234 11.41 -35.95 -20.85
N ILE D 235 11.18 -34.65 -20.85
CA ILE D 235 12.19 -33.69 -21.29
C ILE D 235 12.88 -33.02 -20.11
N LEU D 236 14.20 -33.19 -20.02
CA LEU D 236 14.98 -32.58 -18.95
C LEU D 236 15.52 -31.22 -19.38
N ILE D 237 15.34 -30.22 -18.52
CA ILE D 237 15.79 -28.87 -18.80
C ILE D 237 16.84 -28.42 -17.81
N LYS D 238 18.00 -28.00 -18.32
CA LYS D 238 19.11 -27.57 -17.47
C LYS D 238 18.78 -26.28 -16.73
N GLY D 239 19.07 -26.25 -15.44
CA GLY D 239 18.80 -25.08 -14.61
C GLY D 239 20.05 -24.47 -14.01
N LYS D 240 19.90 -23.87 -12.84
CA LYS D 240 21.01 -23.23 -12.16
C LYS D 240 22.02 -24.25 -11.65
N GLY D 241 23.27 -24.13 -12.10
CA GLY D 241 24.32 -25.04 -11.70
C GLY D 241 24.15 -26.41 -12.31
N ASP D 242 24.07 -27.43 -11.46
CA ASP D 242 23.91 -28.80 -11.90
C ASP D 242 22.48 -29.28 -11.72
N LYS D 243 21.54 -28.34 -11.67
CA LYS D 243 20.14 -28.67 -11.44
C LYS D 243 19.37 -28.85 -12.74
N TYR D 244 18.45 -29.80 -12.73
CA TYR D 244 17.59 -30.07 -13.89
C TYR D 244 16.13 -30.19 -13.46
N ARG D 245 15.23 -29.59 -14.24
CA ARG D 245 13.81 -29.77 -14.01
C ARG D 245 13.20 -30.56 -15.15
N ALA D 246 12.09 -31.24 -14.88
CA ALA D 246 11.50 -32.14 -15.86
C ALA D 246 10.09 -31.73 -16.27
N VAL D 247 9.77 -31.95 -17.53
CA VAL D 247 8.43 -31.75 -18.05
C VAL D 247 8.02 -32.98 -18.86
N MET D 248 6.72 -33.27 -18.90
CA MET D 248 6.23 -34.41 -19.65
C MET D 248 5.33 -33.97 -20.79
N LEU D 249 5.35 -34.74 -21.88
CA LEU D 249 4.59 -34.41 -23.07
C LEU D 249 4.21 -35.68 -23.83
N LYS D 250 2.93 -35.80 -24.17
CA LYS D 250 2.45 -36.96 -24.92
C LYS D 250 3.17 -37.09 -26.26
N ALA D 251 3.53 -38.32 -26.60
CA ALA D 251 4.39 -38.60 -27.74
C ALA D 251 3.80 -38.18 -29.07
N PHE D 252 2.51 -38.47 -29.28
CA PHE D 252 1.87 -38.27 -30.58
C PHE D 252 1.80 -36.80 -31.00
N HIS D 253 2.12 -35.89 -30.09
CA HIS D 253 2.07 -34.46 -30.37
C HIS D 253 3.27 -33.98 -31.20
N ILE D 254 4.42 -34.64 -31.03
CA ILE D 254 5.64 -34.19 -31.70
C ILE D 254 6.47 -35.32 -32.32
N GLU D 255 6.02 -36.56 -32.17
CA GLU D 255 6.80 -37.71 -32.60
C GLU D 255 7.05 -37.70 -34.11
N SER D 256 6.08 -37.19 -34.87
CA SER D 256 6.21 -37.11 -36.32
C SER D 256 7.19 -36.01 -36.71
N LEU D 257 7.06 -34.85 -36.08
CA LEU D 257 7.91 -33.70 -36.37
C LEU D 257 9.36 -33.95 -35.94
N LEU D 258 9.54 -34.54 -34.77
CA LEU D 258 10.87 -34.79 -34.22
C LEU D 258 11.68 -35.71 -35.13
N LYS D 259 11.03 -36.75 -35.64
CA LYS D 259 11.69 -37.68 -36.55
C LYS D 259 12.09 -36.98 -37.84
N GLU D 260 11.20 -36.13 -38.36
CA GLU D 260 11.45 -35.43 -39.61
C GLU D 260 12.55 -34.39 -39.47
N TRP D 261 12.56 -33.69 -38.34
CA TRP D 261 13.54 -32.63 -38.12
C TRP D 261 14.95 -33.18 -37.91
N LEU D 262 15.06 -34.26 -37.15
CA LEU D 262 16.36 -34.88 -36.88
C LEU D 262 17.02 -35.38 -38.16
N ILE D 263 16.21 -35.73 -39.14
CA ILE D 263 16.73 -36.15 -40.45
C ILE D 263 17.33 -34.96 -41.18
N GLU D 264 16.58 -33.86 -41.24
CA GLU D 264 17.03 -32.66 -41.94
C GLU D 264 18.13 -31.94 -41.16
N ARG D 265 18.24 -32.25 -39.87
CA ARG D 265 19.24 -31.63 -39.01
C ARG D 265 20.65 -32.08 -39.39
N GLU D 266 20.74 -33.24 -40.02
CA GLU D 266 22.03 -33.80 -40.42
C GLU D 266 22.74 -32.94 -41.46
N LEU D 267 21.98 -32.13 -42.18
CA LEU D 267 22.55 -31.26 -43.21
C LEU D 267 23.11 -29.97 -42.61
N TYR D 268 22.71 -29.67 -41.37
CA TYR D 268 23.22 -28.50 -40.67
C TYR D 268 24.60 -28.79 -40.07
N PRO D 269 25.50 -27.80 -40.12
CA PRO D 269 26.84 -27.94 -39.54
C PRO D 269 26.88 -27.65 -38.04
N VAL D 270 26.02 -28.31 -37.27
CA VAL D 270 25.99 -28.14 -35.83
C VAL D 270 27.04 -29.03 -35.17
N LYS D 271 27.85 -28.45 -34.30
CA LYS D 271 29.01 -29.14 -33.75
C LYS D 271 28.70 -30.02 -32.53
N ASN D 272 27.55 -29.80 -31.90
CA ASN D 272 27.19 -30.58 -30.72
C ASN D 272 25.83 -31.26 -30.83
N ASP D 273 25.25 -31.61 -29.68
CA ASP D 273 23.98 -32.32 -29.64
C ASP D 273 22.81 -31.36 -29.38
N LEU D 274 23.02 -30.10 -29.70
CA LEU D 274 21.96 -29.09 -29.59
C LEU D 274 20.84 -29.41 -30.57
N LEU D 275 19.61 -29.45 -30.09
CA LEU D 275 18.48 -29.86 -30.90
C LEU D 275 18.15 -28.83 -31.99
N PHE D 276 17.88 -27.60 -31.57
CA PHE D 276 17.57 -26.53 -32.51
C PHE D 276 18.80 -25.68 -32.79
N CYS D 277 19.02 -25.36 -34.06
CA CYS D 277 20.18 -24.57 -34.45
C CYS D 277 19.90 -23.73 -35.70
N ASN D 278 20.69 -22.66 -35.87
CA ASN D 278 20.60 -21.83 -37.06
C ASN D 278 21.34 -22.47 -38.22
N GLN D 279 21.50 -21.73 -39.32
CA GLN D 279 22.17 -22.25 -40.50
C GLN D 279 23.66 -22.40 -40.27
N LYS D 280 24.18 -21.67 -39.29
CA LYS D 280 25.61 -21.71 -38.97
C LYS D 280 25.93 -22.82 -37.96
N GLY D 281 24.90 -23.38 -37.33
CA GLY D 281 25.07 -24.49 -36.43
C GLY D 281 24.89 -24.14 -34.96
N SER D 282 24.99 -22.85 -34.66
CA SER D 282 24.85 -22.36 -33.29
C SER D 282 23.37 -22.20 -32.90
N ALA D 283 23.12 -21.82 -31.66
CA ALA D 283 21.76 -21.74 -31.13
C ALA D 283 20.93 -20.60 -31.74
N LEU D 284 19.63 -20.83 -31.86
CA LEU D 284 18.69 -19.79 -32.29
C LEU D 284 18.46 -18.78 -31.17
N THR D 285 18.13 -17.56 -31.52
CA THR D 285 17.87 -16.52 -30.54
C THR D 285 16.38 -16.35 -30.27
N GLN D 286 16.07 -15.69 -29.17
CA GLN D 286 14.68 -15.37 -28.81
C GLN D 286 14.05 -14.48 -29.87
N ALA D 287 14.86 -13.62 -30.48
CA ALA D 287 14.39 -12.67 -31.47
C ALA D 287 13.74 -13.36 -32.66
N TYR D 288 14.37 -14.44 -33.13
CA TYR D 288 13.83 -15.20 -34.25
C TYR D 288 12.59 -15.99 -33.83
N LEU D 289 12.63 -16.56 -32.63
CA LEU D 289 11.50 -17.32 -32.09
C LEU D 289 10.26 -16.46 -31.96
N TYR D 290 10.43 -15.25 -31.42
CA TYR D 290 9.32 -14.32 -31.26
C TYR D 290 8.67 -13.98 -32.60
N LYS D 291 9.51 -13.64 -33.58
CA LYS D 291 9.04 -13.24 -34.90
C LYS D 291 8.19 -14.33 -35.55
N GLN D 292 8.60 -15.57 -35.37
CA GLN D 292 7.87 -16.71 -35.94
C GLN D 292 6.56 -16.94 -35.20
N VAL D 293 6.55 -16.68 -33.90
CA VAL D 293 5.35 -16.84 -33.09
C VAL D 293 4.32 -15.77 -33.41
N GLU D 294 4.77 -14.50 -33.41
CA GLU D 294 3.90 -13.38 -33.71
C GLU D 294 3.27 -13.51 -35.10
N ARG D 295 4.05 -14.06 -36.04
CA ARG D 295 3.61 -14.25 -37.41
C ARG D 295 2.42 -15.22 -37.49
N ILE D 296 2.46 -16.27 -36.67
CA ILE D 296 1.40 -17.26 -36.64
C ILE D 296 0.17 -16.69 -35.93
N ILE D 297 0.41 -15.89 -34.89
CA ILE D 297 -0.66 -15.25 -34.13
C ILE D 297 -1.47 -14.29 -35.00
N ASN D 298 -0.76 -13.48 -35.79
CA ASN D 298 -1.43 -12.56 -36.71
C ASN D 298 -2.24 -13.30 -37.77
N PHE D 299 -1.69 -14.42 -38.24
CA PHE D 299 -2.35 -15.25 -39.24
C PHE D 299 -3.63 -15.86 -38.69
N ALA D 300 -3.67 -16.08 -37.39
CA ALA D 300 -4.84 -16.66 -36.73
C ALA D 300 -5.79 -15.57 -36.26
N GLY D 301 -5.38 -14.32 -36.37
CA GLY D 301 -6.19 -13.21 -35.94
C GLY D 301 -6.33 -13.14 -34.42
N LEU D 302 -5.27 -13.52 -33.72
CA LEU D 302 -5.27 -13.53 -32.27
C LEU D 302 -4.36 -12.47 -31.69
N ARG D 303 -4.01 -11.49 -32.51
CA ARG D 303 -3.10 -10.41 -32.11
C ARG D 303 -3.62 -9.63 -30.91
N ARG D 304 -2.76 -9.41 -29.92
CA ARG D 304 -3.15 -8.72 -28.70
C ARG D 304 -1.97 -8.03 -28.02
N GLU D 305 -2.09 -7.81 -26.71
CA GLU D 305 -1.11 -7.03 -25.95
C GLU D 305 0.28 -7.66 -26.00
N LYS D 306 0.34 -8.98 -25.90
CA LYS D 306 1.61 -9.70 -26.00
C LYS D 306 1.47 -10.81 -27.03
N ASN D 307 2.45 -10.92 -27.92
CA ASN D 307 2.38 -11.89 -29.00
C ASN D 307 3.63 -12.77 -29.09
N GLY D 308 4.21 -13.09 -27.95
CA GLY D 308 5.41 -13.90 -27.92
C GLY D 308 5.21 -15.27 -27.30
N ALA D 309 6.31 -15.99 -27.12
CA ALA D 309 6.27 -17.34 -26.56
C ALA D 309 5.90 -17.32 -25.08
N HIS D 310 6.24 -16.23 -24.40
CA HIS D 310 5.95 -16.12 -22.97
C HIS D 310 4.44 -15.99 -22.74
N MET D 311 3.75 -15.40 -23.71
CA MET D 311 2.30 -15.31 -23.66
C MET D 311 1.69 -16.70 -23.77
N LEU D 312 2.33 -17.56 -24.54
CA LEU D 312 1.91 -18.95 -24.66
C LEU D 312 2.17 -19.69 -23.35
N ARG D 313 3.19 -19.25 -22.63
CA ARG D 313 3.53 -19.83 -21.34
C ARG D 313 2.45 -19.50 -20.31
N HIS D 314 1.94 -18.27 -20.35
CA HIS D 314 0.83 -17.85 -19.51
C HIS D 314 -0.42 -18.65 -19.85
N SER D 315 -0.61 -18.91 -21.14
CA SER D 315 -1.78 -19.63 -21.60
C SER D 315 -1.79 -21.07 -21.10
N PHE D 316 -0.61 -21.67 -21.01
CA PHE D 316 -0.47 -23.04 -20.50
C PHE D 316 -0.75 -23.09 -19.01
N ALA D 317 -0.20 -22.14 -18.27
CA ALA D 317 -0.36 -22.08 -16.82
C ALA D 317 -1.83 -21.86 -16.44
N THR D 318 -2.49 -21.00 -17.19
CA THR D 318 -3.92 -20.72 -16.97
C THR D 318 -4.75 -21.97 -17.22
N LEU D 319 -4.58 -22.56 -18.39
CA LEU D 319 -5.33 -23.76 -18.78
C LEU D 319 -5.10 -24.92 -17.82
N LEU D 320 -3.86 -25.04 -17.33
CA LEU D 320 -3.52 -26.10 -16.40
C LEU D 320 -4.29 -25.97 -15.09
N TYR D 321 -4.46 -24.73 -14.63
CA TYR D 321 -5.17 -24.47 -13.39
C TYR D 321 -6.69 -24.61 -13.56
N GLN D 322 -7.16 -24.40 -14.79
CA GLN D 322 -8.60 -24.52 -15.06
C GLN D 322 -9.02 -25.98 -15.17
N LYS D 323 -8.07 -26.85 -15.49
CA LYS D 323 -8.37 -28.25 -15.73
C LYS D 323 -8.16 -29.13 -14.50
N ARG D 324 -7.21 -28.73 -13.65
CA ARG D 324 -6.86 -29.55 -12.48
C ARG D 324 -7.09 -28.83 -11.16
N HIS D 325 -7.03 -27.50 -11.19
CA HIS D 325 -7.17 -26.67 -9.99
C HIS D 325 -6.19 -27.09 -8.90
N ASP D 326 -4.97 -27.41 -9.31
CA ASP D 326 -3.92 -27.81 -8.38
C ASP D 326 -2.76 -26.82 -8.44
N LEU D 327 -2.63 -26.01 -7.41
CA LEU D 327 -1.62 -24.95 -7.38
C LEU D 327 -0.20 -25.52 -7.33
N ILE D 328 -0.03 -26.62 -6.60
CA ILE D 328 1.26 -27.30 -6.52
C ILE D 328 1.66 -27.85 -7.90
N LEU D 329 0.68 -28.39 -8.62
CA LEU D 329 0.91 -28.92 -9.95
C LEU D 329 1.37 -27.83 -10.92
N VAL D 330 0.80 -26.64 -10.76
CA VAL D 330 1.18 -25.49 -11.59
C VAL D 330 2.63 -25.12 -11.33
N GLN D 331 3.02 -25.10 -10.06
CA GLN D 331 4.39 -24.76 -9.68
C GLN D 331 5.40 -25.74 -10.26
N GLU D 332 5.11 -27.03 -10.14
CA GLU D 332 6.02 -28.08 -10.58
C GLU D 332 6.11 -28.14 -12.11
N ALA D 333 5.00 -27.88 -12.79
CA ALA D 333 4.96 -27.94 -14.24
C ALA D 333 5.64 -26.73 -14.88
N LEU D 334 5.48 -25.56 -14.26
CA LEU D 334 6.04 -24.33 -14.79
C LEU D 334 7.47 -24.11 -14.31
N GLY D 335 7.81 -24.70 -13.16
CA GLY D 335 9.14 -24.56 -12.61
C GLY D 335 9.31 -23.31 -11.78
N HIS D 336 8.19 -22.82 -11.22
CA HIS D 336 8.21 -21.65 -10.35
C HIS D 336 8.93 -21.96 -9.04
N ALA D 337 9.79 -21.05 -8.59
CA ALA D 337 10.46 -21.21 -7.32
C ALA D 337 9.56 -20.72 -6.18
N SER D 338 8.68 -19.77 -6.51
CA SER D 338 7.75 -19.22 -5.52
C SER D 338 6.31 -19.47 -5.93
N LEU D 339 5.48 -19.78 -4.94
CA LEU D 339 4.06 -20.03 -5.18
C LEU D 339 3.29 -18.72 -5.33
N ASN D 340 3.95 -17.61 -5.01
CA ASN D 340 3.36 -16.30 -5.22
C ASN D 340 3.22 -16.00 -6.70
N THR D 341 4.05 -16.67 -7.50
CA THR D 341 3.98 -16.56 -8.95
C THR D 341 2.84 -17.41 -9.50
N SER D 342 2.70 -18.63 -8.96
CA SER D 342 1.66 -19.56 -9.38
C SER D 342 0.27 -19.04 -9.02
N ARG D 343 0.20 -18.27 -7.94
CA ARG D 343 -1.07 -17.74 -7.44
C ARG D 343 -1.72 -16.78 -8.43
N ILE D 344 -0.91 -16.16 -9.28
CA ILE D 344 -1.39 -15.20 -10.26
C ILE D 344 -2.42 -15.82 -11.21
N TYR D 345 -2.22 -17.09 -11.53
CA TYR D 345 -3.10 -17.78 -12.48
C TYR D 345 -4.37 -18.32 -11.84
N THR D 346 -4.74 -17.75 -10.69
CA THR D 346 -5.96 -18.15 -9.99
C THR D 346 -6.98 -17.02 -10.03
N HIS D 347 -6.61 -15.91 -10.65
CA HIS D 347 -7.50 -14.75 -10.75
C HIS D 347 -8.66 -15.01 -11.69
N ARG D 352 -18.41 -7.15 -15.55
CA ARG D 352 -19.79 -7.09 -16.03
C ARG D 352 -19.92 -6.04 -17.14
N LEU D 353 -18.84 -5.84 -17.88
CA LEU D 353 -18.78 -4.82 -18.91
C LEU D 353 -19.74 -5.08 -20.06
N GLU D 354 -20.17 -6.34 -20.21
CA GLU D 354 -21.11 -6.71 -21.25
C GLU D 354 -22.47 -6.03 -21.03
N GLU D 355 -22.80 -5.79 -19.77
CA GLU D 355 -24.06 -5.13 -19.42
C GLU D 355 -24.06 -3.67 -19.84
N ALA D 356 -22.88 -3.05 -19.82
CA ALA D 356 -22.74 -1.65 -20.18
C ALA D 356 -22.74 -1.44 -21.69
N ALA D 357 -22.33 -2.47 -22.42
CA ALA D 357 -22.21 -2.38 -23.86
C ALA D 357 -23.56 -2.58 -24.56
N SER D 358 -24.54 -3.12 -23.83
CA SER D 358 -25.82 -3.48 -24.42
C SER D 358 -26.88 -2.40 -24.28
N ILE D 359 -26.53 -1.29 -23.63
CA ILE D 359 -27.48 -0.22 -23.35
C ILE D 359 -27.98 0.47 -24.62
N TRP D 360 -27.22 0.36 -25.70
CA TRP D 360 -27.58 1.01 -26.95
C TRP D 360 -28.65 0.24 -27.71
N GLU D 361 -28.95 -0.97 -27.25
CA GLU D 361 -29.96 -1.80 -27.88
C GLU D 361 -31.25 -1.78 -27.07
N GLU D 362 -32.37 -2.06 -27.73
CA GLU D 362 -33.68 -2.09 -27.07
C GLU D 362 -34.00 -3.50 -26.58
C1 GOL I . 19.51 35.64 -21.20
O1 GOL I . 20.54 35.80 -22.16
C2 GOL I . 18.28 35.03 -21.86
O2 GOL I . 18.61 34.60 -23.16
C3 GOL I . 17.16 36.05 -21.90
O3 GOL I . 17.59 37.20 -22.59
C1 GOL J . -9.31 -7.59 -34.97
O1 GOL J . -9.40 -7.38 -33.58
C2 GOL J . -10.17 -6.56 -35.70
O2 GOL J . -11.39 -7.16 -36.08
C3 GOL J . -9.43 -6.07 -36.95
O3 GOL J . -8.20 -5.50 -36.56
C1 EDO K . 2.52 48.60 -4.62
O1 EDO K . 3.81 48.53 -5.22
C2 EDO K . 1.59 47.59 -5.30
O2 EDO K . 0.27 47.74 -4.80
CL CL L . -26.01 0.51 -7.35
C1 GOL M . 26.42 1.48 4.86
O1 GOL M . 26.83 2.62 5.59
C2 GOL M . 27.64 0.83 4.20
O2 GOL M . 27.71 1.22 2.86
C3 GOL M . 27.50 -0.69 4.29
O3 GOL M . 27.41 -1.09 5.64
C1 GOL N . 6.30 2.03 19.50
O1 GOL N . 5.81 2.94 18.54
C2 GOL N . 7.15 0.97 18.81
O2 GOL N . 8.29 0.70 19.61
C3 GOL N . 6.33 -0.30 18.63
O3 GOL N . 7.09 -1.26 17.93
C1 GOL O . -10.42 -19.51 42.46
O1 GOL O . -10.87 -18.35 41.80
C2 GOL O . -11.11 -20.73 41.87
O2 GOL O . -11.77 -20.37 40.68
C3 GOL O . -12.13 -21.28 42.87
O3 GOL O . -12.72 -22.45 42.34
C1 EDO P . 3.64 4.94 32.35
O1 EDO P . 3.70 4.49 31.00
C2 EDO P . 4.94 4.57 33.06
O2 EDO P . 6.04 5.23 32.44
C1 PEG Q . 22.77 5.37 23.12
O1 PEG Q . 21.83 6.27 22.55
C2 PEG Q . 23.30 5.94 24.45
O2 PEG Q . 24.52 5.27 24.82
C3 PEG Q . 25.50 6.13 25.39
C4 PEG Q . 26.52 6.53 24.35
O4 PEG Q . 25.95 7.44 23.44
C1 EDO R . -3.42 27.82 12.03
O1 EDO R . -2.68 27.38 10.89
C2 EDO R . -2.46 28.04 13.19
O2 EDO R . -1.77 26.82 13.49
C1 EDO S . -5.83 8.51 23.89
O1 EDO S . -6.49 7.28 23.54
C2 EDO S . -6.40 9.64 23.04
O2 EDO S . -6.17 9.37 21.65
C1 EDO T . 24.75 6.56 -23.55
O1 EDO T . 25.87 7.44 -23.52
C2 EDO T . 23.84 6.93 -24.72
O2 EDO T . 23.39 8.28 -24.55
#